data_6ZZF
#
_entry.id   6ZZF
#
_cell.length_a   1.000
_cell.length_b   1.000
_cell.length_c   1.000
_cell.angle_alpha   90.00
_cell.angle_beta   90.00
_cell.angle_gamma   90.00
#
_symmetry.space_group_name_H-M   'P 1'
#
_entity_poly.entity_id   1
_entity_poly.type   'polypeptide(L)'
_entity_poly.pdbx_seq_one_letter_code
;MLKCYTCKEPMTSASCRTITRCKPEDTACMTTLVTVEAEYPFNQSPVVTRSCSSSCVATDPDSIGAAHLIFCCFRDLCNS
EL
;
_entity_poly.pdbx_strand_id   A
#
# COMPACT_ATOMS: atom_id res chain seq x y z
N MET A 1 16.94 -6.20 -5.98
CA MET A 1 15.74 -6.83 -5.45
C MET A 1 14.52 -5.96 -5.69
N LEU A 2 13.34 -6.48 -5.37
CA LEU A 2 12.09 -5.74 -5.55
C LEU A 2 11.99 -4.60 -4.56
N LYS A 3 11.81 -3.38 -5.07
CA LYS A 3 11.70 -2.20 -4.23
C LYS A 3 10.32 -1.56 -4.38
N CYS A 4 9.63 -1.38 -3.26
CA CYS A 4 8.30 -0.77 -3.26
C CYS A 4 8.23 0.38 -2.27
N TYR A 5 7.38 1.36 -2.57
CA TYR A 5 7.21 2.52 -1.71
C TYR A 5 6.40 2.16 -0.46
N THR A 6 7.04 1.45 0.47
CA THR A 6 6.39 1.05 1.70
C THR A 6 6.93 1.83 2.90
N CYS A 7 6.02 2.40 3.68
CA CYS A 7 6.41 3.17 4.85
C CYS A 7 6.68 2.26 6.05
N LYS A 8 6.89 2.86 7.21
CA LYS A 8 7.15 2.10 8.43
C LYS A 8 5.92 1.30 8.85
N GLU A 9 4.95 2.00 9.44
CA GLU A 9 3.72 1.36 9.88
C GLU A 9 2.51 2.24 9.59
N PRO A 10 1.31 1.62 9.57
CA PRO A 10 0.06 2.32 9.31
C PRO A 10 -0.33 3.26 10.45
N MET A 11 0.20 4.47 10.42
CA MET A 11 -0.09 5.46 11.45
C MET A 11 -0.31 6.84 10.84
N THR A 12 0.63 7.26 9.99
CA THR A 12 0.53 8.55 9.33
C THR A 12 -0.53 8.55 8.24
N SER A 13 -1.44 9.51 8.32
CA SER A 13 -2.52 9.61 7.34
C SER A 13 -1.97 9.57 5.92
N ALA A 14 -0.80 10.18 5.73
CA ALA A 14 -0.16 10.21 4.42
C ALA A 14 1.35 10.15 4.54
N SER A 15 2.05 10.52 3.48
CA SER A 15 3.51 10.50 3.47
C SER A 15 4.03 9.07 3.58
N CYS A 16 3.28 8.13 3.02
CA CYS A 16 3.67 6.72 3.05
C CYS A 16 4.36 6.32 1.76
N ARG A 17 5.47 6.99 1.45
CA ARG A 17 6.23 6.70 0.24
C ARG A 17 7.72 6.58 0.55
N THR A 18 8.13 5.38 0.95
CA THR A 18 9.54 5.13 1.28
C THR A 18 10.07 3.91 0.52
N ILE A 19 11.23 4.06 -0.09
CA ILE A 19 11.85 2.99 -0.85
C ILE A 19 12.30 1.86 0.08
N THR A 20 11.52 0.77 0.10
CA THR A 20 11.84 -0.37 0.94
C THR A 20 12.16 -1.59 0.10
N ARG A 21 13.12 -2.40 0.56
CA ARG A 21 13.53 -3.60 -0.15
C ARG A 21 12.70 -4.80 0.30
N CYS A 22 12.01 -5.44 -0.64
CA CYS A 22 11.19 -6.60 -0.34
C CYS A 22 12.05 -7.86 -0.22
N LYS A 23 11.40 -8.97 0.12
CA LYS A 23 12.10 -10.24 0.27
C LYS A 23 12.53 -10.79 -1.10
N PRO A 24 13.49 -11.73 -1.08
CA PRO A 24 14.00 -12.35 -2.30
C PRO A 24 12.98 -13.27 -2.96
N GLU A 25 12.11 -13.86 -2.15
CA GLU A 25 11.09 -14.77 -2.66
C GLU A 25 9.95 -13.98 -3.32
N ASP A 26 9.70 -12.78 -2.81
CA ASP A 26 8.64 -11.93 -3.34
C ASP A 26 9.09 -11.25 -4.63
N THR A 27 8.15 -11.03 -5.54
CA THR A 27 8.45 -10.39 -6.82
C THR A 27 7.30 -9.48 -7.26
N ALA A 28 6.50 -9.04 -6.30
CA ALA A 28 5.38 -8.16 -6.59
C ALA A 28 5.07 -7.25 -5.40
N CYS A 29 4.51 -6.08 -5.69
CA CYS A 29 4.17 -5.12 -4.65
C CYS A 29 2.67 -5.07 -4.42
N MET A 30 2.27 -4.65 -3.23
CA MET A 30 0.85 -4.55 -2.89
C MET A 30 0.54 -3.21 -2.25
N THR A 31 -0.64 -2.67 -2.54
CA THR A 31 -1.06 -1.39 -2.00
C THR A 31 -2.53 -1.42 -1.59
N THR A 32 -2.83 -0.91 -0.41
CA THR A 32 -4.19 -0.87 0.10
C THR A 32 -4.75 0.55 0.09
N LEU A 33 -5.62 0.83 -0.88
CA LEU A 33 -6.22 2.15 -1.00
C LEU A 33 -7.56 2.21 -0.25
N VAL A 34 -7.63 3.08 0.75
CA VAL A 34 -8.84 3.23 1.53
C VAL A 34 -9.07 4.69 1.93
N THR A 35 -10.16 5.26 1.47
CA THR A 35 -10.49 6.65 1.77
C THR A 35 -11.28 6.77 3.07
N VAL A 36 -12.16 5.80 3.31
CA VAL A 36 -12.98 5.78 4.52
C VAL A 36 -12.11 5.92 5.77
N GLU A 37 -12.66 6.52 6.81
CA GLU A 37 -11.94 6.70 8.07
C GLU A 37 -12.86 6.48 9.26
N ALA A 38 -12.36 5.74 10.25
CA ALA A 38 -13.13 5.45 11.45
C ALA A 38 -12.98 6.57 12.49
N GLU A 39 -11.88 6.53 13.23
CA GLU A 39 -11.61 7.54 14.25
C GLU A 39 -10.13 7.91 14.27
N TYR A 40 -9.82 9.08 14.82
CA TYR A 40 -8.45 9.55 14.90
C TYR A 40 -7.53 8.46 15.44
N PRO A 41 -6.23 8.58 15.13
CA PRO A 41 -5.71 9.69 14.32
C PRO A 41 -6.14 9.60 12.87
N PHE A 42 -6.24 10.75 12.21
CA PHE A 42 -6.66 10.81 10.82
C PHE A 42 -6.41 12.19 10.23
N ASN A 43 -6.74 12.36 8.95
CA ASN A 43 -6.55 13.64 8.27
C ASN A 43 -7.57 13.81 7.15
N GLN A 44 -7.50 14.95 6.46
CA GLN A 44 -8.41 15.23 5.37
C GLN A 44 -8.13 14.33 4.17
N SER A 45 -6.86 14.02 3.96
CA SER A 45 -6.45 13.17 2.84
C SER A 45 -6.67 11.70 3.18
N PRO A 46 -6.72 10.86 2.14
CA PRO A 46 -6.93 9.42 2.29
C PRO A 46 -5.72 8.73 2.92
N VAL A 47 -5.88 7.44 3.21
CA VAL A 47 -4.80 6.65 3.81
C VAL A 47 -4.61 5.33 3.09
N VAL A 48 -3.36 4.91 2.94
CA VAL A 48 -3.05 3.64 2.28
C VAL A 48 -1.84 2.98 2.90
N THR A 49 -1.72 1.67 2.72
CA THR A 49 -0.61 0.91 3.26
C THR A 49 -0.02 -0.03 2.22
N ARG A 50 1.17 0.30 1.74
CA ARG A 50 1.85 -0.52 0.73
C ARG A 50 2.75 -1.56 1.39
N SER A 51 2.68 -2.79 0.89
CA SER A 51 3.48 -3.88 1.43
C SER A 51 3.89 -4.86 0.34
N CYS A 52 4.99 -5.57 0.55
CA CYS A 52 5.48 -6.55 -0.42
C CYS A 52 4.54 -7.74 -0.51
N SER A 53 4.53 -8.39 -1.67
CA SER A 53 3.68 -9.55 -1.90
C SER A 53 4.31 -10.51 -2.90
N SER A 54 3.99 -11.79 -2.77
CA SER A 54 4.52 -12.80 -3.67
C SER A 54 3.43 -13.33 -4.60
N SER A 55 2.42 -12.51 -4.85
CA SER A 55 1.32 -12.90 -5.73
C SER A 55 0.33 -11.75 -5.89
N CYS A 56 0.57 -10.92 -6.90
CA CYS A 56 -0.30 -9.78 -7.18
C CYS A 56 -1.66 -10.25 -7.68
N VAL A 57 -2.68 -10.05 -6.86
CA VAL A 57 -4.05 -10.45 -7.22
C VAL A 57 -5.08 -9.54 -6.57
N ALA A 58 -6.08 -9.13 -7.34
CA ALA A 58 -7.14 -8.27 -6.83
C ALA A 58 -8.33 -9.07 -6.36
N THR A 59 -8.54 -9.12 -5.05
CA THR A 59 -9.65 -9.86 -4.47
C THR A 59 -9.95 -9.40 -3.05
N ASP A 60 -11.20 -9.05 -2.79
CA ASP A 60 -11.62 -8.59 -1.47
C ASP A 60 -12.43 -9.66 -0.74
N PRO A 61 -11.73 -10.57 -0.06
CA PRO A 61 -12.37 -11.67 0.68
C PRO A 61 -13.10 -11.17 1.91
N ASP A 62 -12.39 -11.05 3.02
CA ASP A 62 -12.98 -10.58 4.28
C ASP A 62 -12.92 -9.07 4.36
N SER A 63 -11.84 -8.48 3.86
CA SER A 63 -11.67 -7.03 3.89
C SER A 63 -11.85 -6.49 5.30
N ILE A 64 -11.53 -7.32 6.30
CA ILE A 64 -11.67 -6.93 7.70
C ILE A 64 -10.63 -5.88 8.07
N GLY A 65 -9.46 -5.95 7.43
CA GLY A 65 -8.40 -5.01 7.71
C GLY A 65 -8.42 -3.82 6.76
N ALA A 66 -9.61 -3.32 6.48
CA ALA A 66 -9.77 -2.17 5.58
C ALA A 66 -9.04 -2.41 4.27
N ALA A 67 -9.25 -3.59 3.68
CA ALA A 67 -8.61 -3.94 2.42
C ALA A 67 -9.58 -3.78 1.25
N HIS A 68 -10.01 -2.54 1.02
CA HIS A 68 -10.93 -2.23 -0.06
C HIS A 68 -10.26 -2.40 -1.42
N LEU A 69 -9.47 -1.39 -1.81
CA LEU A 69 -8.76 -1.42 -3.08
C LEU A 69 -7.37 -2.04 -2.92
N ILE A 70 -7.05 -2.99 -3.80
CA ILE A 70 -5.75 -3.65 -3.75
C ILE A 70 -4.99 -3.44 -5.05
N PHE A 71 -4.04 -2.51 -5.04
CA PHE A 71 -3.24 -2.21 -6.21
C PHE A 71 -1.87 -2.88 -6.12
N CYS A 72 -1.60 -3.81 -7.03
CA CYS A 72 -0.33 -4.53 -7.06
C CYS A 72 0.34 -4.41 -8.41
N CYS A 73 1.63 -4.71 -8.46
CA CYS A 73 2.39 -4.64 -9.70
C CYS A 73 3.57 -5.61 -9.69
N PHE A 74 4.39 -5.55 -10.72
CA PHE A 74 5.56 -6.42 -10.82
C PHE A 74 6.80 -5.64 -11.22
N ARG A 75 6.89 -4.39 -10.75
CA ARG A 75 8.03 -3.54 -11.05
C ARG A 75 8.38 -2.65 -9.86
N ASP A 76 9.68 -2.47 -9.64
CA ASP A 76 10.15 -1.65 -8.53
C ASP A 76 9.62 -0.22 -8.65
N LEU A 77 8.96 0.24 -7.59
CA LEU A 77 8.39 1.59 -7.58
C LEU A 77 7.46 1.80 -8.77
N CYS A 78 6.74 0.75 -9.14
CA CYS A 78 5.80 0.83 -10.25
C CYS A 78 4.89 2.03 -10.13
N ASN A 79 4.68 2.48 -8.89
CA ASN A 79 3.83 3.64 -8.63
C ASN A 79 4.42 4.52 -7.54
N SER A 80 4.68 5.78 -7.87
CA SER A 80 5.24 6.72 -6.92
C SER A 80 4.16 7.55 -6.25
N GLU A 81 3.01 6.93 -6.01
CA GLU A 81 1.89 7.62 -5.39
C GLU A 81 1.85 7.35 -3.89
N LEU A 82 1.10 8.17 -3.15
CA LEU A 82 0.98 8.01 -1.71
C LEU A 82 0.17 6.78 -1.35
N MET A 1 16.88 -6.21 -6.88
CA MET A 1 15.85 -6.68 -5.96
C MET A 1 14.59 -5.83 -6.07
N LEU A 2 13.44 -6.44 -5.78
CA LEU A 2 12.17 -5.75 -5.85
C LEU A 2 12.05 -4.70 -4.75
N LYS A 3 11.80 -3.45 -5.13
CA LYS A 3 11.67 -2.36 -4.19
C LYS A 3 10.29 -1.72 -4.28
N CYS A 4 9.62 -1.58 -3.14
CA CYS A 4 8.29 -0.98 -3.09
C CYS A 4 8.24 0.16 -2.08
N TYR A 5 7.39 1.14 -2.33
CA TYR A 5 7.24 2.27 -1.44
C TYR A 5 6.47 1.89 -0.18
N THR A 6 7.13 1.14 0.70
CA THR A 6 6.50 0.70 1.94
C THR A 6 6.96 1.57 3.12
N CYS A 7 6.00 2.13 3.83
CA CYS A 7 6.30 2.98 4.98
C CYS A 7 6.53 2.13 6.23
N LYS A 8 6.73 2.80 7.37
CA LYS A 8 6.97 2.11 8.63
C LYS A 8 5.64 1.70 9.29
N GLU A 9 4.69 2.62 9.31
CA GLU A 9 3.39 2.35 9.90
C GLU A 9 2.29 3.14 9.19
N PRO A 10 1.03 2.69 9.36
CA PRO A 10 -0.12 3.34 8.74
C PRO A 10 -0.42 4.71 9.35
N MET A 11 0.04 5.76 8.69
CA MET A 11 -0.17 7.11 9.17
C MET A 11 -0.90 7.96 8.12
N THR A 12 -1.88 8.73 8.56
CA THR A 12 -2.66 9.57 7.67
C THR A 12 -1.92 10.86 7.35
N SER A 13 -1.24 11.40 8.35
CA SER A 13 -0.49 12.64 8.18
C SER A 13 0.85 12.38 7.50
N ALA A 14 1.43 11.22 7.78
CA ALA A 14 2.72 10.84 7.20
C ALA A 14 2.52 10.01 5.94
N SER A 15 2.62 10.67 4.79
CA SER A 15 2.45 9.99 3.51
C SER A 15 3.25 8.68 3.47
N CYS A 16 2.54 7.57 3.38
CA CYS A 16 3.16 6.25 3.34
C CYS A 16 3.94 6.07 2.03
N ARG A 17 5.18 6.54 2.02
CA ARG A 17 6.03 6.42 0.84
C ARG A 17 7.50 6.33 1.23
N THR A 18 8.05 5.12 1.19
CA THR A 18 9.44 4.90 1.56
C THR A 18 10.03 3.72 0.79
N ILE A 19 11.19 3.93 0.17
CA ILE A 19 11.85 2.88 -0.60
C ILE A 19 12.32 1.75 0.32
N THR A 20 11.70 0.59 0.19
CA THR A 20 12.06 -0.57 0.99
C THR A 20 12.36 -1.78 0.12
N ARG A 21 13.34 -2.58 0.53
CA ARG A 21 13.72 -3.77 -0.22
C ARG A 21 12.92 -4.98 0.24
N CYS A 22 12.21 -5.62 -0.69
CA CYS A 22 11.41 -6.79 -0.37
C CYS A 22 12.28 -8.04 -0.29
N LYS A 23 11.64 -9.19 -0.10
CA LYS A 23 12.36 -10.46 -0.02
C LYS A 23 12.68 -11.00 -1.40
N PRO A 24 13.63 -11.94 -1.46
CA PRO A 24 14.06 -12.56 -2.72
C PRO A 24 12.99 -13.46 -3.31
N GLU A 25 12.19 -14.07 -2.45
CA GLU A 25 11.13 -14.96 -2.88
C GLU A 25 9.98 -14.18 -3.50
N ASP A 26 9.77 -12.96 -3.03
CA ASP A 26 8.71 -12.10 -3.55
C ASP A 26 9.12 -11.45 -4.86
N THR A 27 8.14 -11.14 -5.70
CA THR A 27 8.40 -10.52 -7.00
C THR A 27 7.27 -9.57 -7.39
N ALA A 28 6.48 -9.16 -6.40
CA ALA A 28 5.37 -8.26 -6.64
C ALA A 28 5.08 -7.39 -5.42
N CYS A 29 4.49 -6.22 -5.65
CA CYS A 29 4.17 -5.30 -4.56
C CYS A 29 2.67 -5.25 -4.32
N MET A 30 2.28 -4.91 -3.10
CA MET A 30 0.86 -4.84 -2.75
C MET A 30 0.56 -3.51 -2.05
N THR A 31 -0.62 -2.96 -2.32
CA THR A 31 -1.04 -1.71 -1.72
C THR A 31 -2.49 -1.77 -1.25
N THR A 32 -2.72 -1.33 -0.02
CA THR A 32 -4.06 -1.34 0.56
C THR A 32 -4.64 0.07 0.63
N LEU A 33 -5.38 0.46 -0.39
CA LEU A 33 -5.99 1.79 -0.44
C LEU A 33 -7.26 1.83 0.40
N VAL A 34 -7.29 2.72 1.38
CA VAL A 34 -8.44 2.86 2.26
C VAL A 34 -8.69 4.33 2.61
N THR A 35 -9.90 4.80 2.36
CA THR A 35 -10.25 6.18 2.64
C THR A 35 -11.68 6.28 3.19
N VAL A 36 -11.80 6.43 4.51
CA VAL A 36 -13.10 6.54 5.14
C VAL A 36 -13.39 7.98 5.55
N GLU A 37 -12.59 8.51 6.47
CA GLU A 37 -12.76 9.87 6.94
C GLU A 37 -11.48 10.69 6.75
N ALA A 38 -11.59 11.99 6.93
CA ALA A 38 -10.44 12.88 6.79
C ALA A 38 -10.82 14.32 7.10
N GLU A 39 -10.48 14.78 8.31
CA GLU A 39 -10.79 16.14 8.73
C GLU A 39 -9.87 16.57 9.86
N TYR A 40 -9.97 17.85 10.24
CA TYR A 40 -9.14 18.39 11.31
C TYR A 40 -9.49 17.76 12.65
N PRO A 41 -8.57 17.86 13.61
CA PRO A 41 -7.29 18.54 13.41
C PRO A 41 -6.37 17.76 12.47
N PHE A 42 -6.49 16.44 12.51
CA PHE A 42 -5.67 15.57 11.66
C PHE A 42 -5.73 16.02 10.20
N ASN A 43 -4.72 15.64 9.43
CA ASN A 43 -4.66 16.00 8.01
C ASN A 43 -5.83 15.40 7.25
N GLN A 44 -6.11 15.95 6.08
CA GLN A 44 -7.20 15.47 5.24
C GLN A 44 -6.68 14.55 4.14
N SER A 45 -5.65 13.78 4.45
CA SER A 45 -5.05 12.86 3.49
C SER A 45 -5.54 11.43 3.72
N PRO A 46 -5.54 10.63 2.65
CA PRO A 46 -5.97 9.23 2.72
C PRO A 46 -4.99 8.35 3.50
N VAL A 47 -5.33 7.08 3.65
CA VAL A 47 -4.48 6.15 4.37
C VAL A 47 -4.33 4.84 3.60
N VAL A 48 -3.09 4.42 3.39
CA VAL A 48 -2.80 3.19 2.67
C VAL A 48 -1.59 2.47 3.26
N THR A 49 -1.55 1.15 3.09
CA THR A 49 -0.45 0.35 3.60
C THR A 49 0.14 -0.54 2.52
N ARG A 50 1.27 -0.12 1.96
CA ARG A 50 1.94 -0.88 0.90
C ARG A 50 2.93 -1.86 1.49
N SER A 51 2.90 -3.09 1.00
CA SER A 51 3.80 -4.14 1.49
C SER A 51 4.16 -5.10 0.37
N CYS A 52 5.22 -5.89 0.59
CA CYS A 52 5.67 -6.85 -0.41
C CYS A 52 4.69 -8.01 -0.52
N SER A 53 4.64 -8.62 -1.70
CA SER A 53 3.73 -9.74 -1.94
C SER A 53 4.32 -10.69 -2.99
N SER A 54 4.05 -11.98 -2.84
CA SER A 54 4.54 -12.98 -3.77
C SER A 54 3.45 -13.41 -4.74
N SER A 55 2.46 -12.54 -4.93
CA SER A 55 1.35 -12.83 -5.83
C SER A 55 0.41 -11.63 -5.93
N CYS A 56 0.61 -10.82 -6.96
CA CYS A 56 -0.22 -9.64 -7.18
C CYS A 56 -1.65 -10.03 -7.54
N VAL A 57 -2.60 -9.70 -6.66
CA VAL A 57 -4.00 -10.01 -6.88
C VAL A 57 -4.88 -8.80 -6.62
N ALA A 58 -6.03 -8.75 -7.31
CA ALA A 58 -6.96 -7.65 -7.15
C ALA A 58 -7.69 -7.73 -5.81
N THR A 59 -8.74 -6.92 -5.66
CA THR A 59 -9.51 -6.90 -4.43
C THR A 59 -10.29 -8.21 -4.25
N ASP A 60 -9.76 -9.10 -3.42
CA ASP A 60 -10.40 -10.38 -3.16
C ASP A 60 -11.70 -10.19 -2.38
N PRO A 61 -12.58 -11.20 -2.43
CA PRO A 61 -13.87 -11.17 -1.73
C PRO A 61 -13.71 -11.25 -0.22
N ASP A 62 -12.48 -11.50 0.23
CA ASP A 62 -12.20 -11.60 1.66
C ASP A 62 -12.32 -10.24 2.33
N SER A 63 -11.39 -9.34 2.03
CA SER A 63 -11.39 -8.01 2.61
C SER A 63 -11.50 -8.09 4.13
N ILE A 64 -10.96 -9.15 4.70
CA ILE A 64 -10.99 -9.33 6.15
C ILE A 64 -10.05 -8.36 6.85
N GLY A 65 -8.98 -7.98 6.17
CA GLY A 65 -8.02 -7.06 6.74
C GLY A 65 -8.09 -5.68 6.12
N ALA A 66 -9.30 -5.14 6.03
CA ALA A 66 -9.51 -3.82 5.45
C ALA A 66 -8.82 -3.70 4.09
N ALA A 67 -8.99 -4.72 3.25
CA ALA A 67 -8.39 -4.74 1.92
C ALA A 67 -9.39 -4.33 0.86
N HIS A 68 -9.82 -3.07 0.89
CA HIS A 68 -10.78 -2.55 -0.08
C HIS A 68 -10.16 -2.47 -1.47
N LEU A 69 -9.37 -1.42 -1.69
CA LEU A 69 -8.72 -1.22 -2.97
C LEU A 69 -7.30 -1.78 -2.96
N ILE A 70 -7.13 -2.98 -3.49
CA ILE A 70 -5.83 -3.62 -3.55
C ILE A 70 -5.09 -3.28 -4.84
N PHE A 71 -3.97 -2.57 -4.71
CA PHE A 71 -3.18 -2.17 -5.86
C PHE A 71 -1.82 -2.85 -5.85
N CYS A 72 -1.61 -3.77 -6.78
CA CYS A 72 -0.35 -4.50 -6.88
C CYS A 72 0.30 -4.28 -8.23
N CYS A 73 1.59 -4.61 -8.33
CA CYS A 73 2.33 -4.45 -9.57
C CYS A 73 3.51 -5.41 -9.63
N PHE A 74 4.33 -5.29 -10.67
CA PHE A 74 5.50 -6.15 -10.85
C PHE A 74 6.72 -5.33 -11.24
N ARG A 75 6.80 -4.11 -10.73
CA ARG A 75 7.92 -3.23 -11.03
C ARG A 75 8.32 -2.41 -9.79
N ASP A 76 9.62 -2.25 -9.60
CA ASP A 76 10.13 -1.49 -8.46
C ASP A 76 9.56 -0.07 -8.45
N LEU A 77 8.95 0.32 -7.34
CA LEU A 77 8.37 1.65 -7.20
C LEU A 77 7.42 1.94 -8.36
N CYS A 78 6.70 0.92 -8.81
CA CYS A 78 5.75 1.06 -9.90
C CYS A 78 4.85 2.28 -9.69
N ASN A 79 4.58 2.59 -8.43
CA ASN A 79 3.74 3.72 -8.08
C ASN A 79 4.58 4.90 -7.60
N SER A 80 4.46 6.03 -8.29
CA SER A 80 5.21 7.23 -7.94
C SER A 80 4.32 8.23 -7.21
N GLU A 81 3.40 7.71 -6.40
CA GLU A 81 2.49 8.56 -5.64
C GLU A 81 1.92 7.80 -4.44
N LEU A 82 1.12 8.49 -3.64
CA LEU A 82 0.50 7.90 -2.46
C LEU A 82 -0.69 7.02 -2.85
N MET A 1 16.97 -6.28 -6.40
CA MET A 1 15.89 -6.76 -5.55
C MET A 1 14.64 -5.91 -5.72
N LEU A 2 13.49 -6.47 -5.42
CA LEU A 2 12.22 -5.76 -5.54
C LEU A 2 12.11 -4.66 -4.49
N LYS A 3 11.85 -3.44 -4.95
CA LYS A 3 11.72 -2.30 -4.05
C LYS A 3 10.36 -1.62 -4.23
N CYS A 4 9.65 -1.44 -3.13
CA CYS A 4 8.34 -0.81 -3.15
C CYS A 4 8.27 0.36 -2.17
N TYR A 5 7.37 1.29 -2.43
CA TYR A 5 7.21 2.46 -1.56
C TYR A 5 6.41 2.09 -0.31
N THR A 6 7.07 1.44 0.63
CA THR A 6 6.42 1.04 1.87
C THR A 6 6.96 1.85 3.06
N CYS A 7 6.04 2.38 3.86
CA CYS A 7 6.42 3.18 5.02
C CYS A 7 6.78 2.27 6.20
N LYS A 8 7.17 2.90 7.30
CA LYS A 8 7.54 2.15 8.51
C LYS A 8 6.33 1.48 9.13
N GLU A 9 5.25 2.25 9.30
CA GLU A 9 4.02 1.72 9.89
C GLU A 9 2.80 2.48 9.37
N PRO A 10 1.63 1.86 9.48
CA PRO A 10 0.37 2.45 9.02
C PRO A 10 -0.07 3.62 9.91
N MET A 11 0.43 4.81 9.59
CA MET A 11 0.09 6.01 10.35
C MET A 11 0.14 7.25 9.46
N THR A 12 1.21 7.36 8.67
CA THR A 12 1.37 8.50 7.77
C THR A 12 0.22 8.58 6.78
N SER A 13 -0.67 9.55 6.99
CA SER A 13 -1.83 9.73 6.11
C SER A 13 -1.38 9.76 4.65
N ALA A 14 -0.82 10.88 4.22
CA ALA A 14 -0.36 11.04 2.85
C ALA A 14 1.16 11.20 2.79
N SER A 15 1.87 10.27 3.42
CA SER A 15 3.33 10.31 3.45
C SER A 15 3.91 8.90 3.58
N CYS A 16 3.20 7.93 3.03
CA CYS A 16 3.64 6.54 3.07
C CYS A 16 4.40 6.16 1.81
N ARG A 17 5.42 6.96 1.47
CA ARG A 17 6.22 6.71 0.28
C ARG A 17 7.70 6.58 0.65
N THR A 18 8.12 5.37 0.99
CA THR A 18 9.50 5.11 1.36
C THR A 18 10.05 3.90 0.61
N ILE A 19 11.22 4.07 0.00
CA ILE A 19 11.86 2.99 -0.74
C ILE A 19 12.33 1.88 0.20
N THR A 20 11.68 0.73 0.13
CA THR A 20 12.03 -0.41 0.96
C THR A 20 12.30 -1.66 0.12
N ARG A 21 13.26 -2.46 0.55
CA ARG A 21 13.62 -3.68 -0.15
C ARG A 21 12.77 -4.86 0.33
N CYS A 22 12.08 -5.50 -0.60
CA CYS A 22 11.23 -6.64 -0.25
C CYS A 22 12.07 -7.92 -0.12
N LYS A 23 11.39 -9.04 0.09
CA LYS A 23 12.06 -10.32 0.24
C LYS A 23 12.45 -10.89 -1.12
N PRO A 24 13.37 -11.87 -1.13
CA PRO A 24 13.84 -12.50 -2.36
C PRO A 24 12.77 -13.38 -2.99
N GLU A 25 11.91 -13.95 -2.16
CA GLU A 25 10.84 -14.82 -2.65
C GLU A 25 9.73 -14.00 -3.31
N ASP A 26 9.51 -12.79 -2.80
CA ASP A 26 8.49 -11.90 -3.34
C ASP A 26 8.97 -11.23 -4.62
N THR A 27 8.03 -10.98 -5.54
CA THR A 27 8.36 -10.34 -6.81
C THR A 27 7.23 -9.43 -7.27
N ALA A 28 6.41 -8.97 -6.33
CA ALA A 28 5.30 -8.10 -6.64
C ALA A 28 4.96 -7.18 -5.47
N CYS A 29 4.62 -5.94 -5.77
CA CYS A 29 4.28 -4.96 -4.75
C CYS A 29 2.78 -4.96 -4.47
N MET A 30 2.40 -4.57 -3.26
CA MET A 30 1.00 -4.51 -2.88
C MET A 30 0.65 -3.15 -2.27
N THR A 31 -0.55 -2.65 -2.58
CA THR A 31 -1.00 -1.37 -2.07
C THR A 31 -2.45 -1.43 -1.63
N THR A 32 -2.71 -1.05 -0.38
CA THR A 32 -4.07 -1.06 0.16
C THR A 32 -4.69 0.32 0.09
N LEU A 33 -5.65 0.49 -0.82
CA LEU A 33 -6.33 1.77 -0.99
C LEU A 33 -7.60 1.82 -0.14
N VAL A 34 -7.55 2.58 0.96
CA VAL A 34 -8.69 2.71 1.85
C VAL A 34 -8.98 4.18 2.15
N THR A 35 -10.08 4.69 1.60
CA THR A 35 -10.46 6.08 1.81
C THR A 35 -11.57 6.19 2.85
N VAL A 36 -11.43 5.44 3.94
CA VAL A 36 -12.42 5.45 5.01
C VAL A 36 -12.25 6.69 5.88
N GLU A 37 -13.33 7.46 6.00
CA GLU A 37 -13.31 8.69 6.80
C GLU A 37 -12.93 8.37 8.25
N ALA A 38 -12.41 9.37 8.94
CA ALA A 38 -12.00 9.20 10.34
C ALA A 38 -11.46 10.51 10.91
N GLU A 39 -12.28 11.20 11.68
CA GLU A 39 -11.88 12.47 12.28
C GLU A 39 -10.66 12.28 13.18
N TYR A 40 -10.28 13.33 13.89
CA TYR A 40 -9.13 13.29 14.78
C TYR A 40 -9.22 12.09 15.73
N PRO A 41 -8.07 11.66 16.25
CA PRO A 41 -6.78 12.29 15.95
C PRO A 41 -6.33 12.04 14.51
N PHE A 42 -6.79 10.93 13.94
CA PHE A 42 -6.43 10.58 12.58
C PHE A 42 -6.71 11.73 11.62
N ASN A 43 -6.24 11.60 10.39
CA ASN A 43 -6.43 12.64 9.38
C ASN A 43 -7.75 12.43 8.63
N GLN A 44 -8.27 13.52 8.05
CA GLN A 44 -9.52 13.45 7.31
C GLN A 44 -9.30 12.82 5.94
N SER A 45 -8.12 13.05 5.37
CA SER A 45 -7.79 12.52 4.05
C SER A 45 -7.63 11.00 4.11
N PRO A 46 -7.73 10.36 2.93
CA PRO A 46 -7.61 8.89 2.82
C PRO A 46 -6.18 8.42 3.08
N VAL A 47 -6.05 7.15 3.43
CA VAL A 47 -4.74 6.56 3.69
C VAL A 47 -4.58 5.22 2.99
N VAL A 48 -3.34 4.76 2.86
CA VAL A 48 -3.05 3.49 2.21
C VAL A 48 -1.83 2.81 2.83
N THR A 49 -1.77 1.49 2.72
CA THR A 49 -0.65 0.73 3.27
C THR A 49 0.00 -0.14 2.19
N ARG A 50 1.20 0.27 1.77
CA ARG A 50 1.92 -0.47 0.75
C ARG A 50 2.85 -1.51 1.39
N SER A 51 2.76 -2.75 0.91
CA SER A 51 3.58 -3.84 1.44
C SER A 51 3.96 -4.81 0.34
N CYS A 52 5.02 -5.58 0.58
CA CYS A 52 5.49 -6.56 -0.41
C CYS A 52 4.50 -7.71 -0.53
N SER A 53 4.50 -8.36 -1.69
CA SER A 53 3.62 -9.48 -1.95
C SER A 53 4.24 -10.46 -2.94
N SER A 54 3.83 -11.72 -2.83
CA SER A 54 4.36 -12.76 -3.72
C SER A 54 3.26 -13.31 -4.63
N SER A 55 2.26 -12.47 -4.91
CA SER A 55 1.15 -12.88 -5.76
C SER A 55 0.20 -11.70 -5.99
N CYS A 56 0.50 -10.90 -7.00
CA CYS A 56 -0.33 -9.74 -7.34
C CYS A 56 -1.68 -10.18 -7.89
N VAL A 57 -2.72 -10.02 -7.08
CA VAL A 57 -4.07 -10.41 -7.49
C VAL A 57 -5.12 -9.52 -6.82
N ALA A 58 -6.31 -9.48 -7.40
CA ALA A 58 -7.40 -8.67 -6.86
C ALA A 58 -8.37 -9.54 -6.06
N THR A 59 -8.38 -9.34 -4.75
CA THR A 59 -9.26 -10.10 -3.87
C THR A 59 -9.39 -9.44 -2.50
N ASP A 60 -10.56 -8.92 -2.19
CA ASP A 60 -10.81 -8.27 -0.91
C ASP A 60 -11.53 -9.22 0.05
N PRO A 61 -11.46 -8.89 1.35
CA PRO A 61 -12.10 -9.69 2.40
C PRO A 61 -13.62 -9.59 2.35
N ASP A 62 -14.16 -8.58 3.03
CA ASP A 62 -15.60 -8.37 3.06
C ASP A 62 -16.03 -7.33 2.04
N SER A 63 -15.20 -6.30 1.86
CA SER A 63 -15.49 -5.23 0.92
C SER A 63 -16.92 -4.75 1.08
N ILE A 64 -17.13 -3.80 1.99
CA ILE A 64 -18.45 -3.24 2.23
C ILE A 64 -18.73 -2.04 1.34
N GLY A 65 -18.86 -2.29 0.04
CA GLY A 65 -19.12 -1.22 -0.90
C GLY A 65 -17.91 -0.90 -1.77
N ALA A 66 -17.11 -1.92 -2.05
CA ALA A 66 -15.92 -1.74 -2.87
C ALA A 66 -15.04 -0.62 -2.33
N ALA A 67 -14.97 -0.51 -1.01
CA ALA A 67 -14.17 0.52 -0.37
C ALA A 67 -12.82 -0.05 0.10
N HIS A 68 -12.27 -0.96 -0.68
CA HIS A 68 -10.98 -1.58 -0.35
C HIS A 68 -10.26 -2.02 -1.61
N LEU A 69 -9.68 -1.07 -2.32
CA LEU A 69 -8.94 -1.36 -3.55
C LEU A 69 -7.57 -1.93 -3.23
N ILE A 70 -7.16 -2.93 -4.02
CA ILE A 70 -5.86 -3.56 -3.83
C ILE A 70 -5.02 -3.51 -5.11
N PHE A 71 -4.12 -2.54 -5.18
CA PHE A 71 -3.26 -2.39 -6.35
C PHE A 71 -1.95 -3.16 -6.17
N CYS A 72 -1.46 -3.73 -7.26
CA CYS A 72 -0.21 -4.50 -7.21
C CYS A 72 0.50 -4.44 -8.57
N CYS A 73 1.80 -4.74 -8.56
CA CYS A 73 2.59 -4.73 -9.78
C CYS A 73 3.79 -5.65 -9.66
N PHE A 74 4.64 -5.66 -10.68
CA PHE A 74 5.83 -6.50 -10.69
C PHE A 74 7.07 -5.69 -11.07
N ARG A 75 7.09 -4.42 -10.65
CA ARG A 75 8.22 -3.54 -10.95
C ARG A 75 8.54 -2.65 -9.75
N ASP A 76 9.82 -2.44 -9.50
CA ASP A 76 10.26 -1.60 -8.39
C ASP A 76 9.70 -0.19 -8.52
N LEU A 77 9.03 0.26 -7.46
CA LEU A 77 8.43 1.60 -7.45
C LEU A 77 7.55 1.81 -8.68
N CYS A 78 6.85 0.75 -9.09
CA CYS A 78 5.97 0.82 -10.25
C CYS A 78 5.02 2.01 -10.13
N ASN A 79 4.76 2.44 -8.90
CA ASN A 79 3.86 3.57 -8.66
C ASN A 79 4.24 4.28 -7.36
N SER A 80 3.88 5.56 -7.28
CA SER A 80 4.17 6.36 -6.09
C SER A 80 3.04 7.33 -5.80
N GLU A 81 1.96 6.82 -5.22
CA GLU A 81 0.80 7.64 -4.89
C GLU A 81 0.99 8.33 -3.54
N LEU A 82 0.96 9.65 -3.54
CA LEU A 82 1.13 10.43 -2.32
C LEU A 82 -0.21 10.89 -1.78
N MET A 1 16.86 -6.49 -6.65
CA MET A 1 15.81 -6.89 -5.72
C MET A 1 14.56 -6.02 -5.89
N LEU A 2 13.41 -6.57 -5.55
CA LEU A 2 12.15 -5.85 -5.67
C LEU A 2 12.06 -4.74 -4.62
N LYS A 3 11.83 -3.51 -5.08
CA LYS A 3 11.72 -2.37 -4.19
C LYS A 3 10.34 -1.72 -4.31
N CYS A 4 9.68 -1.52 -3.17
CA CYS A 4 8.36 -0.90 -3.15
C CYS A 4 8.32 0.26 -2.17
N TYR A 5 7.48 1.24 -2.45
CA TYR A 5 7.33 2.42 -1.59
C TYR A 5 6.52 2.08 -0.35
N THR A 6 7.07 1.22 0.50
CA THR A 6 6.41 0.82 1.74
C THR A 6 6.84 1.69 2.91
N CYS A 7 5.88 2.35 3.54
CA CYS A 7 6.16 3.22 4.67
C CYS A 7 6.24 2.42 5.97
N LYS A 8 7.02 2.92 6.92
CA LYS A 8 7.18 2.25 8.20
C LYS A 8 6.24 2.84 9.25
N GLU A 9 5.13 3.41 8.80
CA GLU A 9 4.16 4.01 9.69
C GLU A 9 2.76 3.95 9.10
N PRO A 10 2.13 2.77 9.18
CA PRO A 10 0.77 2.55 8.65
C PRO A 10 -0.29 3.28 9.47
N MET A 11 0.15 3.99 10.50
CA MET A 11 -0.77 4.74 11.36
C MET A 11 -0.66 6.23 11.10
N THR A 12 0.55 6.68 10.74
CA THR A 12 0.79 8.09 10.45
C THR A 12 -0.17 8.61 9.39
N SER A 13 -0.04 9.89 9.06
CA SER A 13 -0.90 10.51 8.06
C SER A 13 -0.81 9.75 6.73
N ALA A 14 -1.56 10.22 5.74
CA ALA A 14 -1.58 9.60 4.42
C ALA A 14 -0.16 9.40 3.90
N SER A 15 0.75 10.29 4.31
CA SER A 15 2.15 10.21 3.88
C SER A 15 2.68 8.79 4.02
N CYS A 16 2.82 8.10 2.89
CA CYS A 16 3.32 6.73 2.89
C CYS A 16 4.15 6.46 1.64
N ARG A 17 5.38 6.99 1.63
CA ARG A 17 6.27 6.81 0.49
C ARG A 17 7.71 6.61 0.95
N THR A 18 8.14 5.36 1.04
CA THR A 18 9.49 5.04 1.48
C THR A 18 10.04 3.84 0.73
N ILE A 19 11.22 3.99 0.13
CA ILE A 19 11.85 2.92 -0.62
C ILE A 19 12.30 1.79 0.31
N THR A 20 11.64 0.65 0.19
CA THR A 20 11.97 -0.51 1.01
C THR A 20 12.28 -1.73 0.16
N ARG A 21 13.25 -2.53 0.60
CA ARG A 21 13.64 -3.73 -0.13
C ARG A 21 12.81 -4.93 0.32
N CYS A 22 12.14 -5.56 -0.64
CA CYS A 22 11.31 -6.72 -0.35
C CYS A 22 12.16 -7.99 -0.26
N LYS A 23 11.50 -9.12 -0.04
CA LYS A 23 12.19 -10.40 0.06
C LYS A 23 12.55 -10.93 -1.32
N PRO A 24 13.48 -11.90 -1.36
CA PRO A 24 13.94 -12.52 -2.61
C PRO A 24 12.86 -13.40 -3.24
N GLU A 25 12.01 -13.99 -2.40
CA GLU A 25 10.94 -14.85 -2.88
C GLU A 25 9.81 -14.03 -3.50
N ASP A 26 9.59 -12.84 -2.95
CA ASP A 26 8.54 -11.95 -3.45
C ASP A 26 8.98 -11.26 -4.74
N THR A 27 8.02 -11.01 -5.63
CA THR A 27 8.31 -10.35 -6.90
C THR A 27 7.16 -9.45 -7.33
N ALA A 28 6.34 -9.05 -6.36
CA ALA A 28 5.20 -8.18 -6.63
C ALA A 28 4.86 -7.31 -5.42
N CYS A 29 4.57 -6.05 -5.67
CA CYS A 29 4.22 -5.11 -4.61
C CYS A 29 2.72 -5.10 -4.36
N MET A 30 2.33 -4.76 -3.13
CA MET A 30 0.92 -4.71 -2.76
C MET A 30 0.57 -3.37 -2.11
N THR A 31 -0.59 -2.82 -2.46
CA THR A 31 -1.02 -1.55 -1.91
C THR A 31 -2.50 -1.61 -1.51
N THR A 32 -2.78 -1.27 -0.26
CA THR A 32 -4.15 -1.29 0.26
C THR A 32 -4.73 0.12 0.29
N LEU A 33 -5.65 0.40 -0.63
CA LEU A 33 -6.30 1.70 -0.70
C LEU A 33 -7.58 1.72 0.10
N VAL A 34 -7.59 2.49 1.18
CA VAL A 34 -8.76 2.61 2.04
C VAL A 34 -9.10 4.06 2.32
N THR A 35 -10.32 4.47 1.95
CA THR A 35 -10.76 5.83 2.15
C THR A 35 -12.23 5.88 2.60
N VAL A 36 -12.46 6.45 3.78
CA VAL A 36 -13.82 6.55 4.31
C VAL A 36 -14.06 7.93 4.91
N GLU A 37 -13.07 8.44 5.64
CA GLU A 37 -13.19 9.75 6.27
C GLU A 37 -11.81 10.28 6.67
N ALA A 38 -11.76 11.55 7.05
CA ALA A 38 -10.51 12.19 7.46
C ALA A 38 -10.75 13.61 7.94
N GLU A 39 -10.80 13.78 9.26
CA GLU A 39 -11.02 15.09 9.85
C GLU A 39 -9.97 15.38 10.93
N TYR A 40 -9.76 16.67 11.21
CA TYR A 40 -8.80 17.08 12.22
C TYR A 40 -9.01 16.32 13.53
N PRO A 41 -7.96 16.26 14.36
CA PRO A 41 -6.67 16.89 14.04
C PRO A 41 -5.94 16.17 12.91
N PHE A 42 -6.18 14.86 12.79
CA PHE A 42 -5.54 14.06 11.75
C PHE A 42 -5.71 14.72 10.39
N ASN A 43 -4.93 14.26 9.42
CA ASN A 43 -4.98 14.80 8.07
C ASN A 43 -6.35 14.54 7.43
N GLN A 44 -6.71 15.38 6.47
CA GLN A 44 -7.99 15.23 5.78
C GLN A 44 -7.86 14.31 4.58
N SER A 45 -6.72 13.64 4.46
CA SER A 45 -6.46 12.74 3.36
C SER A 45 -6.66 11.29 3.79
N PRO A 46 -6.84 10.38 2.80
CA PRO A 46 -7.04 8.96 3.06
C PRO A 46 -5.78 8.28 3.59
N VAL A 47 -5.83 6.95 3.68
CA VAL A 47 -4.69 6.19 4.17
C VAL A 47 -4.54 4.88 3.40
N VAL A 48 -3.30 4.39 3.30
CA VAL A 48 -3.02 3.15 2.60
C VAL A 48 -1.83 2.42 3.21
N THR A 49 -1.80 1.11 3.03
CA THR A 49 -0.71 0.30 3.57
C THR A 49 -0.06 -0.55 2.48
N ARG A 50 1.09 -0.09 2.00
CA ARG A 50 1.80 -0.81 0.94
C ARG A 50 2.79 -1.81 1.55
N SER A 51 2.78 -3.03 1.01
CA SER A 51 3.66 -4.08 1.50
C SER A 51 4.03 -5.05 0.39
N CYS A 52 5.11 -5.80 0.58
CA CYS A 52 5.56 -6.77 -0.40
C CYS A 52 4.61 -7.95 -0.50
N SER A 53 4.58 -8.58 -1.68
CA SER A 53 3.70 -9.73 -1.89
C SER A 53 4.31 -10.68 -2.92
N SER A 54 3.97 -11.96 -2.80
CA SER A 54 4.49 -12.97 -3.71
C SER A 54 3.40 -13.44 -4.67
N SER A 55 2.39 -12.59 -4.88
CA SER A 55 1.28 -12.91 -5.78
C SER A 55 0.32 -11.74 -5.88
N CYS A 56 0.51 -10.92 -6.91
CA CYS A 56 -0.35 -9.75 -7.12
C CYS A 56 -1.75 -10.19 -7.52
N VAL A 57 -2.71 -10.00 -6.61
CA VAL A 57 -4.09 -10.37 -6.86
C VAL A 57 -5.01 -9.15 -6.76
N ALA A 58 -6.27 -9.34 -7.15
CA ALA A 58 -7.25 -8.26 -7.10
C ALA A 58 -8.15 -8.39 -5.88
N THR A 59 -9.11 -7.49 -5.76
CA THR A 59 -10.05 -7.50 -4.63
C THR A 59 -11.11 -8.58 -4.81
N ASP A 60 -10.97 -9.65 -4.04
CA ASP A 60 -11.93 -10.76 -4.11
C ASP A 60 -13.29 -10.34 -3.57
N PRO A 61 -14.35 -10.77 -4.26
CA PRO A 61 -15.73 -10.45 -3.87
C PRO A 61 -16.14 -11.17 -2.59
N ASP A 62 -15.28 -12.05 -2.10
CA ASP A 62 -15.55 -12.81 -0.88
C ASP A 62 -15.56 -11.89 0.34
N SER A 63 -14.68 -10.89 0.32
CA SER A 63 -14.57 -9.94 1.43
C SER A 63 -14.30 -10.67 2.74
N ILE A 64 -13.49 -11.73 2.66
CA ILE A 64 -13.14 -12.51 3.84
C ILE A 64 -12.27 -11.70 4.79
N GLY A 65 -11.49 -10.78 4.23
CA GLY A 65 -10.61 -9.95 5.05
C GLY A 65 -10.33 -8.61 4.41
N ALA A 66 -11.21 -7.65 4.63
CA ALA A 66 -11.03 -6.31 4.07
C ALA A 66 -11.12 -6.34 2.54
N ALA A 67 -12.29 -5.98 2.03
CA ALA A 67 -12.51 -5.96 0.58
C ALA A 67 -12.22 -4.58 -0.01
N HIS A 68 -11.20 -3.92 0.53
CA HIS A 68 -10.82 -2.59 0.06
C HIS A 68 -10.12 -2.67 -1.29
N LEU A 69 -9.65 -1.52 -1.77
CA LEU A 69 -8.95 -1.46 -3.05
C LEU A 69 -7.55 -2.05 -2.94
N ILE A 70 -7.23 -2.98 -3.84
CA ILE A 70 -5.92 -3.62 -3.84
C ILE A 70 -5.15 -3.28 -5.13
N PHE A 71 -4.04 -2.58 -4.97
CA PHE A 71 -3.21 -2.18 -6.11
C PHE A 71 -1.84 -2.85 -6.02
N CYS A 72 -1.58 -3.78 -6.93
CA CYS A 72 -0.31 -4.49 -6.97
C CYS A 72 0.36 -4.35 -8.33
N CYS A 73 1.65 -4.65 -8.39
CA CYS A 73 2.40 -4.57 -9.64
C CYS A 73 3.59 -5.52 -9.62
N PHE A 74 4.40 -5.46 -10.67
CA PHE A 74 5.56 -6.32 -10.79
C PHE A 74 6.80 -5.53 -11.21
N ARG A 75 6.89 -4.29 -10.71
CA ARG A 75 8.02 -3.42 -11.05
C ARG A 75 8.43 -2.58 -9.84
N ASP A 76 9.73 -2.43 -9.63
CA ASP A 76 10.24 -1.65 -8.52
C ASP A 76 9.74 -0.21 -8.58
N LEU A 77 9.07 0.22 -7.52
CA LEU A 77 8.53 1.57 -7.45
C LEU A 77 7.56 1.83 -8.59
N CYS A 78 6.81 0.80 -8.96
CA CYS A 78 5.83 0.91 -10.04
C CYS A 78 4.93 2.12 -9.84
N ASN A 79 4.77 2.53 -8.59
CA ASN A 79 3.93 3.68 -8.25
C ASN A 79 4.59 4.55 -7.19
N SER A 80 5.00 5.75 -7.57
CA SER A 80 5.64 6.68 -6.65
C SER A 80 4.64 7.67 -6.07
N GLU A 81 3.66 8.05 -6.89
CA GLU A 81 2.64 8.99 -6.46
C GLU A 81 1.70 8.35 -5.44
N LEU A 82 1.41 9.09 -4.37
CA LEU A 82 0.53 8.59 -3.32
C LEU A 82 -0.93 8.69 -3.74
N MET A 1 17.14 -6.23 -6.33
CA MET A 1 16.03 -6.67 -5.48
C MET A 1 14.77 -5.86 -5.76
N LEU A 2 13.62 -6.46 -5.48
CA LEU A 2 12.33 -5.79 -5.70
C LEU A 2 12.15 -4.64 -4.71
N LYS A 3 11.90 -3.45 -5.25
CA LYS A 3 11.70 -2.27 -4.42
C LYS A 3 10.25 -1.79 -4.50
N CYS A 4 9.64 -1.56 -3.34
CA CYS A 4 8.25 -1.11 -3.27
C CYS A 4 8.11 0.07 -2.31
N TYR A 5 7.27 1.02 -2.68
CA TYR A 5 7.04 2.20 -1.84
C TYR A 5 6.26 1.84 -0.58
N THR A 6 6.98 1.41 0.45
CA THR A 6 6.36 1.04 1.71
C THR A 6 6.91 1.87 2.86
N CYS A 7 6.00 2.42 3.66
CA CYS A 7 6.39 3.24 4.81
C CYS A 7 6.75 2.37 6.01
N LYS A 8 6.95 3.01 7.16
CA LYS A 8 7.28 2.29 8.38
C LYS A 8 6.11 1.43 8.85
N GLU A 9 5.02 2.08 9.26
CA GLU A 9 3.84 1.38 9.73
C GLU A 9 2.58 2.20 9.46
N PRO A 10 1.42 1.51 9.46
CA PRO A 10 0.13 2.15 9.22
C PRO A 10 -0.29 3.07 10.36
N MET A 11 0.19 4.30 10.33
CA MET A 11 -0.14 5.28 11.36
C MET A 11 0.34 6.68 10.97
N THR A 12 1.52 6.73 10.36
CA THR A 12 2.09 8.01 9.93
C THR A 12 1.07 8.84 9.16
N SER A 13 0.52 9.85 9.83
CA SER A 13 -0.47 10.72 9.21
C SER A 13 0.08 11.35 7.93
N ALA A 14 1.38 11.59 7.91
CA ALA A 14 2.04 12.19 6.75
C ALA A 14 2.15 11.17 5.61
N SER A 15 3.04 11.46 4.67
CA SER A 15 3.26 10.57 3.53
C SER A 15 3.68 9.19 3.98
N CYS A 16 3.00 8.17 3.47
CA CYS A 16 3.31 6.79 3.82
C CYS A 16 3.79 6.01 2.61
N ARG A 17 4.84 6.53 1.97
CA ARG A 17 5.41 5.89 0.79
C ARG A 17 6.92 6.13 0.71
N THR A 18 7.69 5.12 1.08
CA THR A 18 9.14 5.22 1.05
C THR A 18 9.77 4.03 0.33
N ILE A 19 10.95 4.24 -0.24
CA ILE A 19 11.64 3.18 -0.96
C ILE A 19 12.11 2.09 0.00
N THR A 20 11.44 0.94 -0.05
CA THR A 20 11.79 -0.19 0.81
C THR A 20 12.12 -1.42 0.00
N ARG A 21 13.09 -2.20 0.48
CA ARG A 21 13.51 -3.42 -0.21
C ARG A 21 12.68 -4.61 0.26
N CYS A 22 12.02 -5.28 -0.69
CA CYS A 22 11.19 -6.44 -0.38
C CYS A 22 12.06 -7.69 -0.23
N LYS A 23 11.41 -8.80 0.12
CA LYS A 23 12.12 -10.06 0.29
C LYS A 23 12.53 -10.65 -1.06
N PRO A 24 13.50 -11.58 -1.04
CA PRO A 24 14.00 -12.23 -2.25
C PRO A 24 12.97 -13.18 -2.87
N GLU A 25 12.12 -13.75 -2.02
CA GLU A 25 11.09 -14.67 -2.49
C GLU A 25 9.96 -13.92 -3.18
N ASP A 26 9.69 -12.70 -2.70
CA ASP A 26 8.63 -11.88 -3.28
C ASP A 26 9.07 -11.27 -4.60
N THR A 27 8.10 -11.04 -5.48
CA THR A 27 8.39 -10.46 -6.80
C THR A 27 7.26 -9.54 -7.25
N ALA A 28 6.45 -9.08 -6.29
CA ALA A 28 5.34 -8.19 -6.59
C ALA A 28 5.03 -7.29 -5.40
N CYS A 29 4.51 -6.10 -5.70
CA CYS A 29 4.17 -5.13 -4.65
C CYS A 29 2.67 -5.10 -4.42
N MET A 30 2.28 -4.73 -3.20
CA MET A 30 0.86 -4.66 -2.84
C MET A 30 0.54 -3.32 -2.18
N THR A 31 -0.59 -2.73 -2.58
CA THR A 31 -1.00 -1.45 -2.03
C THR A 31 -2.43 -1.53 -1.50
N THR A 32 -2.74 -0.67 -0.52
CA THR A 32 -4.07 -0.64 0.07
C THR A 32 -4.59 0.79 0.18
N LEU A 33 -5.63 1.10 -0.59
CA LEU A 33 -6.22 2.43 -0.57
C LEU A 33 -7.31 2.54 0.49
N VAL A 34 -7.11 3.42 1.46
CA VAL A 34 -8.07 3.62 2.53
C VAL A 34 -8.19 5.10 2.90
N THR A 35 -9.26 5.74 2.41
CA THR A 35 -9.50 7.15 2.68
C THR A 35 -10.53 7.33 3.79
N VAL A 36 -10.26 8.27 4.69
CA VAL A 36 -11.17 8.54 5.80
C VAL A 36 -11.91 9.85 5.59
N GLU A 37 -11.16 10.95 5.52
CA GLU A 37 -11.75 12.27 5.32
C GLU A 37 -10.75 13.22 4.65
N ALA A 38 -11.26 14.06 3.76
CA ALA A 38 -10.42 15.01 3.05
C ALA A 38 -10.42 16.37 3.75
N GLU A 39 -10.61 16.35 5.06
CA GLU A 39 -10.62 17.59 5.85
C GLU A 39 -9.92 17.39 7.18
N TYR A 40 -9.46 18.49 7.77
CA TYR A 40 -8.76 18.44 9.05
C TYR A 40 -9.57 17.67 10.08
N PRO A 41 -8.89 17.17 11.12
CA PRO A 41 -7.44 17.36 11.28
C PRO A 41 -6.64 16.56 10.25
N PHE A 42 -5.33 16.73 10.28
CA PHE A 42 -4.45 16.01 9.35
C PHE A 42 -4.49 14.51 9.60
N ASN A 43 -4.38 14.12 10.87
CA ASN A 43 -4.41 12.71 11.25
C ASN A 43 -5.58 11.99 10.58
N GLN A 44 -6.66 12.74 10.33
CA GLN A 44 -7.84 12.17 9.70
C GLN A 44 -7.78 12.32 8.19
N SER A 45 -6.59 12.14 7.62
CA SER A 45 -6.40 12.25 6.18
C SER A 45 -6.35 10.88 5.53
N PRO A 46 -6.58 10.85 4.21
CA PRO A 46 -6.56 9.61 3.43
C PRO A 46 -5.16 9.02 3.29
N VAL A 47 -4.98 7.80 3.79
CA VAL A 47 -3.68 7.14 3.73
C VAL A 47 -3.80 5.78 3.03
N VAL A 48 -2.66 5.22 2.66
CA VAL A 48 -2.63 3.93 1.98
C VAL A 48 -1.46 3.08 2.48
N THR A 49 -1.75 1.82 2.83
CA THR A 49 -0.73 0.91 3.32
C THR A 49 -0.20 0.03 2.20
N ARG A 50 1.08 0.20 1.89
CA ARG A 50 1.72 -0.58 0.83
C ARG A 50 2.73 -1.57 1.41
N SER A 51 2.60 -2.83 1.02
CA SER A 51 3.50 -3.88 1.50
C SER A 51 3.86 -4.84 0.38
N CYS A 52 4.97 -5.56 0.56
CA CYS A 52 5.43 -6.52 -0.43
C CYS A 52 4.50 -7.72 -0.51
N SER A 53 4.49 -8.38 -1.66
CA SER A 53 3.63 -9.54 -1.87
C SER A 53 4.27 -10.52 -2.85
N SER A 54 3.94 -11.79 -2.70
CA SER A 54 4.48 -12.83 -3.57
C SER A 54 3.41 -13.38 -4.51
N SER A 55 2.40 -12.56 -4.78
CA SER A 55 1.30 -12.97 -5.65
C SER A 55 0.30 -11.82 -5.83
N CYS A 56 0.53 -11.00 -6.84
CA CYS A 56 -0.35 -9.87 -7.11
C CYS A 56 -1.70 -10.34 -7.63
N VAL A 57 -2.76 -9.99 -6.91
CA VAL A 57 -4.11 -10.39 -7.29
C VAL A 57 -5.13 -9.35 -6.84
N ALA A 58 -6.17 -9.15 -7.65
CA ALA A 58 -7.22 -8.19 -7.33
C ALA A 58 -8.45 -8.88 -6.76
N THR A 59 -8.70 -8.66 -5.46
CA THR A 59 -9.84 -9.27 -4.80
C THR A 59 -10.21 -8.52 -3.53
N ASP A 60 -11.22 -7.65 -3.64
CA ASP A 60 -11.67 -6.86 -2.49
C ASP A 60 -12.37 -7.74 -1.47
N PRO A 61 -12.47 -7.24 -0.22
CA PRO A 61 -13.11 -7.97 0.87
C PRO A 61 -14.63 -8.07 0.69
N ASP A 62 -15.34 -7.05 1.16
CA ASP A 62 -16.80 -7.03 1.05
C ASP A 62 -17.23 -6.33 -0.24
N SER A 63 -16.47 -5.32 -0.65
CA SER A 63 -16.77 -4.57 -1.86
C SER A 63 -18.12 -3.87 -1.74
N ILE A 64 -18.46 -3.47 -0.52
CA ILE A 64 -19.72 -2.78 -0.26
C ILE A 64 -19.72 -1.38 -0.87
N GLY A 65 -18.54 -0.78 -0.94
CA GLY A 65 -18.41 0.55 -1.49
C GLY A 65 -16.97 0.93 -1.80
N ALA A 66 -16.18 -0.06 -2.20
CA ALA A 66 -14.78 0.17 -2.52
C ALA A 66 -14.07 0.91 -1.39
N ALA A 67 -14.35 0.51 -0.16
CA ALA A 67 -13.74 1.12 1.02
C ALA A 67 -12.25 0.79 1.10
N HIS A 68 -11.88 -0.35 0.51
CA HIS A 68 -10.48 -0.79 0.53
C HIS A 68 -10.09 -1.36 -0.82
N LEU A 69 -9.17 -0.69 -1.51
CA LEU A 69 -8.70 -1.14 -2.82
C LEU A 69 -7.36 -1.87 -2.69
N ILE A 70 -7.02 -2.64 -3.72
CA ILE A 70 -5.77 -3.38 -3.74
C ILE A 70 -5.03 -3.19 -5.06
N PHE A 71 -3.95 -2.42 -5.03
CA PHE A 71 -3.15 -2.16 -6.23
C PHE A 71 -1.80 -2.84 -6.14
N CYS A 72 -1.56 -3.80 -7.04
CA CYS A 72 -0.31 -4.53 -7.05
C CYS A 72 0.36 -4.43 -8.42
N CYS A 73 1.66 -4.71 -8.47
CA CYS A 73 2.41 -4.66 -9.72
C CYS A 73 3.57 -5.65 -9.70
N PHE A 74 4.38 -5.62 -10.75
CA PHE A 74 5.53 -6.51 -10.86
C PHE A 74 6.78 -5.75 -11.28
N ARG A 75 6.90 -4.51 -10.82
CA ARG A 75 8.04 -3.68 -11.16
C ARG A 75 8.43 -2.79 -9.98
N ASP A 76 9.73 -2.64 -9.76
CA ASP A 76 10.24 -1.82 -8.68
C ASP A 76 9.67 -0.40 -8.75
N LEU A 77 9.06 0.05 -7.66
CA LEU A 77 8.48 1.38 -7.60
C LEU A 77 7.57 1.63 -8.80
N CYS A 78 6.82 0.60 -9.20
CA CYS A 78 5.91 0.72 -10.34
C CYS A 78 5.08 1.99 -10.25
N ASN A 79 4.87 2.47 -9.03
CA ASN A 79 4.09 3.69 -8.81
C ASN A 79 4.72 4.54 -7.72
N SER A 80 4.93 5.82 -8.03
CA SER A 80 5.53 6.75 -7.07
C SER A 80 4.47 7.62 -6.43
N GLU A 81 3.28 7.06 -6.24
CA GLU A 81 2.18 7.78 -5.62
C GLU A 81 2.34 7.85 -4.10
N LEU A 82 1.46 8.60 -3.45
CA LEU A 82 1.50 8.74 -2.00
C LEU A 82 0.57 7.74 -1.33
N MET A 1 16.87 -6.49 -6.54
CA MET A 1 15.76 -6.93 -5.69
C MET A 1 14.54 -6.05 -5.90
N LEU A 2 13.37 -6.58 -5.55
CA LEU A 2 12.12 -5.84 -5.70
C LEU A 2 12.02 -4.72 -4.67
N LYS A 3 11.80 -3.49 -5.15
CA LYS A 3 11.69 -2.34 -4.27
C LYS A 3 10.30 -1.71 -4.39
N CYS A 4 9.69 -1.40 -3.26
CA CYS A 4 8.37 -0.79 -3.24
C CYS A 4 8.31 0.36 -2.23
N TYR A 5 7.49 1.35 -2.53
CA TYR A 5 7.34 2.51 -1.65
C TYR A 5 6.56 2.15 -0.40
N THR A 6 7.22 1.46 0.53
CA THR A 6 6.58 1.05 1.77
C THR A 6 7.08 1.90 2.94
N CYS A 7 6.15 2.48 3.69
CA CYS A 7 6.49 3.31 4.83
C CYS A 7 6.75 2.46 6.07
N LYS A 8 6.86 3.11 7.22
CA LYS A 8 7.11 2.40 8.48
C LYS A 8 5.91 1.55 8.86
N GLU A 9 4.85 2.19 9.34
CA GLU A 9 3.64 1.49 9.74
C GLU A 9 2.39 2.24 9.28
N PRO A 10 1.29 1.50 9.12
CA PRO A 10 0.01 2.08 8.69
C PRO A 10 -0.62 2.95 9.75
N MET A 11 -0.18 4.21 9.83
CA MET A 11 -0.70 5.15 10.81
C MET A 11 -0.18 6.56 10.54
N THR A 12 1.09 6.65 10.15
CA THR A 12 1.71 7.93 9.86
C THR A 12 0.88 8.73 8.87
N SER A 13 0.11 9.69 9.37
CA SER A 13 -0.73 10.53 8.52
C SER A 13 0.12 11.47 7.68
N ALA A 14 1.32 11.77 8.15
CA ALA A 14 2.23 12.66 7.44
C ALA A 14 2.36 12.24 5.97
N SER A 15 2.85 11.02 5.75
CA SER A 15 3.03 10.52 4.40
C SER A 15 3.61 9.10 4.43
N CYS A 16 3.08 8.24 3.57
CA CYS A 16 3.53 6.86 3.49
C CYS A 16 4.20 6.58 2.14
N ARG A 17 5.46 7.02 2.01
CA ARG A 17 6.20 6.81 0.78
C ARG A 17 7.71 6.72 1.07
N THR A 18 8.23 5.50 1.04
CA THR A 18 9.64 5.26 1.30
C THR A 18 10.15 4.03 0.56
N ILE A 19 11.28 4.18 -0.11
CA ILE A 19 11.87 3.08 -0.86
C ILE A 19 12.38 1.98 0.07
N THR A 20 11.79 0.80 -0.04
CA THR A 20 12.17 -0.33 0.79
C THR A 20 12.43 -1.58 -0.05
N ARG A 21 13.40 -2.38 0.35
CA ARG A 21 13.74 -3.60 -0.37
C ARG A 21 12.92 -4.78 0.15
N CYS A 22 12.19 -5.42 -0.75
CA CYS A 22 11.36 -6.56 -0.40
C CYS A 22 12.21 -7.82 -0.22
N LYS A 23 11.55 -8.93 0.09
CA LYS A 23 12.25 -10.20 0.28
C LYS A 23 12.57 -10.86 -1.06
N PRO A 24 13.50 -11.83 -1.03
CA PRO A 24 13.91 -12.56 -2.23
C PRO A 24 12.82 -13.48 -2.75
N GLU A 25 12.00 -14.00 -1.84
CA GLU A 25 10.92 -14.90 -2.22
C GLU A 25 9.80 -14.15 -2.93
N ASP A 26 9.60 -12.90 -2.54
CA ASP A 26 8.57 -12.06 -3.14
C ASP A 26 9.04 -11.49 -4.48
N THR A 27 8.09 -11.22 -5.37
CA THR A 27 8.40 -10.69 -6.69
C THR A 27 7.30 -9.75 -7.18
N ALA A 28 6.52 -9.23 -6.24
CA ALA A 28 5.43 -8.32 -6.57
C ALA A 28 5.16 -7.35 -5.43
N CYS A 29 4.62 -6.18 -5.77
CA CYS A 29 4.31 -5.16 -4.77
C CYS A 29 2.81 -5.08 -4.52
N MET A 30 2.44 -4.65 -3.32
CA MET A 30 1.03 -4.53 -2.95
C MET A 30 0.74 -3.14 -2.40
N THR A 31 -0.37 -2.55 -2.83
CA THR A 31 -0.78 -1.23 -2.38
C THR A 31 -2.23 -1.21 -1.93
N THR A 32 -2.50 -0.49 -0.85
CA THR A 32 -3.87 -0.39 -0.33
C THR A 32 -4.30 1.06 -0.20
N LEU A 33 -5.08 1.53 -1.16
CA LEU A 33 -5.56 2.91 -1.15
C LEU A 33 -6.80 3.05 -0.27
N VAL A 34 -6.75 3.95 0.70
CA VAL A 34 -7.87 4.18 1.60
C VAL A 34 -8.01 5.66 1.93
N THR A 35 -9.09 6.26 1.46
CA THR A 35 -9.35 7.67 1.71
C THR A 35 -10.37 7.86 2.81
N VAL A 36 -11.38 7.00 2.84
CA VAL A 36 -12.43 7.06 3.87
C VAL A 36 -11.83 6.92 5.26
N GLU A 37 -10.72 6.20 5.36
CA GLU A 37 -10.07 5.98 6.64
C GLU A 37 -9.89 7.30 7.40
N ALA A 38 -9.87 7.21 8.72
CA ALA A 38 -9.73 8.39 9.56
C ALA A 38 -9.33 8.01 10.98
N GLU A 39 -8.02 8.02 11.24
CA GLU A 39 -7.50 7.68 12.56
C GLU A 39 -6.22 8.44 12.86
N TYR A 40 -5.69 8.25 14.07
CA TYR A 40 -4.46 8.92 14.48
C TYR A 40 -3.38 8.79 13.41
N PRO A 41 -2.39 9.69 13.46
CA PRO A 41 -2.32 10.73 14.49
C PRO A 41 -3.40 11.80 14.30
N PHE A 42 -3.36 12.83 15.14
CA PHE A 42 -4.34 13.92 15.07
C PHE A 42 -4.57 14.34 13.61
N ASN A 43 -3.51 14.28 12.82
CA ASN A 43 -3.60 14.66 11.41
C ASN A 43 -4.80 14.01 10.74
N GLN A 44 -5.28 14.61 9.65
CA GLN A 44 -6.42 14.07 8.92
C GLN A 44 -6.20 14.17 7.42
N SER A 45 -6.13 13.02 6.75
CA SER A 45 -5.91 12.99 5.31
C SER A 45 -5.86 11.54 4.81
N PRO A 46 -6.06 11.38 3.50
CA PRO A 46 -6.04 10.05 2.86
C PRO A 46 -4.65 9.45 2.82
N VAL A 47 -4.56 8.15 3.11
CA VAL A 47 -3.28 7.45 3.11
C VAL A 47 -3.40 6.10 2.43
N VAL A 48 -2.26 5.44 2.25
CA VAL A 48 -2.24 4.12 1.61
C VAL A 48 -1.17 3.23 2.23
N THR A 49 -1.51 1.96 2.42
CA THR A 49 -0.58 1.00 3.01
C THR A 49 0.02 0.10 1.93
N ARG A 50 1.29 0.33 1.62
CA ARG A 50 1.98 -0.47 0.62
C ARG A 50 2.92 -1.48 1.27
N SER A 51 2.88 -2.72 0.78
CA SER A 51 3.73 -3.78 1.32
C SER A 51 4.07 -4.79 0.24
N CYS A 52 5.15 -5.55 0.47
CA CYS A 52 5.59 -6.56 -0.48
C CYS A 52 4.61 -7.73 -0.54
N SER A 53 4.56 -8.39 -1.68
CA SER A 53 3.66 -9.53 -1.87
C SER A 53 4.25 -10.53 -2.86
N SER A 54 3.97 -11.81 -2.65
CA SER A 54 4.46 -12.86 -3.53
C SER A 54 3.36 -13.39 -4.43
N SER A 55 2.36 -12.53 -4.70
CA SER A 55 1.24 -12.91 -5.54
C SER A 55 0.31 -11.72 -5.78
N CYS A 56 0.60 -10.95 -6.83
CA CYS A 56 -0.20 -9.78 -7.16
C CYS A 56 -1.58 -10.20 -7.67
N VAL A 57 -2.61 -9.87 -6.91
CA VAL A 57 -3.98 -10.20 -7.29
C VAL A 57 -4.97 -9.17 -6.75
N ALA A 58 -5.73 -8.56 -7.67
CA ALA A 58 -6.71 -7.56 -7.29
C ALA A 58 -8.11 -8.16 -7.23
N THR A 59 -8.62 -8.37 -6.02
CA THR A 59 -9.95 -8.93 -5.84
C THR A 59 -10.29 -9.07 -4.36
N ASP A 60 -11.49 -8.64 -3.99
CA ASP A 60 -11.93 -8.70 -2.60
C ASP A 60 -12.60 -10.04 -2.32
N PRO A 61 -12.28 -10.64 -1.16
CA PRO A 61 -12.85 -11.93 -0.74
C PRO A 61 -14.33 -11.82 -0.40
N ASP A 62 -14.61 -11.51 0.87
CA ASP A 62 -15.99 -11.39 1.34
C ASP A 62 -16.39 -9.91 1.43
N SER A 63 -15.47 -9.03 1.04
CA SER A 63 -15.74 -7.60 1.10
C SER A 63 -15.92 -7.13 2.54
N ILE A 64 -15.27 -7.81 3.47
CA ILE A 64 -15.36 -7.47 4.88
C ILE A 64 -14.00 -7.55 5.56
N GLY A 65 -13.38 -6.40 5.77
CA GLY A 65 -12.08 -6.37 6.41
C GLY A 65 -10.97 -5.97 5.45
N ALA A 66 -10.47 -4.74 5.60
CA ALA A 66 -9.40 -4.25 4.75
C ALA A 66 -9.76 -4.40 3.28
N ALA A 67 -11.04 -4.23 2.97
CA ALA A 67 -11.52 -4.36 1.59
C ALA A 67 -11.34 -3.04 0.83
N HIS A 68 -10.12 -2.54 0.80
CA HIS A 68 -9.82 -1.29 0.10
C HIS A 68 -9.30 -1.55 -1.30
N LEU A 69 -8.77 -0.52 -1.94
CA LEU A 69 -8.24 -0.63 -3.29
C LEU A 69 -6.89 -1.34 -3.28
N ILE A 70 -6.86 -2.58 -3.77
CA ILE A 70 -5.64 -3.36 -3.82
C ILE A 70 -4.93 -3.17 -5.15
N PHE A 71 -3.86 -2.36 -5.13
CA PHE A 71 -3.08 -2.09 -6.34
C PHE A 71 -1.72 -2.75 -6.26
N CYS A 72 -1.53 -3.81 -7.04
CA CYS A 72 -0.26 -4.53 -7.05
C CYS A 72 0.41 -4.42 -8.42
N CYS A 73 1.61 -4.97 -8.53
CA CYS A 73 2.36 -4.93 -9.78
C CYS A 73 3.57 -5.86 -9.72
N PHE A 74 4.38 -5.84 -10.77
CA PHE A 74 5.57 -6.67 -10.83
C PHE A 74 6.79 -5.85 -11.25
N ARG A 75 6.85 -4.61 -10.79
CA ARG A 75 7.95 -3.73 -11.12
C ARG A 75 8.31 -2.83 -9.93
N ASP A 76 9.60 -2.62 -9.72
CA ASP A 76 10.07 -1.78 -8.62
C ASP A 76 9.53 -0.36 -8.74
N LEU A 77 8.85 0.10 -7.69
CA LEU A 77 8.28 1.44 -7.68
C LEU A 77 7.36 1.65 -8.88
N CYS A 78 6.63 0.59 -9.25
CA CYS A 78 5.71 0.67 -10.38
C CYS A 78 4.74 1.82 -10.21
N ASN A 79 4.56 2.26 -8.97
CA ASN A 79 3.65 3.36 -8.67
C ASN A 79 4.28 4.33 -7.68
N SER A 80 3.68 5.52 -7.55
CA SER A 80 4.18 6.54 -6.64
C SER A 80 3.09 7.53 -6.28
N GLU A 81 2.27 7.18 -5.29
CA GLU A 81 1.18 8.06 -4.86
C GLU A 81 1.06 8.06 -3.34
N LEU A 82 0.17 8.89 -2.83
CA LEU A 82 -0.05 9.00 -1.39
C LEU A 82 -1.53 9.12 -1.06
N MET A 1 16.92 -6.25 -6.11
CA MET A 1 15.72 -6.93 -5.63
C MET A 1 14.49 -6.05 -5.83
N LEU A 2 13.32 -6.60 -5.51
CA LEU A 2 12.07 -5.86 -5.64
C LEU A 2 11.99 -4.73 -4.62
N LYS A 3 11.76 -3.52 -5.11
CA LYS A 3 11.66 -2.35 -4.24
C LYS A 3 10.28 -1.71 -4.35
N CYS A 4 9.62 -1.51 -3.21
CA CYS A 4 8.30 -0.90 -3.18
C CYS A 4 8.25 0.26 -2.20
N TYR A 5 7.42 1.24 -2.48
CA TYR A 5 7.27 2.41 -1.62
C TYR A 5 6.51 2.05 -0.35
N THR A 6 7.16 1.34 0.56
CA THR A 6 6.54 0.94 1.82
C THR A 6 7.03 1.80 2.97
N CYS A 7 6.09 2.40 3.69
CA CYS A 7 6.42 3.26 4.82
C CYS A 7 6.67 2.43 6.07
N LYS A 8 6.96 3.11 7.18
CA LYS A 8 7.23 2.44 8.45
C LYS A 8 5.99 2.48 9.34
N GLU A 9 5.23 3.56 9.26
CA GLU A 9 4.03 3.73 10.06
C GLU A 9 2.78 3.71 9.18
N PRO A 10 2.39 2.51 8.72
CA PRO A 10 1.21 2.33 7.86
C PRO A 10 -0.09 2.57 8.61
N MET A 11 0.02 2.80 9.92
CA MET A 11 -1.16 3.04 10.74
C MET A 11 -1.34 4.52 10.99
N THR A 12 -0.36 5.14 11.66
CA THR A 12 -0.42 6.56 11.97
C THR A 12 -0.54 7.40 10.69
N SER A 13 -1.37 8.43 10.75
CA SER A 13 -1.56 9.31 9.59
C SER A 13 -0.25 9.94 9.16
N ALA A 14 0.18 9.62 7.95
CA ALA A 14 1.42 10.16 7.40
C ALA A 14 1.67 9.65 5.98
N SER A 15 2.18 10.53 5.13
CA SER A 15 2.47 10.17 3.75
C SER A 15 3.26 8.87 3.67
N CYS A 16 2.57 7.79 3.29
CA CYS A 16 3.20 6.48 3.18
C CYS A 16 3.98 6.37 1.87
N ARG A 17 5.18 6.94 1.85
CA ARG A 17 6.03 6.90 0.66
C ARG A 17 7.51 6.77 1.05
N THR A 18 8.00 5.54 1.04
CA THR A 18 9.40 5.28 1.39
C THR A 18 9.92 4.06 0.66
N ILE A 19 11.08 4.21 0.03
CA ILE A 19 11.71 3.11 -0.71
C ILE A 19 12.18 2.01 0.23
N THR A 20 11.66 0.80 0.03
CA THR A 20 12.04 -0.34 0.87
C THR A 20 12.31 -1.56 0.02
N ARG A 21 13.29 -2.36 0.44
CA ARG A 21 13.66 -3.58 -0.29
C ARG A 21 12.85 -4.77 0.22
N CYS A 22 12.17 -5.44 -0.70
CA CYS A 22 11.35 -6.59 -0.35
C CYS A 22 12.22 -7.85 -0.23
N LYS A 23 11.58 -8.99 -0.01
CA LYS A 23 12.28 -10.25 0.13
C LYS A 23 12.58 -10.86 -1.23
N PRO A 24 13.52 -11.82 -1.26
CA PRO A 24 13.92 -12.49 -2.50
C PRO A 24 12.84 -13.42 -3.04
N GLU A 25 12.04 -13.97 -2.13
CA GLU A 25 10.97 -14.88 -2.51
C GLU A 25 9.82 -14.11 -3.18
N ASP A 26 9.64 -12.86 -2.77
CA ASP A 26 8.59 -12.03 -3.33
C ASP A 26 9.01 -11.44 -4.67
N THR A 27 8.03 -11.16 -5.53
CA THR A 27 8.31 -10.61 -6.85
C THR A 27 7.19 -9.66 -7.28
N ALA A 28 6.42 -9.17 -6.31
CA ALA A 28 5.32 -8.25 -6.59
C ALA A 28 5.08 -7.33 -5.41
N CYS A 29 4.47 -6.18 -5.69
CA CYS A 29 4.17 -5.19 -4.66
C CYS A 29 2.67 -5.11 -4.40
N MET A 30 2.30 -4.70 -3.19
CA MET A 30 0.90 -4.57 -2.82
C MET A 30 0.62 -3.21 -2.19
N THR A 31 -0.50 -2.62 -2.57
CA THR A 31 -0.88 -1.31 -2.05
C THR A 31 -2.36 -1.27 -1.68
N THR A 32 -2.67 -0.68 -0.53
CA THR A 32 -4.05 -0.58 -0.06
C THR A 32 -4.50 0.88 0.00
N LEU A 33 -5.42 1.24 -0.87
CA LEU A 33 -5.95 2.60 -0.92
C LEU A 33 -7.16 2.75 0.00
N VAL A 34 -7.00 3.54 1.06
CA VAL A 34 -8.08 3.78 2.02
C VAL A 34 -8.24 5.27 2.30
N THR A 35 -9.42 5.79 2.01
CA THR A 35 -9.71 7.21 2.25
C THR A 35 -10.51 7.40 3.52
N VAL A 36 -10.61 8.64 3.97
CA VAL A 36 -11.36 8.96 5.19
C VAL A 36 -12.51 9.91 4.88
N GLU A 37 -13.69 9.57 5.39
CA GLU A 37 -14.88 10.38 5.17
C GLU A 37 -15.52 10.79 6.50
N ALA A 38 -16.10 9.82 7.19
CA ALA A 38 -16.74 10.07 8.48
C ALA A 38 -15.84 9.65 9.64
N GLU A 39 -14.53 9.72 9.40
CA GLU A 39 -13.56 9.34 10.43
C GLU A 39 -12.75 10.56 10.88
N TYR A 40 -13.20 11.74 10.49
CA TYR A 40 -12.52 12.97 10.85
C TYR A 40 -12.23 13.02 12.35
N PRO A 41 -11.25 13.85 12.74
CA PRO A 41 -10.48 14.67 11.80
C PRO A 41 -9.56 13.82 10.92
N PHE A 42 -9.09 14.42 9.83
CA PHE A 42 -8.20 13.72 8.91
C PHE A 42 -7.16 14.68 8.33
N ASN A 43 -6.05 14.13 7.83
CA ASN A 43 -4.98 14.92 7.25
C ASN A 43 -5.42 15.56 5.95
N GLN A 44 -4.51 16.29 5.31
CA GLN A 44 -4.81 16.96 4.05
C GLN A 44 -4.73 15.98 2.88
N SER A 45 -4.31 14.75 3.18
CA SER A 45 -4.18 13.71 2.16
C SER A 45 -4.68 12.37 2.68
N PRO A 46 -5.00 11.46 1.75
CA PRO A 46 -5.48 10.11 2.10
C PRO A 46 -4.40 9.25 2.72
N VAL A 47 -4.76 8.01 3.04
CA VAL A 47 -3.81 7.07 3.65
C VAL A 47 -3.80 5.75 2.90
N VAL A 48 -2.62 5.15 2.78
CA VAL A 48 -2.47 3.87 2.09
C VAL A 48 -1.36 3.04 2.70
N THR A 49 -1.54 1.72 2.73
CA THR A 49 -0.54 0.82 3.29
C THR A 49 0.03 -0.09 2.22
N ARG A 50 1.26 0.20 1.80
CA ARG A 50 1.94 -0.58 0.78
C ARG A 50 2.89 -1.59 1.41
N SER A 51 2.87 -2.82 0.90
CA SER A 51 3.73 -3.88 1.42
C SER A 51 4.09 -4.87 0.32
N CYS A 52 5.14 -5.65 0.55
CA CYS A 52 5.60 -6.64 -0.41
C CYS A 52 4.61 -7.81 -0.51
N SER A 53 4.53 -8.41 -1.69
CA SER A 53 3.63 -9.54 -1.91
C SER A 53 4.22 -10.52 -2.92
N SER A 54 3.94 -11.80 -2.71
CA SER A 54 4.44 -12.84 -3.60
C SER A 54 3.33 -13.37 -4.51
N SER A 55 2.33 -12.53 -4.75
CA SER A 55 1.20 -12.92 -5.60
C SER A 55 0.22 -11.76 -5.75
N CYS A 56 0.43 -10.94 -6.77
CA CYS A 56 -0.44 -9.80 -7.02
C CYS A 56 -1.82 -10.25 -7.50
N VAL A 57 -2.83 -10.05 -6.67
CA VAL A 57 -4.19 -10.45 -7.01
C VAL A 57 -5.21 -9.54 -6.32
N ALA A 58 -6.49 -9.87 -6.47
CA ALA A 58 -7.56 -9.10 -5.87
C ALA A 58 -8.07 -9.76 -4.60
N THR A 59 -7.90 -9.08 -3.47
CA THR A 59 -8.34 -9.61 -2.19
C THR A 59 -8.96 -8.51 -1.33
N ASP A 60 -10.25 -8.66 -1.03
CA ASP A 60 -10.96 -7.69 -0.22
C ASP A 60 -11.91 -8.38 0.76
N PRO A 61 -11.36 -8.83 1.90
CA PRO A 61 -12.13 -9.52 2.93
C PRO A 61 -13.08 -8.58 3.66
N ASP A 62 -12.88 -7.29 3.48
CA ASP A 62 -13.73 -6.29 4.12
C ASP A 62 -15.13 -6.29 3.51
N SER A 63 -15.20 -6.10 2.20
CA SER A 63 -16.48 -6.08 1.50
C SER A 63 -17.42 -5.05 2.11
N ILE A 64 -16.84 -4.03 2.72
CA ILE A 64 -17.63 -2.97 3.35
C ILE A 64 -18.16 -1.99 2.32
N GLY A 65 -17.40 -1.81 1.24
CA GLY A 65 -17.81 -0.90 0.19
C GLY A 65 -16.71 -0.63 -0.81
N ALA A 66 -15.88 -1.64 -1.06
CA ALA A 66 -14.78 -1.52 -2.02
C ALA A 66 -13.97 -0.26 -1.75
N ALA A 67 -13.87 0.12 -0.47
CA ALA A 67 -13.12 1.31 -0.09
C ALA A 67 -11.62 1.02 -0.06
N HIS A 68 -11.27 -0.26 0.09
CA HIS A 68 -9.87 -0.66 0.13
C HIS A 68 -9.43 -1.23 -1.21
N LEU A 69 -8.96 -0.36 -2.09
CA LEU A 69 -8.50 -0.78 -3.41
C LEU A 69 -7.11 -1.41 -3.34
N ILE A 70 -6.99 -2.64 -3.83
CA ILE A 70 -5.72 -3.34 -3.82
C ILE A 70 -4.94 -3.10 -5.11
N PHE A 71 -3.93 -2.25 -5.03
CA PHE A 71 -3.11 -1.93 -6.19
C PHE A 71 -1.76 -2.64 -6.12
N CYS A 72 -1.59 -3.67 -6.95
CA CYS A 72 -0.35 -4.43 -6.99
C CYS A 72 0.31 -4.33 -8.35
N CYS A 73 1.59 -4.69 -8.40
CA CYS A 73 2.35 -4.66 -9.65
C CYS A 73 3.52 -5.62 -9.61
N PHE A 74 4.33 -5.60 -10.66
CA PHE A 74 5.50 -6.47 -10.74
C PHE A 74 6.74 -5.69 -11.16
N ARG A 75 6.83 -4.44 -10.71
CA ARG A 75 7.96 -3.59 -11.04
C ARG A 75 8.35 -2.71 -9.84
N ASP A 76 9.64 -2.54 -9.63
CA ASP A 76 10.14 -1.73 -8.53
C ASP A 76 9.60 -0.30 -8.62
N LEU A 77 8.97 0.15 -7.54
CA LEU A 77 8.40 1.50 -7.50
C LEU A 77 7.48 1.74 -8.68
N CYS A 78 6.74 0.71 -9.08
CA CYS A 78 5.82 0.81 -10.21
C CYS A 78 4.92 2.02 -10.06
N ASN A 79 4.72 2.46 -8.82
CA ASN A 79 3.87 3.62 -8.55
C ASN A 79 4.49 4.50 -7.47
N SER A 80 4.85 5.73 -7.84
CA SER A 80 5.45 6.67 -6.91
C SER A 80 4.41 7.67 -6.39
N GLU A 81 3.19 7.19 -6.22
CA GLU A 81 2.10 8.04 -5.72
C GLU A 81 1.86 7.80 -4.24
N LEU A 82 0.93 8.56 -3.66
CA LEU A 82 0.60 8.43 -2.25
C LEU A 82 -0.22 7.19 -1.99
N MET A 1 17.12 -6.38 -6.46
CA MET A 1 16.02 -6.80 -5.60
C MET A 1 14.78 -5.95 -5.85
N LEU A 2 13.62 -6.49 -5.51
CA LEU A 2 12.35 -5.79 -5.71
C LEU A 2 12.21 -4.64 -4.72
N LYS A 3 12.04 -3.43 -5.24
CA LYS A 3 11.89 -2.25 -4.41
C LYS A 3 10.49 -1.67 -4.54
N CYS A 4 9.81 -1.52 -3.40
CA CYS A 4 8.46 -0.97 -3.39
C CYS A 4 8.30 0.04 -2.26
N TYR A 5 7.51 1.07 -2.51
CA TYR A 5 7.26 2.12 -1.51
C TYR A 5 6.44 1.58 -0.35
N THR A 6 7.08 1.41 0.79
CA THR A 6 6.41 0.90 1.98
C THR A 6 6.77 1.72 3.22
N CYS A 7 5.76 2.19 3.94
CA CYS A 7 5.98 2.98 5.14
C CYS A 7 6.17 2.09 6.36
N LYS A 8 7.05 2.52 7.25
CA LYS A 8 7.33 1.76 8.47
C LYS A 8 6.14 1.78 9.42
N GLU A 9 5.38 2.87 9.38
CA GLU A 9 4.20 3.00 10.23
C GLU A 9 2.96 2.47 9.53
N PRO A 10 1.96 2.07 10.34
CA PRO A 10 0.69 1.54 9.82
C PRO A 10 -0.15 2.61 9.13
N MET A 11 -1.43 2.32 8.97
CA MET A 11 -2.35 3.26 8.33
C MET A 11 -2.20 4.66 8.93
N THR A 12 -1.76 4.72 10.17
CA THR A 12 -1.57 5.99 10.86
C THR A 12 -0.90 7.01 9.95
N SER A 13 -1.04 8.28 10.31
CA SER A 13 -0.45 9.37 9.52
C SER A 13 0.98 9.02 9.11
N ALA A 14 1.25 9.11 7.82
CA ALA A 14 2.58 8.81 7.29
C ALA A 14 2.63 9.00 5.78
N SER A 15 3.66 9.70 5.31
CA SER A 15 3.83 9.97 3.89
C SER A 15 3.74 8.67 3.08
N CYS A 16 4.55 7.69 3.45
CA CYS A 16 4.57 6.41 2.77
C CYS A 16 5.01 6.56 1.31
N ARG A 17 6.25 7.01 1.13
CA ARG A 17 6.80 7.21 -0.21
C ARG A 17 8.30 6.99 -0.21
N THR A 18 8.77 6.05 0.60
CA THR A 18 10.19 5.75 0.69
C THR A 18 10.51 4.41 0.04
N ILE A 19 11.62 4.36 -0.68
CA ILE A 19 12.04 3.13 -1.35
C ILE A 19 12.46 2.07 -0.35
N THR A 20 11.63 1.02 -0.23
CA THR A 20 11.92 -0.07 0.70
C THR A 20 12.24 -1.35 -0.05
N ARG A 21 13.17 -2.13 0.48
CA ARG A 21 13.58 -3.39 -0.13
C ARG A 21 12.72 -4.54 0.38
N CYS A 22 12.03 -5.21 -0.55
CA CYS A 22 11.17 -6.34 -0.19
C CYS A 22 11.99 -7.61 0.00
N LYS A 23 11.30 -8.72 0.22
CA LYS A 23 11.96 -10.01 0.42
C LYS A 23 12.39 -10.61 -0.92
N PRO A 24 13.33 -11.56 -0.86
CA PRO A 24 13.84 -12.24 -2.06
C PRO A 24 12.80 -13.16 -2.70
N GLU A 25 11.92 -13.71 -1.87
CA GLU A 25 10.87 -14.60 -2.36
C GLU A 25 9.76 -13.82 -3.04
N ASP A 26 9.54 -12.60 -2.58
CA ASP A 26 8.50 -11.73 -3.15
C ASP A 26 8.97 -11.11 -4.45
N THR A 27 8.03 -10.85 -5.36
CA THR A 27 8.35 -10.27 -6.65
C THR A 27 7.21 -9.36 -7.14
N ALA A 28 6.39 -8.90 -6.20
CA ALA A 28 5.27 -8.03 -6.54
C ALA A 28 4.94 -7.11 -5.37
N CYS A 29 4.52 -5.88 -5.69
CA CYS A 29 4.17 -4.90 -4.68
C CYS A 29 2.67 -4.91 -4.42
N MET A 30 2.28 -4.56 -3.20
CA MET A 30 0.87 -4.51 -2.82
C MET A 30 0.52 -3.19 -2.16
N THR A 31 -0.60 -2.59 -2.59
CA THR A 31 -1.04 -1.32 -2.03
C THR A 31 -2.48 -1.41 -1.56
N THR A 32 -2.72 -0.95 -0.33
CA THR A 32 -4.07 -0.97 0.24
C THR A 32 -4.71 0.41 0.20
N LEU A 33 -5.52 0.64 -0.82
CA LEU A 33 -6.20 1.92 -0.98
C LEU A 33 -7.46 1.98 -0.13
N VAL A 34 -7.47 2.91 0.83
CA VAL A 34 -8.62 3.07 1.71
C VAL A 34 -8.92 4.54 1.95
N THR A 35 -10.09 4.98 1.50
CA THR A 35 -10.52 6.37 1.66
C THR A 35 -11.47 6.52 2.84
N VAL A 36 -11.75 7.77 3.21
CA VAL A 36 -12.65 8.06 4.31
C VAL A 36 -13.37 9.39 4.11
N GLU A 37 -14.64 9.43 4.47
CA GLU A 37 -15.43 10.65 4.33
C GLU A 37 -14.85 11.78 5.17
N ALA A 38 -14.34 11.43 6.34
CA ALA A 38 -13.75 12.41 7.25
C ALA A 38 -13.19 11.75 8.50
N GLU A 39 -11.88 11.55 8.52
CA GLU A 39 -11.23 10.92 9.67
C GLU A 39 -9.71 10.87 9.47
N TYR A 40 -9.00 10.41 10.50
CA TYR A 40 -7.55 10.33 10.44
C TYR A 40 -7.10 9.62 9.17
N PRO A 41 -5.84 9.86 8.78
CA PRO A 41 -4.95 10.77 9.50
C PRO A 41 -5.37 12.22 9.38
N PHE A 42 -4.71 13.09 10.14
CA PHE A 42 -5.03 14.52 10.13
C PHE A 42 -4.93 15.08 8.70
N ASN A 43 -3.99 14.56 7.94
CA ASN A 43 -3.80 15.01 6.56
C ASN A 43 -5.11 14.98 5.79
N GLN A 44 -5.23 15.86 4.81
CA GLN A 44 -6.44 15.94 3.98
C GLN A 44 -6.54 14.72 3.07
N SER A 45 -5.39 14.21 2.62
CA SER A 45 -5.36 13.06 1.73
C SER A 45 -5.79 11.79 2.47
N PRO A 46 -6.19 10.77 1.71
CA PRO A 46 -6.63 9.48 2.27
C PRO A 46 -5.48 8.70 2.91
N VAL A 47 -5.75 7.45 3.26
CA VAL A 47 -4.73 6.59 3.86
C VAL A 47 -4.61 5.27 3.12
N VAL A 48 -3.37 4.79 3.00
CA VAL A 48 -3.13 3.52 2.30
C VAL A 48 -1.91 2.81 2.90
N THR A 49 -2.03 1.49 3.04
CA THR A 49 -0.96 0.68 3.60
C THR A 49 -0.31 -0.19 2.53
N ARG A 50 0.85 0.24 2.03
CA ARG A 50 1.56 -0.50 1.00
C ARG A 50 2.53 -1.51 1.63
N SER A 51 2.54 -2.72 1.08
CA SER A 51 3.42 -3.77 1.59
C SER A 51 3.82 -4.73 0.48
N CYS A 52 4.91 -5.46 0.69
CA CYS A 52 5.41 -6.41 -0.29
C CYS A 52 4.47 -7.61 -0.40
N SER A 53 4.47 -8.26 -1.56
CA SER A 53 3.62 -9.41 -1.79
C SER A 53 4.26 -10.37 -2.79
N SER A 54 3.90 -11.65 -2.69
CA SER A 54 4.45 -12.67 -3.59
C SER A 54 3.37 -13.21 -4.51
N SER A 55 2.36 -12.40 -4.78
CA SER A 55 1.26 -12.80 -5.65
C SER A 55 0.24 -11.67 -5.80
N CYS A 56 0.44 -10.83 -6.80
CA CYS A 56 -0.45 -9.71 -7.05
C CYS A 56 -1.81 -10.20 -7.55
N VAL A 57 -2.81 -10.12 -6.68
CA VAL A 57 -4.17 -10.55 -7.02
C VAL A 57 -5.21 -9.63 -6.41
N ALA A 58 -6.40 -9.63 -7.00
CA ALA A 58 -7.50 -8.79 -6.51
C ALA A 58 -8.39 -9.57 -5.55
N THR A 59 -8.50 -9.08 -4.32
CA THR A 59 -9.32 -9.73 -3.32
C THR A 59 -10.80 -9.57 -3.63
N ASP A 60 -11.66 -9.87 -2.65
CA ASP A 60 -13.09 -9.76 -2.83
C ASP A 60 -13.58 -8.36 -2.45
N PRO A 61 -14.76 -7.99 -2.98
CA PRO A 61 -15.37 -6.67 -2.73
C PRO A 61 -15.85 -6.53 -1.28
N ASP A 62 -15.81 -7.63 -0.55
CA ASP A 62 -16.24 -7.63 0.85
C ASP A 62 -15.29 -6.82 1.71
N SER A 63 -14.00 -7.05 1.53
CA SER A 63 -12.98 -6.34 2.31
C SER A 63 -13.33 -6.34 3.80
N ILE A 64 -12.89 -7.38 4.50
CA ILE A 64 -13.15 -7.51 5.93
C ILE A 64 -12.13 -6.72 6.75
N GLY A 65 -10.93 -6.59 6.21
CA GLY A 65 -9.88 -5.86 6.90
C GLY A 65 -9.44 -4.62 6.14
N ALA A 66 -10.38 -3.71 5.92
CA ALA A 66 -10.08 -2.46 5.21
C ALA A 66 -9.37 -2.75 3.89
N ALA A 67 -9.71 -3.88 3.27
CA ALA A 67 -9.11 -4.26 2.01
C ALA A 67 -10.04 -3.94 0.83
N HIS A 68 -10.37 -2.67 0.68
CA HIS A 68 -11.25 -2.23 -0.40
C HIS A 68 -10.53 -2.31 -1.75
N LEU A 69 -9.69 -1.32 -2.01
CA LEU A 69 -8.94 -1.28 -3.27
C LEU A 69 -7.52 -1.80 -3.09
N ILE A 70 -7.14 -2.76 -3.90
CA ILE A 70 -5.81 -3.36 -3.83
C ILE A 70 -5.03 -3.12 -5.12
N PHE A 71 -4.03 -2.25 -5.05
CA PHE A 71 -3.21 -1.93 -6.22
C PHE A 71 -1.86 -2.61 -6.13
N CYS A 72 -1.63 -3.59 -7.00
CA CYS A 72 -0.37 -4.33 -7.02
C CYS A 72 0.29 -4.25 -8.39
N CYS A 73 1.57 -4.57 -8.45
CA CYS A 73 2.32 -4.54 -9.70
C CYS A 73 3.48 -5.53 -9.67
N PHE A 74 4.29 -5.52 -10.72
CA PHE A 74 5.45 -6.40 -10.82
C PHE A 74 6.69 -5.64 -11.26
N ARG A 75 6.82 -4.41 -10.78
CA ARG A 75 7.96 -3.58 -11.14
C ARG A 75 8.38 -2.70 -9.97
N ASP A 76 9.68 -2.52 -9.78
CA ASP A 76 10.21 -1.71 -8.70
C ASP A 76 9.66 -0.28 -8.78
N LEU A 77 9.04 0.17 -7.69
CA LEU A 77 8.47 1.51 -7.64
C LEU A 77 7.55 1.76 -8.82
N CYS A 78 6.81 0.72 -9.22
CA CYS A 78 5.88 0.83 -10.34
C CYS A 78 5.02 2.09 -10.22
N ASN A 79 4.78 2.51 -8.98
CA ASN A 79 3.97 3.70 -8.73
C ASN A 79 4.32 4.32 -7.37
N SER A 80 4.63 5.61 -7.39
CA SER A 80 4.98 6.32 -6.16
C SER A 80 3.80 7.14 -5.64
N GLU A 81 2.60 6.59 -5.81
CA GLU A 81 1.38 7.27 -5.36
C GLU A 81 1.21 7.13 -3.85
N LEU A 82 0.30 7.93 -3.29
CA LEU A 82 0.03 7.89 -1.86
C LEU A 82 -1.46 8.01 -1.58
N MET A 1 16.68 -6.70 -6.42
CA MET A 1 15.59 -7.05 -5.51
C MET A 1 14.38 -6.14 -5.72
N LEU A 2 13.20 -6.65 -5.39
CA LEU A 2 11.98 -5.88 -5.55
C LEU A 2 11.90 -4.74 -4.52
N LYS A 3 11.74 -3.53 -5.01
CA LYS A 3 11.66 -2.36 -4.13
C LYS A 3 10.30 -1.68 -4.25
N CYS A 4 9.63 -1.51 -3.11
CA CYS A 4 8.32 -0.88 -3.08
C CYS A 4 8.30 0.29 -2.11
N TYR A 5 7.42 1.26 -2.36
CA TYR A 5 7.30 2.43 -1.51
C TYR A 5 6.55 2.09 -0.23
N THR A 6 7.19 1.30 0.63
CA THR A 6 6.58 0.90 1.89
C THR A 6 7.09 1.76 3.04
N CYS A 7 6.17 2.43 3.73
CA CYS A 7 6.52 3.29 4.85
C CYS A 7 6.67 2.48 6.13
N LYS A 8 7.30 3.07 7.13
CA LYS A 8 7.51 2.40 8.41
C LYS A 8 6.27 2.50 9.29
N GLU A 9 5.50 3.57 9.10
CA GLU A 9 4.29 3.78 9.88
C GLU A 9 3.07 3.78 8.97
N PRO A 10 2.62 2.58 8.57
CA PRO A 10 1.46 2.41 7.69
C PRO A 10 0.15 2.76 8.40
N MET A 11 0.25 3.10 9.68
CA MET A 11 -0.92 3.46 10.46
C MET A 11 -1.06 4.97 10.60
N THR A 12 0.08 5.67 10.50
CA THR A 12 0.09 7.12 10.61
C THR A 12 -0.95 7.75 9.71
N SER A 13 -1.42 8.94 10.08
CA SER A 13 -2.42 9.66 9.31
C SER A 13 -1.78 10.37 8.12
N ALA A 14 -0.49 10.66 8.23
CA ALA A 14 0.24 11.34 7.17
C ALA A 14 0.32 10.47 5.92
N SER A 15 1.25 10.81 5.03
CA SER A 15 1.44 10.07 3.79
C SER A 15 2.16 8.75 4.05
N CYS A 16 2.58 8.09 2.98
CA CYS A 16 3.29 6.82 3.08
C CYS A 16 4.07 6.53 1.81
N ARG A 17 5.32 6.97 1.77
CA ARG A 17 6.18 6.76 0.61
C ARG A 17 7.64 6.61 1.03
N THR A 18 8.12 5.37 1.06
CA THR A 18 9.50 5.10 1.45
C THR A 18 10.05 3.89 0.70
N ILE A 19 11.21 4.07 0.07
CA ILE A 19 11.84 2.99 -0.68
C ILE A 19 12.32 1.88 0.25
N THR A 20 11.71 0.70 0.12
CA THR A 20 12.07 -0.44 0.96
C THR A 20 12.35 -1.67 0.10
N ARG A 21 13.32 -2.47 0.52
CA ARG A 21 13.68 -3.68 -0.20
C ARG A 21 12.87 -4.87 0.29
N CYS A 22 12.16 -5.52 -0.63
CA CYS A 22 11.35 -6.68 -0.28
C CYS A 22 12.21 -7.94 -0.18
N LYS A 23 11.56 -9.08 0.03
CA LYS A 23 12.25 -10.35 0.14
C LYS A 23 12.57 -10.92 -1.24
N PRO A 24 13.51 -11.88 -1.28
CA PRO A 24 13.93 -12.52 -2.53
C PRO A 24 12.84 -13.43 -3.11
N GLU A 25 12.04 -14.01 -2.22
CA GLU A 25 10.95 -14.90 -2.64
C GLU A 25 9.82 -14.11 -3.29
N ASP A 26 9.62 -12.88 -2.82
CA ASP A 26 8.58 -12.02 -3.37
C ASP A 26 8.99 -11.42 -4.70
N THR A 27 8.02 -11.20 -5.59
CA THR A 27 8.29 -10.63 -6.89
C THR A 27 7.18 -9.67 -7.32
N ALA A 28 6.43 -9.19 -6.34
CA ALA A 28 5.33 -8.26 -6.60
C ALA A 28 5.09 -7.33 -5.41
N CYS A 29 4.46 -6.20 -5.67
CA CYS A 29 4.15 -5.23 -4.63
C CYS A 29 2.65 -5.13 -4.39
N MET A 30 2.28 -4.73 -3.18
CA MET A 30 0.87 -4.59 -2.83
C MET A 30 0.59 -3.20 -2.25
N THR A 31 -0.50 -2.60 -2.69
CA THR A 31 -0.88 -1.27 -2.22
C THR A 31 -2.34 -1.24 -1.79
N THR A 32 -2.59 -0.67 -0.62
CA THR A 32 -3.95 -0.57 -0.09
C THR A 32 -4.43 0.88 -0.06
N LEU A 33 -5.34 1.21 -0.97
CA LEU A 33 -5.88 2.56 -1.05
C LEU A 33 -6.95 2.79 0.02
N VAL A 34 -6.77 3.83 0.81
CA VAL A 34 -7.73 4.16 1.86
C VAL A 34 -7.90 5.67 2.00
N THR A 35 -9.12 6.14 1.80
CA THR A 35 -9.42 7.57 1.90
C THR A 35 -10.76 7.80 2.60
N VAL A 36 -10.71 8.01 3.91
CA VAL A 36 -11.93 8.25 4.68
C VAL A 36 -12.31 9.73 4.66
N GLU A 37 -13.31 10.08 5.45
CA GLU A 37 -13.78 11.47 5.52
C GLU A 37 -13.19 12.18 6.73
N ALA A 38 -13.17 11.48 7.86
CA ALA A 38 -12.63 12.04 9.10
C ALA A 38 -12.72 11.04 10.24
N GLU A 39 -11.59 10.39 10.52
CA GLU A 39 -11.54 9.40 11.60
C GLU A 39 -10.19 9.45 12.31
N TYR A 40 -10.17 8.98 13.56
CA TYR A 40 -8.94 8.97 14.35
C TYR A 40 -8.09 7.76 14.00
N PRO A 41 -6.77 7.99 13.86
CA PRO A 41 -6.17 9.32 14.02
C PRO A 41 -6.58 10.27 12.89
N PHE A 42 -6.82 11.53 13.25
CA PHE A 42 -7.21 12.54 12.26
C PHE A 42 -6.24 12.54 11.08
N ASN A 43 -6.79 12.51 9.87
CA ASN A 43 -5.97 12.51 8.66
C ASN A 43 -6.46 13.57 7.68
N GLN A 44 -5.60 14.53 7.37
CA GLN A 44 -5.94 15.60 6.45
C GLN A 44 -5.46 15.27 5.04
N SER A 45 -5.47 13.99 4.70
CA SER A 45 -5.03 13.54 3.38
C SER A 45 -5.22 12.04 3.23
N PRO A 46 -5.23 11.56 1.98
CA PRO A 46 -5.39 10.14 1.67
C PRO A 46 -4.18 9.31 2.06
N VAL A 47 -4.42 8.19 2.74
CA VAL A 47 -3.34 7.32 3.17
C VAL A 47 -3.43 5.96 2.50
N VAL A 48 -2.29 5.29 2.37
CA VAL A 48 -2.24 3.97 1.75
C VAL A 48 -1.13 3.11 2.35
N THR A 49 -1.44 1.85 2.62
CA THR A 49 -0.48 0.93 3.19
C THR A 49 0.10 0.00 2.14
N ARG A 50 1.33 0.26 1.72
CA ARG A 50 1.99 -0.55 0.70
C ARG A 50 2.95 -1.54 1.35
N SER A 51 2.95 -2.77 0.83
CA SER A 51 3.82 -3.82 1.37
C SER A 51 4.20 -4.81 0.27
N CYS A 52 5.15 -5.68 0.58
CA CYS A 52 5.62 -6.68 -0.38
C CYS A 52 4.62 -7.83 -0.49
N SER A 53 4.54 -8.42 -1.68
CA SER A 53 3.62 -9.53 -1.93
C SER A 53 4.22 -10.52 -2.92
N SER A 54 3.91 -11.79 -2.72
CA SER A 54 4.43 -12.85 -3.60
C SER A 54 3.31 -13.41 -4.48
N SER A 55 2.31 -12.58 -4.75
CA SER A 55 1.18 -13.00 -5.58
C SER A 55 0.21 -11.84 -5.79
N CYS A 56 0.47 -11.02 -6.80
CA CYS A 56 -0.37 -9.89 -7.11
C CYS A 56 -1.73 -10.34 -7.65
N VAL A 57 -2.79 -10.04 -6.91
CA VAL A 57 -4.13 -10.42 -7.32
C VAL A 57 -5.17 -9.43 -6.79
N ALA A 58 -6.24 -9.25 -7.55
CA ALA A 58 -7.30 -8.33 -7.16
C ALA A 58 -8.50 -9.08 -6.55
N THR A 59 -8.72 -8.89 -5.26
CA THR A 59 -9.82 -9.55 -4.57
C THR A 59 -10.44 -8.64 -3.52
N ASP A 60 -11.69 -8.25 -3.75
CA ASP A 60 -12.40 -7.38 -2.82
C ASP A 60 -13.45 -8.16 -2.03
N PRO A 61 -13.04 -8.74 -0.90
CA PRO A 61 -13.92 -9.51 -0.04
C PRO A 61 -14.96 -8.65 0.67
N ASP A 62 -14.63 -7.38 0.84
CA ASP A 62 -15.53 -6.44 1.50
C ASP A 62 -16.59 -5.92 0.53
N SER A 63 -16.14 -5.18 -0.48
CA SER A 63 -17.05 -4.63 -1.48
C SER A 63 -18.14 -3.80 -0.81
N ILE A 64 -17.84 -3.26 0.36
CA ILE A 64 -18.80 -2.45 1.10
C ILE A 64 -19.00 -1.10 0.43
N GLY A 65 -17.96 -0.61 -0.25
CA GLY A 65 -18.05 0.67 -0.92
C GLY A 65 -16.70 1.15 -1.42
N ALA A 66 -15.88 0.22 -1.91
CA ALA A 66 -14.56 0.56 -2.42
C ALA A 66 -13.77 1.37 -1.40
N ALA A 67 -13.99 1.09 -0.12
CA ALA A 67 -13.29 1.79 0.95
C ALA A 67 -11.84 1.35 1.03
N HIS A 68 -11.55 0.16 0.53
CA HIS A 68 -10.19 -0.37 0.55
C HIS A 68 -9.87 -1.11 -0.75
N LEU A 69 -9.06 -0.49 -1.60
CA LEU A 69 -8.69 -1.07 -2.88
C LEU A 69 -7.34 -1.80 -2.76
N ILE A 70 -7.06 -2.66 -3.74
CA ILE A 70 -5.80 -3.40 -3.74
C ILE A 70 -5.07 -3.23 -5.08
N PHE A 71 -4.02 -2.41 -5.06
CA PHE A 71 -3.23 -2.16 -6.27
C PHE A 71 -1.86 -2.82 -6.17
N CYS A 72 -1.64 -3.83 -6.99
CA CYS A 72 -0.37 -4.55 -6.99
C CYS A 72 0.32 -4.43 -8.35
N CYS A 73 1.62 -4.69 -8.38
CA CYS A 73 2.39 -4.61 -9.62
C CYS A 73 3.58 -5.58 -9.58
N PHE A 74 4.41 -5.53 -10.62
CA PHE A 74 5.57 -6.40 -10.70
C PHE A 74 6.81 -5.59 -11.08
N ARG A 75 6.86 -4.34 -10.65
CA ARG A 75 7.99 -3.46 -10.96
C ARG A 75 8.36 -2.62 -9.74
N ASP A 76 9.66 -2.46 -9.51
CA ASP A 76 10.15 -1.67 -8.39
C ASP A 76 9.63 -0.23 -8.46
N LEU A 77 8.94 0.21 -7.41
CA LEU A 77 8.40 1.56 -7.37
C LEU A 77 7.46 1.81 -8.54
N CYS A 78 6.71 0.78 -8.94
CA CYS A 78 5.78 0.89 -10.04
C CYS A 78 4.87 2.10 -9.88
N ASN A 79 4.68 2.52 -8.62
CA ASN A 79 3.84 3.67 -8.33
C ASN A 79 4.45 4.54 -7.24
N SER A 80 4.61 5.83 -7.52
CA SER A 80 5.20 6.76 -6.56
C SER A 80 4.11 7.42 -5.72
N GLU A 81 2.97 7.70 -6.34
CA GLU A 81 1.86 8.33 -5.65
C GLU A 81 1.21 7.36 -4.66
N LEU A 82 0.40 7.91 -3.76
CA LEU A 82 -0.29 7.10 -2.76
C LEU A 82 -1.46 6.35 -3.38
N MET A 1 16.88 -6.31 -6.39
CA MET A 1 15.76 -6.83 -5.60
C MET A 1 14.52 -5.97 -5.80
N LEU A 2 13.37 -6.52 -5.45
CA LEU A 2 12.11 -5.81 -5.60
C LEU A 2 12.00 -4.69 -4.57
N LYS A 3 11.77 -3.47 -5.06
CA LYS A 3 11.64 -2.31 -4.19
C LYS A 3 10.25 -1.69 -4.31
N CYS A 4 9.61 -1.46 -3.17
CA CYS A 4 8.27 -0.87 -3.15
C CYS A 4 8.20 0.27 -2.13
N TYR A 5 7.42 1.29 -2.46
CA TYR A 5 7.27 2.45 -1.58
C TYR A 5 6.44 2.08 -0.34
N THR A 6 7.09 1.45 0.63
CA THR A 6 6.41 1.04 1.85
C THR A 6 6.94 1.82 3.06
N CYS A 7 6.03 2.42 3.82
CA CYS A 7 6.40 3.19 5.00
C CYS A 7 6.66 2.28 6.19
N LYS A 8 7.35 2.81 7.19
CA LYS A 8 7.67 2.04 8.39
C LYS A 8 6.48 2.00 9.34
N GLU A 9 5.68 3.07 9.33
CA GLU A 9 4.52 3.16 10.19
C GLU A 9 3.23 3.14 9.37
N PRO A 10 2.88 1.96 8.84
CA PRO A 10 1.67 1.78 8.02
C PRO A 10 0.40 1.90 8.85
N MET A 11 -0.05 3.12 9.05
CA MET A 11 -1.27 3.37 9.83
C MET A 11 -1.56 4.86 9.93
N THR A 12 -0.53 5.64 10.26
CA THR A 12 -0.66 7.09 10.38
C THR A 12 -1.30 7.69 9.14
N SER A 13 -2.02 8.79 9.33
CA SER A 13 -2.68 9.47 8.22
C SER A 13 -1.70 10.35 7.45
N ALA A 14 -0.55 9.78 7.11
CA ALA A 14 0.47 10.51 6.38
C ALA A 14 0.48 10.11 4.90
N SER A 15 1.59 10.39 4.23
CA SER A 15 1.73 10.06 2.82
C SER A 15 2.16 8.60 2.63
N CYS A 16 3.00 8.13 3.55
CA CYS A 16 3.49 6.75 3.50
C CYS A 16 4.18 6.48 2.16
N ARG A 17 5.42 6.97 2.03
CA ARG A 17 6.19 6.77 0.81
C ARG A 17 7.67 6.66 1.13
N THR A 18 8.18 5.43 1.14
CA THR A 18 9.59 5.19 1.43
C THR A 18 10.10 3.96 0.68
N ILE A 19 11.26 4.09 0.05
CA ILE A 19 11.86 2.99 -0.70
C ILE A 19 12.29 1.87 0.23
N THR A 20 11.54 0.78 0.23
CA THR A 20 11.84 -0.38 1.07
C THR A 20 12.18 -1.60 0.23
N ARG A 21 13.13 -2.39 0.71
CA ARG A 21 13.55 -3.60 0.00
C ARG A 21 12.72 -4.81 0.46
N CYS A 22 12.07 -5.45 -0.50
CA CYS A 22 11.24 -6.62 -0.20
C CYS A 22 12.11 -7.88 -0.07
N LYS A 23 11.45 -9.02 0.10
CA LYS A 23 12.16 -10.29 0.23
C LYS A 23 12.53 -10.85 -1.14
N PRO A 24 13.49 -11.79 -1.15
CA PRO A 24 13.96 -12.43 -2.39
C PRO A 24 12.91 -13.35 -3.00
N GLU A 25 12.06 -13.92 -2.16
CA GLU A 25 11.01 -14.81 -2.62
C GLU A 25 9.87 -14.03 -3.26
N ASP A 26 9.65 -12.82 -2.79
CA ASP A 26 8.59 -11.97 -3.32
C ASP A 26 9.01 -11.33 -4.64
N THR A 27 8.05 -11.13 -5.52
CA THR A 27 8.32 -10.53 -6.84
C THR A 27 7.20 -9.60 -7.26
N ALA A 28 6.41 -9.14 -6.29
CA ALA A 28 5.30 -8.24 -6.56
C ALA A 28 5.04 -7.32 -5.37
N CYS A 29 4.45 -6.15 -5.65
CA CYS A 29 4.14 -5.19 -4.61
C CYS A 29 2.64 -5.10 -4.37
N MET A 30 2.26 -4.68 -3.17
CA MET A 30 0.85 -4.56 -2.82
C MET A 30 0.55 -3.18 -2.22
N THR A 31 -0.60 -2.62 -2.57
CA THR A 31 -0.99 -1.31 -2.08
C THR A 31 -2.45 -1.31 -1.62
N THR A 32 -2.68 -0.85 -0.39
CA THR A 32 -4.02 -0.79 0.16
C THR A 32 -4.50 0.65 0.33
N LEU A 33 -5.31 1.12 -0.61
CA LEU A 33 -5.83 2.48 -0.56
C LEU A 33 -7.04 2.56 0.35
N VAL A 34 -6.99 3.48 1.31
CA VAL A 34 -8.09 3.66 2.25
C VAL A 34 -8.27 5.14 2.60
N THR A 35 -9.44 5.68 2.31
CA THR A 35 -9.74 7.07 2.60
C THR A 35 -10.56 7.21 3.87
N VAL A 36 -11.45 6.24 4.10
CA VAL A 36 -12.30 6.26 5.29
C VAL A 36 -11.68 5.44 6.41
N GLU A 37 -11.41 6.11 7.54
CA GLU A 37 -10.82 5.45 8.68
C GLU A 37 -11.02 6.28 9.95
N ALA A 38 -11.84 5.77 10.87
CA ALA A 38 -12.11 6.47 12.12
C ALA A 38 -11.30 5.87 13.27
N GLU A 39 -9.99 5.78 13.07
CA GLU A 39 -9.11 5.23 14.10
C GLU A 39 -7.87 6.11 14.29
N TYR A 40 -7.16 5.88 15.39
CA TYR A 40 -5.96 6.66 15.69
C TYR A 40 -4.80 6.23 14.80
N PRO A 41 -3.78 7.10 14.70
CA PRO A 41 -3.76 8.38 15.40
C PRO A 41 -4.78 9.37 14.83
N PHE A 42 -4.77 9.52 13.51
CA PHE A 42 -5.68 10.44 12.84
C PHE A 42 -6.06 9.91 11.47
N ASN A 43 -6.83 10.70 10.72
CA ASN A 43 -7.27 10.32 9.39
C ASN A 43 -7.83 11.52 8.63
N GLN A 44 -7.10 12.63 8.66
CA GLN A 44 -7.52 13.84 7.98
C GLN A 44 -7.43 13.67 6.47
N SER A 45 -6.60 12.75 6.03
CA SER A 45 -6.41 12.49 4.60
C SER A 45 -6.30 11.01 4.33
N PRO A 46 -6.60 10.60 3.07
CA PRO A 46 -6.54 9.19 2.66
C PRO A 46 -5.10 8.68 2.59
N VAL A 47 -4.84 7.60 3.31
CA VAL A 47 -3.51 6.99 3.33
C VAL A 47 -3.53 5.60 2.70
N VAL A 48 -2.39 5.21 2.13
CA VAL A 48 -2.28 3.91 1.49
C VAL A 48 -1.15 3.09 2.12
N THR A 49 -1.49 1.88 2.58
CA THR A 49 -0.50 1.00 3.19
C THR A 49 0.09 0.04 2.17
N ARG A 50 1.26 0.36 1.66
CA ARG A 50 1.93 -0.48 0.68
C ARG A 50 2.82 -1.51 1.37
N SER A 51 2.79 -2.74 0.85
CA SER A 51 3.59 -3.83 1.42
C SER A 51 3.99 -4.83 0.34
N CYS A 52 5.05 -5.58 0.61
CA CYS A 52 5.53 -6.57 -0.35
C CYS A 52 4.56 -7.76 -0.44
N SER A 53 4.53 -8.40 -1.60
CA SER A 53 3.64 -9.53 -1.83
C SER A 53 4.25 -10.51 -2.82
N SER A 54 3.92 -11.79 -2.66
CA SER A 54 4.44 -12.82 -3.55
C SER A 54 3.33 -13.38 -4.44
N SER A 55 2.32 -12.55 -4.70
CA SER A 55 1.20 -12.96 -5.54
C SER A 55 0.20 -11.81 -5.71
N CYS A 56 0.43 -10.99 -6.72
CA CYS A 56 -0.44 -9.86 -6.99
C CYS A 56 -1.81 -10.33 -7.51
N VAL A 57 -2.86 -9.94 -6.80
CA VAL A 57 -4.22 -10.32 -7.19
C VAL A 57 -5.23 -9.26 -6.77
N ALA A 58 -6.39 -9.27 -7.41
CA ALA A 58 -7.45 -8.31 -7.11
C ALA A 58 -8.51 -8.92 -6.21
N THR A 59 -8.57 -8.47 -4.97
CA THR A 59 -9.54 -8.98 -4.00
C THR A 59 -10.73 -8.04 -3.87
N ASP A 60 -11.78 -8.30 -4.64
CA ASP A 60 -12.98 -7.47 -4.61
C ASP A 60 -14.23 -8.33 -4.70
N PRO A 61 -14.62 -8.93 -3.57
CA PRO A 61 -15.81 -9.79 -3.49
C PRO A 61 -17.11 -9.00 -3.63
N ASP A 62 -17.60 -8.50 -2.52
CA ASP A 62 -18.84 -7.72 -2.51
C ASP A 62 -18.57 -6.26 -2.86
N SER A 63 -17.40 -5.77 -2.46
CA SER A 63 -17.01 -4.39 -2.73
C SER A 63 -17.89 -3.42 -1.93
N ILE A 64 -18.33 -3.87 -0.77
CA ILE A 64 -19.18 -3.03 0.09
C ILE A 64 -18.87 -3.28 1.56
N GLY A 65 -18.28 -2.27 2.21
CA GLY A 65 -17.95 -2.39 3.61
C GLY A 65 -16.53 -2.86 3.83
N ALA A 66 -15.64 -1.94 4.22
CA ALA A 66 -14.25 -2.28 4.46
C ALA A 66 -13.61 -2.90 3.22
N ALA A 67 -13.97 -2.38 2.05
CA ALA A 67 -13.43 -2.89 0.80
C ALA A 67 -12.33 -1.98 0.26
N HIS A 68 -11.17 -2.04 0.91
CA HIS A 68 -10.02 -1.23 0.51
C HIS A 68 -9.50 -1.66 -0.86
N LEU A 69 -9.05 -0.70 -1.66
CA LEU A 69 -8.53 -0.99 -2.98
C LEU A 69 -7.16 -1.65 -2.89
N ILE A 70 -6.98 -2.73 -3.67
CA ILE A 70 -5.72 -3.46 -3.67
C ILE A 70 -4.97 -3.23 -4.98
N PHE A 71 -3.99 -2.33 -4.95
CA PHE A 71 -3.20 -2.02 -6.13
C PHE A 71 -1.84 -2.71 -6.06
N CYS A 72 -1.65 -3.72 -6.91
CA CYS A 72 -0.40 -4.47 -6.94
C CYS A 72 0.26 -4.35 -8.31
N CYS A 73 1.55 -4.64 -8.37
CA CYS A 73 2.31 -4.57 -9.61
C CYS A 73 3.48 -5.55 -9.60
N PHE A 74 4.30 -5.50 -10.65
CA PHE A 74 5.46 -6.38 -10.76
C PHE A 74 6.70 -5.60 -11.18
N ARG A 75 6.80 -4.36 -10.70
CA ARG A 75 7.94 -3.51 -11.03
C ARG A 75 8.33 -2.65 -9.83
N ASP A 76 9.63 -2.50 -9.62
CA ASP A 76 10.14 -1.70 -8.51
C ASP A 76 9.61 -0.26 -8.59
N LEU A 77 8.98 0.19 -7.51
CA LEU A 77 8.42 1.54 -7.47
C LEU A 77 7.49 1.79 -8.64
N CYS A 78 6.73 0.76 -9.02
CA CYS A 78 5.79 0.86 -10.13
C CYS A 78 4.91 2.09 -9.98
N ASN A 79 4.71 2.52 -8.73
CA ASN A 79 3.88 3.69 -8.45
C ASN A 79 4.51 4.55 -7.35
N SER A 80 4.82 5.79 -7.68
CA SER A 80 5.43 6.71 -6.74
C SER A 80 4.37 7.57 -6.06
N GLU A 81 3.34 7.94 -6.82
CA GLU A 81 2.26 8.77 -6.29
C GLU A 81 1.35 7.95 -5.38
N LEU A 82 0.55 8.65 -4.57
CA LEU A 82 -0.37 7.99 -3.65
C LEU A 82 -1.54 7.36 -4.40
N MET A 1 17.10 -6.02 -6.60
CA MET A 1 15.98 -6.61 -5.86
C MET A 1 14.72 -5.78 -6.02
N LEU A 2 13.58 -6.36 -5.66
CA LEU A 2 12.30 -5.67 -5.76
C LEU A 2 12.16 -4.61 -4.68
N LYS A 3 11.90 -3.38 -5.09
CA LYS A 3 11.75 -2.27 -4.15
C LYS A 3 10.40 -1.60 -4.34
N CYS A 4 9.64 -1.48 -3.25
CA CYS A 4 8.33 -0.86 -3.29
C CYS A 4 8.20 0.20 -2.20
N TYR A 5 7.33 1.18 -2.43
CA TYR A 5 7.12 2.26 -1.47
C TYR A 5 6.27 1.77 -0.29
N THR A 6 6.93 1.29 0.75
CA THR A 6 6.25 0.79 1.94
C THR A 6 6.78 1.47 3.20
N CYS A 7 5.89 2.10 3.94
CA CYS A 7 6.26 2.78 5.18
C CYS A 7 6.29 1.81 6.36
N LYS A 8 6.87 2.25 7.47
CA LYS A 8 6.95 1.41 8.66
C LYS A 8 5.58 1.24 9.30
N GLU A 9 5.03 2.33 9.83
CA GLU A 9 3.73 2.29 10.47
C GLU A 9 2.64 2.84 9.54
N PRO A 10 1.39 2.47 9.80
CA PRO A 10 0.24 2.91 9.00
C PRO A 10 -0.05 4.39 9.18
N MET A 11 0.52 5.22 8.30
CA MET A 11 0.32 6.66 8.37
C MET A 11 0.61 7.31 7.01
N THR A 12 -0.44 7.73 6.32
CA THR A 12 -0.29 8.38 5.02
C THR A 12 0.13 9.83 5.16
N SER A 13 -0.33 10.48 6.23
CA SER A 13 0.00 11.87 6.48
C SER A 13 1.50 12.05 6.68
N ALA A 14 2.16 10.98 7.13
CA ALA A 14 3.60 11.01 7.35
C ALA A 14 4.37 10.52 6.13
N SER A 15 3.80 10.77 4.95
CA SER A 15 4.43 10.36 3.70
C SER A 15 4.76 8.86 3.73
N CYS A 16 3.83 8.05 3.22
CA CYS A 16 4.03 6.60 3.19
C CYS A 16 4.64 6.16 1.87
N ARG A 17 5.55 6.98 1.35
CA ARG A 17 6.22 6.68 0.09
C ARG A 17 7.72 6.48 0.29
N THR A 18 8.07 5.59 1.22
CA THR A 18 9.47 5.31 1.52
C THR A 18 9.95 4.07 0.78
N ILE A 19 11.13 4.15 0.17
CA ILE A 19 11.70 3.04 -0.57
C ILE A 19 12.08 1.90 0.37
N THR A 20 11.39 0.77 0.24
CA THR A 20 11.66 -0.39 1.08
C THR A 20 12.05 -1.60 0.23
N ARG A 21 12.98 -2.40 0.74
CA ARG A 21 13.44 -3.59 0.03
C ARG A 21 12.60 -4.80 0.42
N CYS A 22 12.00 -5.45 -0.58
CA CYS A 22 11.17 -6.63 -0.34
C CYS A 22 12.03 -7.88 -0.18
N LYS A 23 11.39 -9.01 0.06
CA LYS A 23 12.09 -10.27 0.23
C LYS A 23 12.50 -10.86 -1.11
N PRO A 24 13.44 -11.80 -1.09
CA PRO A 24 13.94 -12.46 -2.30
C PRO A 24 12.90 -13.39 -2.92
N GLU A 25 12.03 -13.95 -2.09
CA GLU A 25 10.99 -14.86 -2.55
C GLU A 25 9.87 -14.09 -3.24
N ASP A 26 9.65 -12.85 -2.79
CA ASP A 26 8.60 -12.01 -3.36
C ASP A 26 9.10 -11.33 -4.64
N THR A 27 8.17 -11.06 -5.54
CA THR A 27 8.50 -10.40 -6.81
C THR A 27 7.38 -9.48 -7.27
N ALA A 28 6.55 -9.05 -6.32
CA ALA A 28 5.44 -8.15 -6.63
C ALA A 28 5.10 -7.27 -5.43
N CYS A 29 4.55 -6.10 -5.70
CA CYS A 29 4.18 -5.16 -4.65
C CYS A 29 2.67 -5.18 -4.40
N MET A 30 2.27 -4.87 -3.18
CA MET A 30 0.86 -4.86 -2.81
C MET A 30 0.49 -3.55 -2.12
N THR A 31 -0.74 -3.11 -2.34
CA THR A 31 -1.23 -1.87 -1.73
C THR A 31 -2.68 -1.99 -1.31
N THR A 32 -3.01 -1.40 -0.16
CA THR A 32 -4.37 -1.45 0.37
C THR A 32 -4.97 -0.05 0.46
N LEU A 33 -6.02 0.19 -0.30
CA LEU A 33 -6.69 1.49 -0.31
C LEU A 33 -7.90 1.47 0.62
N VAL A 34 -7.91 2.39 1.59
CA VAL A 34 -9.01 2.48 2.54
C VAL A 34 -9.19 3.92 3.03
N THR A 35 -10.38 4.22 3.53
CA THR A 35 -10.68 5.56 4.04
C THR A 35 -11.50 5.49 5.32
N VAL A 36 -10.86 5.80 6.44
CA VAL A 36 -11.53 5.76 7.74
C VAL A 36 -11.09 6.94 8.61
N GLU A 37 -11.61 6.98 9.83
CA GLU A 37 -11.27 8.06 10.76
C GLU A 37 -9.75 8.22 10.88
N ALA A 38 -9.33 9.35 11.43
CA ALA A 38 -7.91 9.63 11.61
C ALA A 38 -7.69 10.98 12.28
N GLU A 39 -7.40 10.96 13.58
CA GLU A 39 -7.17 12.19 14.32
C GLU A 39 -5.91 12.90 13.83
N TYR A 40 -5.90 14.22 13.99
CA TYR A 40 -4.76 15.03 13.56
C TYR A 40 -3.53 14.74 14.42
N PRO A 41 -2.34 15.00 13.86
CA PRO A 41 -2.21 15.53 12.50
C PRO A 41 -2.59 14.51 11.43
N PHE A 42 -3.12 14.99 10.32
CA PHE A 42 -3.53 14.12 9.22
C PHE A 42 -3.57 14.88 7.90
N ASN A 43 -3.79 14.14 6.81
CA ASN A 43 -3.85 14.75 5.49
C ASN A 43 -5.27 14.67 4.92
N GLN A 44 -5.51 15.39 3.83
CA GLN A 44 -6.82 15.39 3.19
C GLN A 44 -7.10 14.05 2.52
N SER A 45 -6.07 13.44 1.97
CA SER A 45 -6.21 12.16 1.29
C SER A 45 -6.41 11.03 2.30
N PRO A 46 -6.94 9.90 1.83
CA PRO A 46 -7.21 8.73 2.68
C PRO A 46 -5.92 8.05 3.13
N VAL A 47 -6.06 6.87 3.74
CA VAL A 47 -4.91 6.12 4.22
C VAL A 47 -4.76 4.80 3.47
N VAL A 48 -3.53 4.43 3.18
CA VAL A 48 -3.25 3.18 2.46
C VAL A 48 -1.97 2.53 2.96
N THR A 49 -1.99 1.20 3.08
CA THR A 49 -0.82 0.46 3.55
C THR A 49 -0.24 -0.40 2.44
N ARG A 50 0.97 -0.07 2.01
CA ARG A 50 1.64 -0.81 0.96
C ARG A 50 2.60 -1.84 1.54
N SER A 51 2.55 -3.06 1.02
CA SER A 51 3.41 -4.14 1.50
C SER A 51 3.79 -5.07 0.36
N CYS A 52 4.92 -5.75 0.50
CA CYS A 52 5.40 -6.67 -0.52
C CYS A 52 4.50 -7.90 -0.61
N SER A 53 4.48 -8.52 -1.79
CA SER A 53 3.64 -9.69 -2.01
C SER A 53 4.28 -10.62 -3.03
N SER A 54 4.01 -11.92 -2.91
CA SER A 54 4.57 -12.91 -3.83
C SER A 54 3.48 -13.46 -4.74
N SER A 55 2.42 -12.69 -4.93
CA SER A 55 1.31 -13.11 -5.79
C SER A 55 0.32 -11.96 -5.99
N CYS A 56 0.59 -11.12 -6.96
CA CYS A 56 -0.28 -9.98 -7.27
C CYS A 56 -1.61 -10.45 -7.83
N VAL A 57 -2.67 -10.26 -7.06
CA VAL A 57 -4.01 -10.66 -7.49
C VAL A 57 -5.07 -9.68 -7.00
N ALA A 58 -6.18 -9.62 -7.70
CA ALA A 58 -7.28 -8.72 -7.34
C ALA A 58 -8.38 -9.48 -6.60
N THR A 59 -8.56 -9.18 -5.32
CA THR A 59 -9.58 -9.83 -4.50
C THR A 59 -10.89 -9.04 -4.53
N ASP A 60 -11.32 -8.67 -5.74
CA ASP A 60 -12.55 -7.92 -5.90
C ASP A 60 -13.71 -8.85 -6.28
N PRO A 61 -14.60 -9.12 -5.31
CA PRO A 61 -15.76 -9.99 -5.51
C PRO A 61 -16.80 -9.36 -6.42
N ASP A 62 -17.71 -8.58 -5.83
CA ASP A 62 -18.76 -7.92 -6.60
C ASP A 62 -18.39 -6.46 -6.86
N SER A 63 -17.53 -5.90 -6.02
CA SER A 63 -17.12 -4.51 -6.15
C SER A 63 -18.30 -3.56 -5.98
N ILE A 64 -19.29 -3.99 -5.21
CA ILE A 64 -20.47 -3.19 -4.96
C ILE A 64 -20.17 -2.03 -4.01
N GLY A 65 -19.21 -2.25 -3.11
CA GLY A 65 -18.83 -1.23 -2.17
C GLY A 65 -17.42 -0.73 -2.38
N ALA A 66 -16.52 -1.65 -2.73
CA ALA A 66 -15.12 -1.31 -2.96
C ALA A 66 -14.56 -0.49 -1.80
N ALA A 67 -14.89 -0.88 -0.58
CA ALA A 67 -14.42 -0.19 0.61
C ALA A 67 -12.92 -0.38 0.80
N HIS A 68 -12.40 -1.51 0.30
CA HIS A 68 -10.99 -1.81 0.42
C HIS A 68 -10.46 -2.44 -0.86
N LEU A 69 -9.69 -1.67 -1.62
CA LEU A 69 -9.12 -2.13 -2.87
C LEU A 69 -7.75 -2.77 -2.65
N ILE A 70 -7.26 -3.50 -3.65
CA ILE A 70 -5.96 -4.14 -3.56
C ILE A 70 -5.17 -3.98 -4.85
N PHE A 71 -4.25 -3.02 -4.86
CA PHE A 71 -3.43 -2.76 -6.04
C PHE A 71 -2.09 -3.47 -5.93
N CYS A 72 -1.58 -3.95 -7.06
CA CYS A 72 -0.31 -4.64 -7.09
C CYS A 72 0.38 -4.46 -8.44
N CYS A 73 1.69 -4.69 -8.47
CA CYS A 73 2.47 -4.54 -9.70
C CYS A 73 3.67 -5.48 -9.69
N PHE A 74 4.49 -5.38 -10.74
CA PHE A 74 5.68 -6.21 -10.85
C PHE A 74 6.89 -5.40 -11.27
N ARG A 75 6.97 -4.17 -10.75
CA ARG A 75 8.08 -3.28 -11.07
C ARG A 75 8.44 -2.40 -9.87
N ASP A 76 9.73 -2.23 -9.63
CA ASP A 76 10.21 -1.42 -8.52
C ASP A 76 9.64 0.00 -8.59
N LEU A 77 8.94 0.41 -7.55
CA LEU A 77 8.34 1.74 -7.50
C LEU A 77 7.38 1.96 -8.67
N CYS A 78 6.65 0.91 -9.03
CA CYS A 78 5.69 0.98 -10.12
C CYS A 78 4.79 2.19 -9.98
N ASN A 79 4.65 2.68 -8.75
CA ASN A 79 3.81 3.84 -8.47
C ASN A 79 4.51 4.81 -7.52
N SER A 80 3.96 6.02 -7.40
CA SER A 80 4.53 7.03 -6.53
C SER A 80 3.62 8.25 -6.43
N GLU A 81 2.77 8.25 -5.41
CA GLU A 81 1.84 9.36 -5.20
C GLU A 81 2.58 10.63 -4.80
N LEU A 82 3.72 10.45 -4.13
CA LEU A 82 4.52 11.58 -3.68
C LEU A 82 5.68 11.85 -4.64
N MET A 1 16.89 -6.57 -6.53
CA MET A 1 15.85 -6.92 -5.57
C MET A 1 14.61 -6.05 -5.77
N LEU A 2 13.46 -6.60 -5.42
CA LEU A 2 12.19 -5.86 -5.56
C LEU A 2 12.10 -4.74 -4.54
N LYS A 3 11.87 -3.53 -5.02
CA LYS A 3 11.75 -2.37 -4.15
C LYS A 3 10.40 -1.68 -4.32
N CYS A 4 9.72 -1.42 -3.22
CA CYS A 4 8.42 -0.77 -3.24
C CYS A 4 8.37 0.39 -2.27
N TYR A 5 7.51 1.37 -2.56
CA TYR A 5 7.38 2.55 -1.71
C TYR A 5 6.60 2.20 -0.44
N THR A 6 7.24 1.47 0.46
CA THR A 6 6.62 1.08 1.71
C THR A 6 7.14 1.92 2.87
N CYS A 7 6.21 2.48 3.66
CA CYS A 7 6.58 3.31 4.80
C CYS A 7 6.92 2.44 6.01
N LYS A 8 7.08 3.09 7.16
CA LYS A 8 7.40 2.38 8.39
C LYS A 8 6.25 1.49 8.84
N GLU A 9 5.19 2.11 9.35
CA GLU A 9 4.02 1.37 9.81
C GLU A 9 2.73 2.12 9.46
N PRO A 10 1.60 1.39 9.45
CA PRO A 10 0.29 1.96 9.14
C PRO A 10 -0.21 2.90 10.22
N MET A 11 -0.29 4.19 9.90
CA MET A 11 -0.75 5.19 10.86
C MET A 11 -1.42 6.35 10.14
N THR A 12 -1.78 7.38 10.90
CA THR A 12 -2.44 8.56 10.33
C THR A 12 -1.68 9.08 9.11
N SER A 13 -2.32 9.97 8.37
CA SER A 13 -1.70 10.54 7.18
C SER A 13 -0.28 11.02 7.47
N ALA A 14 0.68 10.49 6.73
CA ALA A 14 2.07 10.87 6.91
C ALA A 14 2.90 10.52 5.68
N SER A 15 2.28 10.66 4.50
CA SER A 15 2.96 10.37 3.25
C SER A 15 3.68 9.02 3.32
N CYS A 16 2.93 7.95 3.08
CA CYS A 16 3.50 6.61 3.13
C CYS A 16 4.17 6.26 1.80
N ARG A 17 5.38 6.81 1.60
CA ARG A 17 6.13 6.55 0.38
C ARG A 17 7.63 6.53 0.67
N THR A 18 8.17 5.34 0.87
CA THR A 18 9.59 5.18 1.17
C THR A 18 10.15 3.96 0.44
N ILE A 19 11.31 4.14 -0.19
CA ILE A 19 11.97 3.06 -0.91
C ILE A 19 12.44 1.96 0.04
N THR A 20 11.78 0.81 0.00
CA THR A 20 12.12 -0.31 0.85
C THR A 20 12.38 -1.56 0.03
N ARG A 21 13.33 -2.38 0.49
CA ARG A 21 13.68 -3.61 -0.21
C ARG A 21 12.83 -4.77 0.30
N CYS A 22 12.12 -5.43 -0.61
CA CYS A 22 11.27 -6.57 -0.24
C CYS A 22 12.10 -7.84 -0.09
N LYS A 23 11.41 -8.95 0.13
CA LYS A 23 12.08 -10.25 0.30
C LYS A 23 12.50 -10.82 -1.05
N PRO A 24 13.43 -11.79 -1.03
CA PRO A 24 13.93 -12.44 -2.24
C PRO A 24 12.87 -13.33 -2.89
N GLU A 25 11.98 -13.87 -2.07
CA GLU A 25 10.92 -14.75 -2.57
C GLU A 25 9.82 -13.94 -3.24
N ASP A 26 9.55 -12.75 -2.70
CA ASP A 26 8.52 -11.88 -3.24
C ASP A 26 8.97 -11.25 -4.55
N THR A 27 8.02 -11.05 -5.46
CA THR A 27 8.32 -10.45 -6.75
C THR A 27 7.19 -9.54 -7.22
N ALA A 28 6.40 -9.07 -6.27
CA ALA A 28 5.27 -8.19 -6.59
C ALA A 28 4.97 -7.25 -5.42
N CYS A 29 4.61 -6.01 -5.74
CA CYS A 29 4.31 -5.02 -4.72
C CYS A 29 2.80 -4.94 -4.48
N MET A 30 2.42 -4.50 -3.29
CA MET A 30 1.01 -4.37 -2.94
C MET A 30 0.71 -3.00 -2.34
N THR A 31 -0.40 -2.40 -2.76
CA THR A 31 -0.79 -1.09 -2.27
C THR A 31 -2.27 -1.06 -1.88
N THR A 32 -2.55 -0.53 -0.69
CA THR A 32 -3.93 -0.45 -0.20
C THR A 32 -4.43 0.99 -0.22
N LEU A 33 -5.33 1.28 -1.15
CA LEU A 33 -5.90 2.63 -1.26
C LEU A 33 -7.08 2.80 -0.33
N VAL A 34 -6.97 3.78 0.57
CA VAL A 34 -8.04 4.06 1.53
C VAL A 34 -8.34 5.55 1.59
N THR A 35 -9.53 5.93 1.14
CA THR A 35 -9.94 7.33 1.15
C THR A 35 -10.74 7.65 2.40
N VAL A 36 -10.86 8.95 2.70
CA VAL A 36 -11.60 9.40 3.87
C VAL A 36 -12.20 10.79 3.66
N GLU A 37 -12.86 11.31 4.68
CA GLU A 37 -13.46 12.64 4.59
C GLU A 37 -12.42 13.71 4.34
N ALA A 38 -12.86 14.95 4.26
CA ALA A 38 -11.95 16.07 4.03
C ALA A 38 -11.55 16.75 5.34
N GLU A 39 -11.47 15.95 6.40
CA GLU A 39 -11.10 16.46 7.71
C GLU A 39 -9.64 16.11 8.05
N TYR A 40 -9.22 16.46 9.25
CA TYR A 40 -7.86 16.19 9.70
C TYR A 40 -7.47 14.75 9.39
N PRO A 41 -6.15 14.49 9.32
CA PRO A 41 -5.14 15.54 9.51
C PRO A 41 -5.10 16.54 8.37
N PHE A 42 -4.25 17.55 8.50
CA PHE A 42 -4.13 18.58 7.47
C PHE A 42 -3.92 17.97 6.10
N ASN A 43 -3.27 16.81 6.07
CA ASN A 43 -2.99 16.11 4.82
C ASN A 43 -4.26 16.02 3.97
N GLN A 44 -4.22 16.64 2.79
CA GLN A 44 -5.36 16.63 1.88
C GLN A 44 -5.53 15.25 1.26
N SER A 45 -4.43 14.63 0.86
CA SER A 45 -4.47 13.32 0.24
C SER A 45 -4.84 12.25 1.26
N PRO A 46 -5.46 11.16 0.78
CA PRO A 46 -5.88 10.04 1.64
C PRO A 46 -4.69 9.25 2.19
N VAL A 47 -4.99 8.12 2.80
CA VAL A 47 -3.95 7.26 3.37
C VAL A 47 -3.91 5.91 2.68
N VAL A 48 -2.72 5.34 2.55
CA VAL A 48 -2.55 4.04 1.91
C VAL A 48 -1.40 3.27 2.55
N THR A 49 -1.52 1.95 2.56
CA THR A 49 -0.50 1.08 3.14
C THR A 49 0.10 0.16 2.08
N ARG A 50 1.32 0.46 1.66
CA ARG A 50 1.99 -0.35 0.65
C ARG A 50 2.90 -1.38 1.30
N SER A 51 2.84 -2.62 0.84
CA SER A 51 3.66 -3.69 1.38
C SER A 51 4.04 -4.69 0.29
N CYS A 52 5.06 -5.49 0.56
CA CYS A 52 5.52 -6.50 -0.39
C CYS A 52 4.54 -7.65 -0.49
N SER A 53 4.53 -8.32 -1.64
CA SER A 53 3.62 -9.45 -1.87
C SER A 53 4.24 -10.45 -2.82
N SER A 54 3.84 -11.72 -2.69
CA SER A 54 4.36 -12.78 -3.54
C SER A 54 3.26 -13.35 -4.43
N SER A 55 2.27 -12.50 -4.75
CA SER A 55 1.15 -12.92 -5.59
C SER A 55 0.18 -11.78 -5.80
N CYS A 56 0.44 -10.96 -6.81
CA CYS A 56 -0.42 -9.83 -7.12
C CYS A 56 -1.78 -10.29 -7.66
N VAL A 57 -2.83 -10.03 -6.88
CA VAL A 57 -4.18 -10.42 -7.28
C VAL A 57 -5.22 -9.46 -6.71
N ALA A 58 -6.37 -9.40 -7.36
CA ALA A 58 -7.45 -8.53 -6.91
C ALA A 58 -8.49 -9.30 -6.11
N THR A 59 -8.60 -8.97 -4.82
CA THR A 59 -9.55 -9.65 -3.94
C THR A 59 -9.64 -8.94 -2.59
N ASP A 60 -10.85 -8.87 -2.05
CA ASP A 60 -11.07 -8.22 -0.76
C ASP A 60 -12.06 -9.02 0.08
N PRO A 61 -11.55 -10.07 0.76
CA PRO A 61 -12.37 -10.93 1.61
C PRO A 61 -12.84 -10.23 2.88
N ASP A 62 -12.00 -10.25 3.91
CA ASP A 62 -12.33 -9.62 5.18
C ASP A 62 -12.31 -8.09 5.04
N SER A 63 -11.16 -7.56 4.66
CA SER A 63 -11.01 -6.11 4.48
C SER A 63 -11.21 -5.39 5.81
N ILE A 64 -10.91 -6.08 6.92
CA ILE A 64 -11.05 -5.50 8.24
C ILE A 64 -10.02 -4.40 8.47
N GLY A 65 -8.86 -4.53 7.84
CA GLY A 65 -7.81 -3.55 7.99
C GLY A 65 -7.87 -2.47 6.93
N ALA A 66 -9.07 -1.94 6.70
CA ALA A 66 -9.26 -0.89 5.71
C ALA A 66 -8.63 -1.27 4.38
N ALA A 67 -9.03 -2.42 3.86
CA ALA A 67 -8.51 -2.92 2.58
C ALA A 67 -9.50 -2.66 1.44
N HIS A 68 -9.68 -1.40 1.09
CA HIS A 68 -10.60 -1.02 0.03
C HIS A 68 -10.07 -1.48 -1.33
N LEU A 69 -9.12 -0.73 -1.87
CA LEU A 69 -8.53 -1.07 -3.16
C LEU A 69 -7.19 -1.77 -2.99
N ILE A 70 -6.86 -2.66 -3.92
CA ILE A 70 -5.61 -3.40 -3.87
C ILE A 70 -4.84 -3.26 -5.18
N PHE A 71 -3.93 -2.30 -5.22
CA PHE A 71 -3.12 -2.06 -6.42
C PHE A 71 -1.75 -2.72 -6.29
N CYS A 72 -1.51 -3.73 -7.13
CA CYS A 72 -0.24 -4.44 -7.11
C CYS A 72 0.45 -4.36 -8.46
N CYS A 73 1.71 -4.79 -8.51
CA CYS A 73 2.48 -4.78 -9.74
C CYS A 73 3.68 -5.73 -9.66
N PHE A 74 4.50 -5.73 -10.70
CA PHE A 74 5.68 -6.59 -10.74
C PHE A 74 6.92 -5.80 -11.15
N ARG A 75 6.99 -4.55 -10.70
CA ARG A 75 8.12 -3.69 -11.03
C ARG A 75 8.46 -2.77 -9.84
N ASP A 76 9.75 -2.58 -9.61
CA ASP A 76 10.21 -1.73 -8.52
C ASP A 76 9.67 -0.31 -8.66
N LEU A 77 9.00 0.17 -7.62
CA LEU A 77 8.43 1.51 -7.62
C LEU A 77 7.50 1.70 -8.82
N CYS A 78 6.79 0.64 -9.19
CA CYS A 78 5.87 0.69 -10.32
C CYS A 78 4.95 1.90 -10.22
N ASN A 79 4.72 2.36 -8.99
CA ASN A 79 3.86 3.51 -8.77
C ASN A 79 4.45 4.42 -7.69
N SER A 80 3.65 5.38 -7.24
CA SER A 80 4.09 6.33 -6.22
C SER A 80 2.93 7.21 -5.75
N GLU A 81 2.20 6.71 -4.76
CA GLU A 81 1.05 7.45 -4.22
C GLU A 81 0.98 7.30 -2.70
N LEU A 82 0.24 8.19 -2.06
CA LEU A 82 0.08 8.15 -0.60
C LEU A 82 -1.34 8.54 -0.20
N MET A 1 16.98 -6.48 -6.55
CA MET A 1 16.00 -6.68 -5.47
C MET A 1 14.74 -5.86 -5.74
N LEU A 2 13.59 -6.46 -5.44
CA LEU A 2 12.31 -5.78 -5.64
C LEU A 2 12.13 -4.64 -4.64
N LYS A 3 11.85 -3.45 -5.16
CA LYS A 3 11.66 -2.28 -4.32
C LYS A 3 10.23 -1.76 -4.44
N CYS A 4 9.61 -1.48 -3.29
CA CYS A 4 8.25 -0.98 -3.26
C CYS A 4 8.12 0.20 -2.29
N TYR A 5 7.29 1.17 -2.65
CA TYR A 5 7.08 2.35 -1.82
C TYR A 5 6.30 1.99 -0.56
N THR A 6 7.00 1.50 0.45
CA THR A 6 6.37 1.12 1.70
C THR A 6 6.90 1.95 2.87
N CYS A 7 6.00 2.46 3.68
CA CYS A 7 6.38 3.28 4.84
C CYS A 7 6.78 2.40 6.02
N LYS A 8 7.00 3.03 7.16
CA LYS A 8 7.39 2.30 8.37
C LYS A 8 6.25 1.41 8.86
N GLU A 9 5.19 2.04 9.34
CA GLU A 9 4.03 1.30 9.84
C GLU A 9 2.74 2.09 9.63
N PRO A 10 1.61 1.38 9.64
CA PRO A 10 0.29 2.00 9.46
C PRO A 10 -0.12 2.86 10.65
N MET A 11 0.09 4.17 10.53
CA MET A 11 -0.26 5.10 11.59
C MET A 11 -0.19 6.54 11.09
N THR A 12 0.88 6.87 10.36
CA THR A 12 1.06 8.22 9.83
C THR A 12 -0.13 8.64 8.98
N SER A 13 -0.59 9.87 9.17
CA SER A 13 -1.73 10.38 8.42
C SER A 13 -1.46 10.34 6.92
N ALA A 14 -0.24 10.70 6.53
CA ALA A 14 0.14 10.71 5.13
C ALA A 14 1.63 10.43 4.96
N SER A 15 2.15 10.70 3.77
CA SER A 15 3.57 10.48 3.49
C SER A 15 3.96 9.04 3.82
N CYS A 16 3.05 8.11 3.57
CA CYS A 16 3.30 6.70 3.84
C CYS A 16 3.81 5.99 2.59
N ARG A 17 4.91 6.50 2.04
CA ARG A 17 5.50 5.93 0.83
C ARG A 17 7.01 6.16 0.81
N THR A 18 7.78 5.10 1.08
CA THR A 18 9.23 5.19 1.09
C THR A 18 9.85 4.00 0.37
N ILE A 19 11.03 4.22 -0.22
CA ILE A 19 11.73 3.16 -0.93
C ILE A 19 12.22 2.09 0.03
N THR A 20 11.63 0.90 -0.07
CA THR A 20 12.00 -0.22 0.79
C THR A 20 12.28 -1.47 -0.03
N ARG A 21 13.24 -2.27 0.43
CA ARG A 21 13.61 -3.49 -0.26
C ARG A 21 12.77 -4.67 0.22
N CYS A 22 12.10 -5.33 -0.71
CA CYS A 22 11.25 -6.47 -0.37
C CYS A 22 12.09 -7.73 -0.17
N LYS A 23 11.42 -8.85 0.10
CA LYS A 23 12.11 -10.12 0.33
C LYS A 23 12.47 -10.77 -1.01
N PRO A 24 13.40 -11.74 -0.96
CA PRO A 24 13.85 -12.47 -2.15
C PRO A 24 12.78 -13.41 -2.69
N GLU A 25 11.94 -13.91 -1.80
CA GLU A 25 10.88 -14.83 -2.19
C GLU A 25 9.75 -14.08 -2.91
N ASP A 26 9.57 -12.82 -2.54
CA ASP A 26 8.53 -11.99 -3.15
C ASP A 26 9.00 -11.42 -4.49
N THR A 27 8.05 -11.14 -5.37
CA THR A 27 8.37 -10.60 -6.69
C THR A 27 7.28 -9.66 -7.17
N ALA A 28 6.48 -9.15 -6.24
CA ALA A 28 5.39 -8.24 -6.57
C ALA A 28 5.11 -7.28 -5.42
N CYS A 29 4.57 -6.11 -5.75
CA CYS A 29 4.25 -5.11 -4.74
C CYS A 29 2.75 -5.04 -4.50
N MET A 30 2.37 -4.66 -3.28
CA MET A 30 0.97 -4.55 -2.92
C MET A 30 0.66 -3.19 -2.31
N THR A 31 -0.53 -2.66 -2.61
CA THR A 31 -0.94 -1.36 -2.10
C THR A 31 -2.39 -1.39 -1.64
N THR A 32 -2.64 -0.84 -0.46
CA THR A 32 -3.99 -0.80 0.09
C THR A 32 -4.55 0.61 0.09
N LEU A 33 -5.46 0.88 -0.83
CA LEU A 33 -6.07 2.20 -0.94
C LEU A 33 -7.34 2.29 -0.09
N VAL A 34 -7.37 3.25 0.83
CA VAL A 34 -8.52 3.44 1.70
C VAL A 34 -8.67 4.90 2.10
N THR A 35 -9.92 5.38 2.12
CA THR A 35 -10.19 6.76 2.48
C THR A 35 -11.43 6.87 3.36
N VAL A 36 -11.23 6.79 4.67
CA VAL A 36 -12.33 6.87 5.62
C VAL A 36 -12.37 8.24 6.30
N GLU A 37 -13.53 8.58 6.86
CA GLU A 37 -13.70 9.85 7.54
C GLU A 37 -14.05 9.65 9.01
N ALA A 38 -14.80 8.58 9.29
CA ALA A 38 -15.20 8.26 10.65
C ALA A 38 -14.24 7.29 11.31
N GLU A 39 -12.99 7.30 10.84
CA GLU A 39 -11.97 6.42 11.38
C GLU A 39 -10.57 7.00 11.18
N TYR A 40 -9.57 6.32 11.68
CA TYR A 40 -8.18 6.77 11.57
C TYR A 40 -7.81 7.01 10.11
N PRO A 41 -6.77 7.83 9.89
CA PRO A 41 -6.03 8.48 10.97
C PRO A 41 -6.86 9.54 11.68
N PHE A 42 -6.27 10.15 12.71
CA PHE A 42 -6.95 11.19 13.48
C PHE A 42 -7.56 12.24 12.54
N ASN A 43 -6.75 12.76 11.63
CA ASN A 43 -7.21 13.78 10.70
C ASN A 43 -7.72 13.13 9.41
N GLN A 44 -8.76 13.71 8.84
CA GLN A 44 -9.36 13.19 7.60
C GLN A 44 -8.42 13.39 6.42
N SER A 45 -8.07 12.31 5.75
CA SER A 45 -7.17 12.36 4.61
C SER A 45 -6.96 10.97 4.00
N PRO A 46 -6.51 10.94 2.74
CA PRO A 46 -6.27 9.69 2.02
C PRO A 46 -5.07 8.93 2.56
N VAL A 47 -5.31 7.72 3.06
CA VAL A 47 -4.25 6.90 3.62
C VAL A 47 -4.18 5.54 2.92
N VAL A 48 -2.97 5.04 2.73
CA VAL A 48 -2.77 3.74 2.08
C VAL A 48 -1.57 3.01 2.67
N THR A 49 -1.69 1.69 2.80
CA THR A 49 -0.62 0.88 3.35
C THR A 49 -0.02 -0.04 2.28
N ARG A 50 1.14 0.35 1.77
CA ARG A 50 1.82 -0.45 0.75
C ARG A 50 2.76 -1.46 1.38
N SER A 51 2.72 -2.69 0.87
CA SER A 51 3.57 -3.76 1.38
C SER A 51 3.92 -4.75 0.27
N CYS A 52 5.01 -5.48 0.47
CA CYS A 52 5.47 -6.47 -0.51
C CYS A 52 4.51 -7.65 -0.56
N SER A 53 4.46 -8.32 -1.72
CA SER A 53 3.59 -9.47 -1.90
C SER A 53 4.20 -10.46 -2.89
N SER A 54 3.90 -11.73 -2.70
CA SER A 54 4.42 -12.78 -3.58
C SER A 54 3.32 -13.32 -4.48
N SER A 55 2.32 -12.49 -4.75
CA SER A 55 1.20 -12.88 -5.60
C SER A 55 0.26 -11.71 -5.83
N CYS A 56 0.53 -10.94 -6.87
CA CYS A 56 -0.30 -9.78 -7.21
C CYS A 56 -1.67 -10.22 -7.71
N VAL A 57 -2.69 -9.97 -6.91
CA VAL A 57 -4.06 -10.34 -7.27
C VAL A 57 -5.07 -9.38 -6.65
N ALA A 58 -6.08 -8.99 -7.45
CA ALA A 58 -7.10 -8.07 -6.98
C ALA A 58 -8.37 -8.83 -6.57
N THR A 59 -8.65 -8.86 -5.28
CA THR A 59 -9.82 -9.55 -4.77
C THR A 59 -10.15 -9.12 -3.35
N ASP A 60 -11.14 -8.25 -3.22
CA ASP A 60 -11.55 -7.74 -1.91
C ASP A 60 -12.22 -8.84 -1.09
N PRO A 61 -11.57 -9.24 0.01
CA PRO A 61 -12.10 -10.28 0.89
C PRO A 61 -13.33 -9.83 1.67
N ASP A 62 -13.09 -9.20 2.82
CA ASP A 62 -14.19 -8.72 3.65
C ASP A 62 -14.40 -7.21 3.46
N SER A 63 -13.30 -6.51 3.20
CA SER A 63 -13.36 -5.06 2.99
C SER A 63 -13.80 -4.35 4.27
N ILE A 64 -13.52 -4.98 5.41
CA ILE A 64 -13.89 -4.40 6.70
C ILE A 64 -12.70 -3.73 7.37
N GLY A 65 -11.50 -4.23 7.07
CA GLY A 65 -10.29 -3.67 7.65
C GLY A 65 -9.54 -2.81 6.67
N ALA A 66 -10.19 -1.77 6.16
CA ALA A 66 -9.57 -0.87 5.20
C ALA A 66 -9.04 -1.62 3.99
N ALA A 67 -9.70 -2.72 3.66
CA ALA A 67 -9.29 -3.53 2.51
C ALA A 67 -10.18 -3.27 1.30
N HIS A 68 -10.38 -1.99 0.99
CA HIS A 68 -11.20 -1.59 -0.14
C HIS A 68 -10.51 -1.93 -1.46
N LEU A 69 -9.58 -1.09 -1.87
CA LEU A 69 -8.84 -1.30 -3.11
C LEU A 69 -7.50 -1.99 -2.84
N ILE A 70 -7.05 -2.81 -3.79
CA ILE A 70 -5.79 -3.52 -3.65
C ILE A 70 -5.01 -3.50 -4.97
N PHE A 71 -4.09 -2.56 -5.10
CA PHE A 71 -3.28 -2.45 -6.30
C PHE A 71 -1.97 -3.21 -6.16
N CYS A 72 -1.50 -3.80 -7.26
CA CYS A 72 -0.26 -4.56 -7.25
C CYS A 72 0.42 -4.49 -8.61
N CYS A 73 1.72 -4.77 -8.62
CA CYS A 73 2.50 -4.75 -9.86
C CYS A 73 3.67 -5.72 -9.79
N PHE A 74 4.51 -5.70 -10.81
CA PHE A 74 5.68 -6.58 -10.87
C PHE A 74 6.93 -5.81 -11.27
N ARG A 75 7.02 -4.56 -10.82
CA ARG A 75 8.16 -3.71 -11.14
C ARG A 75 8.52 -2.81 -9.95
N ASP A 76 9.81 -2.63 -9.72
CA ASP A 76 10.29 -1.79 -8.63
C ASP A 76 9.72 -0.38 -8.75
N LEU A 77 9.09 0.08 -7.67
CA LEU A 77 8.50 1.42 -7.65
C LEU A 77 7.62 1.64 -8.88
N CYS A 78 6.89 0.60 -9.27
CA CYS A 78 6.00 0.69 -10.42
C CYS A 78 5.11 1.93 -10.34
N ASN A 79 4.88 2.40 -9.11
CA ASN A 79 4.06 3.57 -8.89
C ASN A 79 4.68 4.50 -7.86
N SER A 80 4.12 5.70 -7.72
CA SER A 80 4.63 6.68 -6.77
C SER A 80 3.74 7.92 -6.73
N GLU A 81 2.77 7.92 -5.82
CA GLU A 81 1.85 9.04 -5.69
C GLU A 81 2.45 10.13 -4.80
N LEU A 82 3.32 9.73 -3.88
CA LEU A 82 3.96 10.67 -2.97
C LEU A 82 5.34 10.16 -2.55
N MET A 1 17.13 -6.49 -6.78
CA MET A 1 16.06 -6.99 -5.93
C MET A 1 14.80 -6.13 -6.07
N LEU A 2 13.66 -6.73 -5.80
CA LEU A 2 12.38 -6.02 -5.90
C LEU A 2 12.25 -4.98 -4.79
N LYS A 3 11.98 -3.74 -5.18
CA LYS A 3 11.82 -2.65 -4.22
C LYS A 3 10.45 -2.01 -4.34
N CYS A 4 9.81 -1.78 -3.20
CA CYS A 4 8.49 -1.17 -3.17
C CYS A 4 8.44 -0.01 -2.18
N TYR A 5 7.57 0.96 -2.45
CA TYR A 5 7.43 2.12 -1.59
C TYR A 5 6.67 1.76 -0.31
N THR A 6 7.34 1.02 0.57
CA THR A 6 6.74 0.61 1.83
C THR A 6 7.21 1.49 2.97
N CYS A 7 6.25 2.09 3.68
CA CYS A 7 6.57 2.97 4.80
C CYS A 7 6.76 2.16 6.08
N LYS A 8 6.97 2.86 7.19
CA LYS A 8 7.18 2.21 8.48
C LYS A 8 5.89 1.56 8.97
N GLU A 9 4.96 2.37 9.43
CA GLU A 9 3.68 1.86 9.94
C GLU A 9 2.54 2.80 9.54
N PRO A 10 1.30 2.29 9.61
CA PRO A 10 0.10 3.05 9.26
C PRO A 10 -0.19 4.15 10.27
N MET A 11 0.36 5.33 10.02
CA MET A 11 0.15 6.47 10.92
C MET A 11 -1.06 7.28 10.48
N THR A 12 -1.15 8.52 10.96
CA THR A 12 -2.26 9.40 10.63
C THR A 12 -2.32 9.66 9.12
N SER A 13 -3.02 10.72 8.75
CA SER A 13 -3.16 11.08 7.33
C SER A 13 -1.81 10.99 6.62
N ALA A 14 -0.73 11.25 7.35
CA ALA A 14 0.60 11.19 6.79
C ALA A 14 0.71 10.11 5.72
N SER A 15 0.80 10.53 4.47
CA SER A 15 0.88 9.59 3.35
C SER A 15 1.96 8.55 3.61
N CYS A 16 1.97 7.50 2.79
CA CYS A 16 2.95 6.43 2.94
C CYS A 16 3.86 6.37 1.72
N ARG A 17 5.01 7.02 1.82
CA ARG A 17 5.98 7.04 0.72
C ARG A 17 7.39 6.82 1.24
N THR A 18 7.86 5.57 1.16
CA THR A 18 9.19 5.23 1.62
C THR A 18 9.75 4.04 0.84
N ILE A 19 10.92 4.24 0.22
CA ILE A 19 11.56 3.19 -0.56
C ILE A 19 12.08 2.08 0.35
N THR A 20 11.72 0.85 0.02
CA THR A 20 12.15 -0.32 0.79
C THR A 20 12.38 -1.52 -0.10
N ARG A 21 13.36 -2.34 0.28
CA ARG A 21 13.69 -3.55 -0.49
C ARG A 21 12.90 -4.74 0.00
N CYS A 22 12.14 -5.36 -0.90
CA CYS A 22 11.33 -6.52 -0.56
C CYS A 22 12.20 -7.77 -0.43
N LYS A 23 11.56 -8.90 -0.18
CA LYS A 23 12.27 -10.16 -0.03
C LYS A 23 12.59 -10.78 -1.39
N PRO A 24 13.53 -11.73 -1.41
CA PRO A 24 13.95 -12.41 -2.65
C PRO A 24 12.86 -13.34 -3.19
N GLU A 25 12.06 -13.89 -2.28
CA GLU A 25 10.98 -14.80 -2.67
C GLU A 25 9.84 -14.03 -3.33
N ASP A 26 9.64 -12.80 -2.89
CA ASP A 26 8.57 -11.97 -3.44
C ASP A 26 8.98 -11.38 -4.79
N THR A 27 8.00 -11.12 -5.64
CA THR A 27 8.26 -10.57 -6.96
C THR A 27 7.14 -9.61 -7.39
N ALA A 28 6.38 -9.13 -6.41
CA ALA A 28 5.28 -8.21 -6.69
C ALA A 28 5.01 -7.32 -5.48
N CYS A 29 4.54 -6.10 -5.75
CA CYS A 29 4.24 -5.15 -4.69
C CYS A 29 2.73 -5.08 -4.42
N MET A 30 2.37 -4.65 -3.23
CA MET A 30 0.97 -4.53 -2.85
C MET A 30 0.67 -3.17 -2.23
N THR A 31 -0.50 -2.63 -2.53
CA THR A 31 -0.90 -1.33 -2.00
C THR A 31 -2.34 -1.36 -1.51
N THR A 32 -2.56 -0.87 -0.29
CA THR A 32 -3.90 -0.85 0.30
C THR A 32 -4.46 0.57 0.30
N LEU A 33 -5.58 0.75 -0.40
CA LEU A 33 -6.22 2.06 -0.48
C LEU A 33 -7.34 2.19 0.55
N VAL A 34 -7.22 3.18 1.43
CA VAL A 34 -8.22 3.40 2.46
C VAL A 34 -8.42 4.89 2.72
N THR A 35 -9.67 5.35 2.61
CA THR A 35 -10.00 6.74 2.83
C THR A 35 -11.30 6.89 3.62
N VAL A 36 -11.18 7.25 4.89
CA VAL A 36 -12.34 7.43 5.76
C VAL A 36 -12.20 8.67 6.62
N GLU A 37 -12.78 9.78 6.16
CA GLU A 37 -12.72 11.04 6.89
C GLU A 37 -13.95 11.21 7.78
N ALA A 38 -14.41 10.11 8.37
CA ALA A 38 -15.58 10.13 9.24
C ALA A 38 -15.16 10.16 10.70
N GLU A 39 -13.92 10.58 10.96
CA GLU A 39 -13.41 10.65 12.32
C GLU A 39 -12.00 11.25 12.34
N TYR A 40 -11.59 11.74 13.50
CA TYR A 40 -10.27 12.34 13.65
C TYR A 40 -9.21 11.27 13.87
N PRO A 41 -7.95 11.62 13.57
CA PRO A 41 -7.60 12.95 13.07
C PRO A 41 -8.10 13.19 11.65
N PHE A 42 -7.88 14.39 11.14
CA PHE A 42 -8.30 14.74 9.79
C PHE A 42 -7.22 15.54 9.06
N ASN A 43 -7.20 15.43 7.74
CA ASN A 43 -6.21 16.14 6.93
C ASN A 43 -6.66 16.20 5.47
N GLN A 44 -5.84 16.83 4.64
CA GLN A 44 -6.14 16.95 3.21
C GLN A 44 -5.38 15.91 2.41
N SER A 45 -5.57 14.65 2.74
CA SER A 45 -4.91 13.56 2.04
C SER A 45 -5.33 12.21 2.60
N PRO A 46 -5.56 11.24 1.70
CA PRO A 46 -5.98 9.88 2.08
C PRO A 46 -4.86 9.10 2.77
N VAL A 47 -5.08 7.81 2.96
CA VAL A 47 -4.09 6.96 3.60
C VAL A 47 -4.00 5.59 2.93
N VAL A 48 -2.78 5.09 2.78
CA VAL A 48 -2.56 3.79 2.14
C VAL A 48 -1.33 3.10 2.73
N THR A 49 -1.40 1.77 2.79
CA THR A 49 -0.29 0.98 3.33
C THR A 49 0.26 0.02 2.29
N ARG A 50 1.45 0.33 1.77
CA ARG A 50 2.08 -0.51 0.77
C ARG A 50 2.94 -1.59 1.42
N SER A 51 2.88 -2.80 0.87
CA SER A 51 3.64 -3.93 1.40
C SER A 51 4.00 -4.91 0.29
N CYS A 52 5.11 -5.62 0.48
CA CYS A 52 5.57 -6.60 -0.50
C CYS A 52 4.63 -7.79 -0.56
N SER A 53 4.57 -8.45 -1.71
CA SER A 53 3.71 -9.62 -1.89
C SER A 53 4.32 -10.59 -2.89
N SER A 54 3.91 -11.85 -2.79
CA SER A 54 4.43 -12.89 -3.68
C SER A 54 3.31 -13.43 -4.58
N SER A 55 2.30 -12.60 -4.82
CA SER A 55 1.17 -12.99 -5.66
C SER A 55 0.19 -11.84 -5.82
N CYS A 56 0.43 -11.01 -6.83
CA CYS A 56 -0.43 -9.86 -7.09
C CYS A 56 -1.80 -10.31 -7.60
N VAL A 57 -2.85 -9.96 -6.87
CA VAL A 57 -4.21 -10.33 -7.25
C VAL A 57 -5.22 -9.28 -6.77
N ALA A 58 -6.25 -9.06 -7.59
CA ALA A 58 -7.28 -8.08 -7.25
C ALA A 58 -8.52 -8.77 -6.69
N THR A 59 -8.78 -8.56 -5.40
CA THR A 59 -9.93 -9.16 -4.73
C THR A 59 -10.37 -8.32 -3.55
N ASP A 60 -11.24 -7.34 -3.81
CA ASP A 60 -11.76 -6.47 -2.76
C ASP A 60 -12.72 -7.22 -1.85
N PRO A 61 -12.94 -6.68 -0.64
CA PRO A 61 -13.84 -7.29 0.35
C PRO A 61 -15.30 -7.18 -0.07
N ASP A 62 -15.93 -6.06 0.28
CA ASP A 62 -17.33 -5.84 -0.06
C ASP A 62 -17.47 -5.18 -1.44
N SER A 63 -16.57 -4.23 -1.71
CA SER A 63 -16.59 -3.52 -2.99
C SER A 63 -17.98 -2.94 -3.26
N ILE A 64 -18.69 -2.60 -2.19
CA ILE A 64 -20.03 -2.02 -2.33
C ILE A 64 -19.96 -0.51 -2.53
N GLY A 65 -18.95 0.12 -1.95
CA GLY A 65 -18.78 1.56 -2.09
C GLY A 65 -17.34 1.97 -2.19
N ALA A 66 -16.51 1.10 -2.77
CA ALA A 66 -15.09 1.38 -2.94
C ALA A 66 -14.46 1.82 -1.61
N ALA A 67 -14.83 1.13 -0.53
CA ALA A 67 -14.30 1.43 0.79
C ALA A 67 -12.82 1.08 0.89
N HIS A 68 -12.39 0.10 0.10
CA HIS A 68 -11.00 -0.34 0.11
C HIS A 68 -10.63 -0.94 -1.24
N LEU A 69 -9.37 -0.75 -1.63
CA LEU A 69 -8.88 -1.29 -2.91
C LEU A 69 -7.47 -1.85 -2.75
N ILE A 70 -7.07 -2.70 -3.68
CA ILE A 70 -5.75 -3.31 -3.66
C ILE A 70 -5.01 -3.09 -4.98
N PHE A 71 -3.91 -2.35 -4.91
CA PHE A 71 -3.11 -2.06 -6.10
C PHE A 71 -1.77 -2.77 -6.04
N CYS A 72 -1.57 -3.75 -6.92
CA CYS A 72 -0.33 -4.50 -6.96
C CYS A 72 0.33 -4.40 -8.34
N CYS A 73 1.63 -4.69 -8.39
CA CYS A 73 2.36 -4.63 -9.65
C CYS A 73 3.55 -5.60 -9.63
N PHE A 74 4.35 -5.56 -10.68
CA PHE A 74 5.51 -6.43 -10.78
C PHE A 74 6.75 -5.65 -11.21
N ARG A 75 6.85 -4.42 -10.73
CA ARG A 75 7.98 -3.56 -11.06
C ARG A 75 8.41 -2.73 -9.86
N ASP A 76 9.73 -2.57 -9.69
CA ASP A 76 10.27 -1.80 -8.58
C ASP A 76 9.74 -0.37 -8.59
N LEU A 77 9.14 0.04 -7.49
CA LEU A 77 8.60 1.39 -7.38
C LEU A 77 7.64 1.69 -8.53
N CYS A 78 6.89 0.68 -8.95
CA CYS A 78 5.95 0.84 -10.05
C CYS A 78 5.05 2.04 -9.82
N ASN A 79 4.87 2.41 -8.55
CA ASN A 79 4.03 3.55 -8.20
C ASN A 79 4.63 4.34 -7.04
N SER A 80 4.88 5.63 -7.28
CA SER A 80 5.47 6.49 -6.25
C SER A 80 4.40 7.33 -5.57
N GLU A 81 3.44 7.80 -6.36
CA GLU A 81 2.34 8.62 -5.83
C GLU A 81 1.41 7.78 -4.96
N LEU A 82 0.65 8.44 -4.10
CA LEU A 82 -0.29 7.76 -3.22
C LEU A 82 -1.63 7.55 -3.92
N MET A 1 17.02 -6.19 -6.40
CA MET A 1 15.91 -6.68 -5.59
C MET A 1 14.66 -5.83 -5.79
N LEU A 2 13.49 -6.42 -5.54
CA LEU A 2 12.23 -5.70 -5.70
C LEU A 2 12.08 -4.64 -4.62
N LYS A 3 11.85 -3.40 -5.05
CA LYS A 3 11.68 -2.29 -4.12
C LYS A 3 10.26 -1.72 -4.20
N CYS A 4 9.64 -1.53 -3.04
CA CYS A 4 8.28 -1.00 -2.98
C CYS A 4 8.21 0.20 -2.03
N TYR A 5 7.30 1.11 -2.32
CA TYR A 5 7.13 2.30 -1.49
C TYR A 5 6.37 1.97 -0.20
N THR A 6 7.00 1.15 0.65
CA THR A 6 6.39 0.75 1.91
C THR A 6 6.87 1.62 3.05
N CYS A 7 5.93 2.28 3.72
CA CYS A 7 6.25 3.15 4.84
C CYS A 7 6.40 2.36 6.13
N LYS A 8 6.78 3.05 7.21
CA LYS A 8 6.96 2.40 8.51
C LYS A 8 5.61 1.96 9.08
N GLU A 9 4.83 2.93 9.57
CA GLU A 9 3.53 2.63 10.15
C GLU A 9 2.41 3.07 9.21
N PRO A 10 1.23 2.47 9.38
CA PRO A 10 0.05 2.78 8.57
C PRO A 10 -0.51 4.17 8.85
N MET A 11 -0.17 5.12 7.98
CA MET A 11 -0.64 6.49 8.13
C MET A 11 -0.17 7.36 6.97
N THR A 12 -1.05 7.59 6.01
CA THR A 12 -0.72 8.40 4.85
C THR A 12 -0.81 9.89 5.17
N SER A 13 -1.21 10.20 6.39
CA SER A 13 -1.34 11.58 6.84
C SER A 13 -0.09 12.38 6.49
N ALA A 14 1.07 11.84 6.85
CA ALA A 14 2.34 12.50 6.57
C ALA A 14 2.81 12.21 5.16
N SER A 15 3.26 10.98 4.92
CA SER A 15 3.75 10.58 3.61
C SER A 15 4.20 9.12 3.62
N CYS A 16 3.27 8.22 3.30
CA CYS A 16 3.57 6.78 3.28
C CYS A 16 4.30 6.41 2.00
N ARG A 17 5.50 6.96 1.82
CA ARG A 17 6.30 6.68 0.63
C ARG A 17 7.77 6.51 1.00
N THR A 18 8.20 5.26 1.14
CA THR A 18 9.58 4.95 1.50
C THR A 18 10.10 3.76 0.70
N ILE A 19 11.26 3.93 0.08
CA ILE A 19 11.87 2.87 -0.72
C ILE A 19 12.36 1.74 0.18
N THR A 20 11.60 0.65 0.23
CA THR A 20 11.95 -0.51 1.03
C THR A 20 12.28 -1.72 0.17
N ARG A 21 13.25 -2.50 0.59
CA ARG A 21 13.66 -3.69 -0.15
C ARG A 21 12.85 -4.90 0.29
N CYS A 22 12.15 -5.52 -0.66
CA CYS A 22 11.34 -6.70 -0.36
C CYS A 22 12.21 -7.96 -0.32
N LYS A 23 11.56 -9.11 -0.15
CA LYS A 23 12.27 -10.38 -0.09
C LYS A 23 12.59 -10.88 -1.50
N PRO A 24 13.54 -11.84 -1.57
CA PRO A 24 13.96 -12.42 -2.84
C PRO A 24 12.88 -13.30 -3.47
N GLU A 25 12.06 -13.91 -2.63
CA GLU A 25 10.99 -14.78 -3.10
C GLU A 25 9.85 -13.97 -3.69
N ASP A 26 9.65 -12.76 -3.16
CA ASP A 26 8.59 -11.88 -3.64
C ASP A 26 9.03 -11.16 -4.91
N THR A 27 8.07 -10.89 -5.78
CA THR A 27 8.34 -10.20 -7.03
C THR A 27 7.18 -9.29 -7.43
N ALA A 28 6.39 -8.89 -6.45
CA ALA A 28 5.25 -8.01 -6.69
C ALA A 28 4.94 -7.16 -5.47
N CYS A 29 4.47 -5.94 -5.71
CA CYS A 29 4.15 -5.02 -4.63
C CYS A 29 2.65 -5.05 -4.33
N MET A 30 2.29 -4.74 -3.08
CA MET A 30 0.90 -4.73 -2.66
C MET A 30 0.54 -3.41 -1.98
N THR A 31 -0.69 -2.97 -2.18
CA THR A 31 -1.16 -1.72 -1.59
C THR A 31 -2.63 -1.81 -1.21
N THR A 32 -2.91 -1.65 0.09
CA THR A 32 -4.28 -1.71 0.58
C THR A 32 -4.92 -0.33 0.63
N LEU A 33 -5.97 -0.14 -0.17
CA LEU A 33 -6.67 1.13 -0.22
C LEU A 33 -7.98 1.06 0.56
N VAL A 34 -8.05 1.79 1.67
CA VAL A 34 -9.24 1.82 2.50
C VAL A 34 -9.39 3.16 3.21
N THR A 35 -10.59 3.73 3.14
CA THR A 35 -10.86 5.01 3.77
C THR A 35 -11.31 4.82 5.22
N VAL A 36 -10.44 5.18 6.15
CA VAL A 36 -10.74 5.06 7.57
C VAL A 36 -10.34 6.32 8.34
N GLU A 37 -10.95 6.51 9.51
CA GLU A 37 -10.66 7.67 10.34
C GLU A 37 -9.18 7.73 10.70
N ALA A 38 -8.82 8.67 11.57
CA ALA A 38 -7.44 8.83 12.00
C ALA A 38 -7.30 9.97 12.99
N GLU A 39 -7.13 9.63 14.27
CA GLU A 39 -6.99 10.61 15.33
C GLU A 39 -5.97 11.68 14.94
N TYR A 40 -5.99 12.81 15.65
CA TYR A 40 -5.06 13.90 15.38
C TYR A 40 -3.62 13.40 15.36
N PRO A 41 -2.83 13.94 14.42
CA PRO A 41 -3.30 14.93 13.45
C PRO A 41 -4.27 14.34 12.44
N PHE A 42 -5.26 15.14 12.03
CA PHE A 42 -6.25 14.69 11.07
C PHE A 42 -5.77 14.91 9.64
N ASN A 43 -5.92 13.89 8.80
CA ASN A 43 -5.50 13.98 7.40
C ASN A 43 -6.71 13.99 6.47
N GLN A 44 -6.73 14.95 5.55
CA GLN A 44 -7.83 15.07 4.60
C GLN A 44 -7.69 14.04 3.48
N SER A 45 -7.69 12.77 3.86
CA SER A 45 -7.56 11.69 2.90
C SER A 45 -7.57 10.32 3.60
N PRO A 46 -7.86 9.27 2.83
CA PRO A 46 -7.90 7.90 3.35
C PRO A 46 -6.52 7.37 3.72
N VAL A 47 -6.49 6.15 4.25
CA VAL A 47 -5.23 5.54 4.65
C VAL A 47 -4.97 4.25 3.86
N VAL A 48 -3.70 3.95 3.65
CA VAL A 48 -3.31 2.75 2.91
C VAL A 48 -2.05 2.12 3.49
N THR A 49 -1.88 0.82 3.24
CA THR A 49 -0.72 0.09 3.75
C THR A 49 -0.04 -0.70 2.63
N ARG A 50 1.09 -0.19 2.15
CA ARG A 50 1.83 -0.85 1.09
C ARG A 50 2.82 -1.86 1.67
N SER A 51 2.83 -3.07 1.10
CA SER A 51 3.72 -4.12 1.56
C SER A 51 4.11 -5.05 0.41
N CYS A 52 5.14 -5.85 0.63
CA CYS A 52 5.61 -6.79 -0.39
C CYS A 52 4.63 -7.96 -0.54
N SER A 53 4.60 -8.54 -1.74
CA SER A 53 3.71 -9.65 -2.02
C SER A 53 4.31 -10.57 -3.09
N SER A 54 4.01 -11.86 -3.00
CA SER A 54 4.52 -12.83 -3.95
C SER A 54 3.40 -13.39 -4.82
N SER A 55 2.33 -12.60 -4.99
CA SER A 55 1.20 -13.01 -5.79
C SER A 55 0.21 -11.86 -5.94
N CYS A 56 0.45 -11.00 -6.93
CA CYS A 56 -0.41 -9.87 -7.20
C CYS A 56 -1.77 -10.32 -7.73
N VAL A 57 -2.80 -10.18 -6.91
CA VAL A 57 -4.16 -10.58 -7.30
C VAL A 57 -5.20 -9.72 -6.61
N ALA A 58 -6.12 -9.16 -7.40
CA ALA A 58 -7.19 -8.32 -6.86
C ALA A 58 -8.49 -9.10 -6.73
N THR A 59 -8.93 -9.32 -5.49
CA THR A 59 -10.15 -10.05 -5.23
C THR A 59 -10.49 -10.04 -3.74
N ASP A 60 -11.75 -9.71 -3.43
CA ASP A 60 -12.20 -9.66 -2.05
C ASP A 60 -12.31 -11.07 -1.46
N PRO A 61 -11.46 -11.36 -0.46
CA PRO A 61 -11.45 -12.66 0.21
C PRO A 61 -12.69 -12.90 1.05
N ASP A 62 -12.64 -12.46 2.30
CA ASP A 62 -13.77 -12.62 3.22
C ASP A 62 -14.62 -11.36 3.26
N SER A 63 -14.24 -10.37 2.47
CA SER A 63 -14.96 -9.11 2.42
C SER A 63 -14.96 -8.42 3.79
N ILE A 64 -13.99 -8.77 4.62
CA ILE A 64 -13.89 -8.18 5.95
C ILE A 64 -12.43 -8.10 6.39
N GLY A 65 -11.94 -6.87 6.58
CA GLY A 65 -10.57 -6.68 7.01
C GLY A 65 -9.84 -5.66 6.16
N ALA A 66 -10.49 -4.53 5.89
CA ALA A 66 -9.89 -3.48 5.09
C ALA A 66 -9.37 -4.02 3.77
N ALA A 67 -10.05 -5.03 3.24
CA ALA A 67 -9.66 -5.64 1.97
C ALA A 67 -10.52 -5.13 0.83
N HIS A 68 -10.75 -3.82 0.79
CA HIS A 68 -11.56 -3.20 -0.25
C HIS A 68 -10.79 -3.16 -1.57
N LEU A 69 -9.92 -2.17 -1.71
CA LEU A 69 -9.12 -2.02 -2.93
C LEU A 69 -7.71 -2.57 -2.73
N ILE A 70 -7.38 -3.60 -3.49
CA ILE A 70 -6.07 -4.22 -3.41
C ILE A 70 -5.27 -4.01 -4.69
N PHE A 71 -4.41 -3.01 -4.69
CA PHE A 71 -3.58 -2.71 -5.86
C PHE A 71 -2.22 -3.38 -5.75
N CYS A 72 -1.72 -3.88 -6.89
CA CYS A 72 -0.43 -4.55 -6.93
C CYS A 72 0.23 -4.37 -8.29
N CYS A 73 1.54 -4.61 -8.34
CA CYS A 73 2.29 -4.47 -9.57
C CYS A 73 3.50 -5.40 -9.58
N PHE A 74 4.35 -5.24 -10.59
CA PHE A 74 5.54 -6.07 -10.71
C PHE A 74 6.76 -5.24 -11.11
N ARG A 75 6.80 -4.00 -10.62
CA ARG A 75 7.90 -3.09 -10.94
C ARG A 75 8.35 -2.35 -9.68
N ASP A 76 9.66 -2.18 -9.54
CA ASP A 76 10.23 -1.49 -8.40
C ASP A 76 9.74 -0.04 -8.34
N LEU A 77 9.08 0.32 -7.24
CA LEU A 77 8.56 1.67 -7.07
C LEU A 77 7.57 2.02 -8.17
N CYS A 78 6.87 1.00 -8.68
CA CYS A 78 5.89 1.20 -9.74
C CYS A 78 4.90 2.30 -9.35
N ASN A 79 4.67 2.45 -8.06
CA ASN A 79 3.74 3.47 -7.56
C ASN A 79 4.50 4.69 -7.04
N SER A 80 4.86 5.59 -7.95
CA SER A 80 5.59 6.79 -7.59
C SER A 80 4.62 7.91 -7.21
N GLU A 81 3.71 7.62 -6.29
CA GLU A 81 2.72 8.60 -5.84
C GLU A 81 2.22 8.27 -4.45
N LEU A 82 1.49 9.20 -3.85
CA LEU A 82 0.93 9.00 -2.51
C LEU A 82 -0.22 8.00 -2.54
N MET A 1 16.99 -6.38 -6.79
CA MET A 1 15.92 -6.90 -5.95
C MET A 1 14.66 -6.04 -6.07
N LEU A 2 13.53 -6.60 -5.67
CA LEU A 2 12.26 -5.89 -5.73
C LEU A 2 12.15 -4.86 -4.61
N LYS A 3 11.90 -3.61 -4.97
CA LYS A 3 11.77 -2.53 -3.99
C LYS A 3 10.59 -1.64 -4.33
N CYS A 4 9.78 -1.33 -3.31
CA CYS A 4 8.61 -0.48 -3.50
C CYS A 4 8.51 0.55 -2.38
N TYR A 5 7.56 1.47 -2.52
CA TYR A 5 7.36 2.51 -1.52
C TYR A 5 6.57 1.99 -0.33
N THR A 6 7.27 1.37 0.62
CA THR A 6 6.63 0.82 1.81
C THR A 6 7.09 1.55 3.07
N CYS A 7 6.15 2.12 3.81
CA CYS A 7 6.45 2.84 5.03
C CYS A 7 6.57 1.88 6.21
N LYS A 8 6.86 2.43 7.39
CA LYS A 8 7.00 1.63 8.60
C LYS A 8 5.65 1.10 9.06
N GLU A 9 4.77 2.01 9.46
CA GLU A 9 3.45 1.63 9.94
C GLU A 9 2.36 2.44 9.21
N PRO A 10 1.12 1.93 9.25
CA PRO A 10 -0.02 2.59 8.60
C PRO A 10 -0.42 3.87 9.32
N MET A 11 0.02 5.00 8.78
CA MET A 11 -0.30 6.30 9.37
C MET A 11 -0.36 7.38 8.30
N THR A 12 -1.45 8.14 8.29
CA THR A 12 -1.64 9.20 7.32
C THR A 12 -0.75 10.40 7.63
N SER A 13 -0.65 10.73 8.93
CA SER A 13 0.16 11.85 9.37
C SER A 13 1.57 11.77 8.78
N ALA A 14 2.05 10.56 8.57
CA ALA A 14 3.37 10.34 8.01
C ALA A 14 3.29 9.83 6.58
N SER A 15 3.61 10.71 5.63
CA SER A 15 3.57 10.34 4.21
C SER A 15 4.21 8.99 3.97
N CYS A 16 3.39 8.00 3.62
CA CYS A 16 3.89 6.65 3.36
C CYS A 16 4.62 6.58 2.03
N ARG A 17 5.80 7.17 1.98
CA ARG A 17 6.61 7.17 0.76
C ARG A 17 8.09 7.00 1.08
N THR A 18 8.54 5.75 1.06
CA THR A 18 9.94 5.45 1.35
C THR A 18 10.40 4.21 0.60
N ILE A 19 11.57 4.29 -0.02
CA ILE A 19 12.12 3.17 -0.78
C ILE A 19 12.53 2.03 0.15
N THR A 20 11.86 0.89 0.01
CA THR A 20 12.15 -0.27 0.83
C THR A 20 12.38 -1.51 -0.03
N ARG A 21 13.31 -2.36 0.41
CA ARG A 21 13.63 -3.58 -0.32
C ARG A 21 12.81 -4.76 0.20
N CYS A 22 12.10 -5.42 -0.69
CA CYS A 22 11.28 -6.57 -0.33
C CYS A 22 12.12 -7.82 -0.17
N LYS A 23 11.47 -8.95 0.07
CA LYS A 23 12.16 -10.23 0.23
C LYS A 23 12.49 -10.85 -1.12
N PRO A 24 13.43 -11.80 -1.12
CA PRO A 24 13.86 -12.49 -2.34
C PRO A 24 12.78 -13.42 -2.89
N GLU A 25 11.96 -13.96 -2.00
CA GLU A 25 10.89 -14.86 -2.40
C GLU A 25 9.76 -14.09 -3.10
N ASP A 26 9.57 -12.85 -2.68
CA ASP A 26 8.52 -12.01 -3.26
C ASP A 26 8.97 -11.43 -4.60
N THR A 27 8.02 -11.18 -5.48
CA THR A 27 8.31 -10.63 -6.79
C THR A 27 7.22 -9.67 -7.25
N ALA A 28 6.43 -9.19 -6.30
CA ALA A 28 5.34 -8.26 -6.60
C ALA A 28 5.07 -7.33 -5.43
N CYS A 29 4.49 -6.17 -5.71
CA CYS A 29 4.16 -5.19 -4.68
C CYS A 29 2.66 -5.11 -4.46
N MET A 30 2.26 -4.66 -3.27
CA MET A 30 0.85 -4.53 -2.94
C MET A 30 0.56 -3.14 -2.36
N THR A 31 -0.60 -2.59 -2.71
CA THR A 31 -0.99 -1.28 -2.23
C THR A 31 -2.43 -1.29 -1.71
N THR A 32 -2.62 -0.80 -0.49
CA THR A 32 -3.94 -0.76 0.12
C THR A 32 -4.53 0.65 0.07
N LEU A 33 -5.22 0.95 -1.02
CA LEU A 33 -5.83 2.26 -1.20
C LEU A 33 -7.10 2.40 -0.35
N VAL A 34 -7.09 3.34 0.58
CA VAL A 34 -8.24 3.57 1.46
C VAL A 34 -8.38 5.04 1.79
N THR A 35 -9.59 5.57 1.59
CA THR A 35 -9.87 6.98 1.87
C THR A 35 -11.23 7.15 2.53
N VAL A 36 -11.26 7.93 3.60
CA VAL A 36 -12.50 8.18 4.33
C VAL A 36 -12.32 9.27 5.39
N GLU A 37 -13.42 9.89 5.78
CA GLU A 37 -13.38 10.94 6.79
C GLU A 37 -12.58 10.51 8.01
N ALA A 38 -12.03 11.48 8.73
CA ALA A 38 -11.23 11.19 9.91
C ALA A 38 -10.76 12.48 10.58
N GLU A 39 -11.44 12.89 11.64
CA GLU A 39 -11.09 14.11 12.36
C GLU A 39 -9.83 13.90 13.20
N TYR A 40 -9.45 14.94 13.93
CA TYR A 40 -8.26 14.86 14.78
C TYR A 40 -8.30 13.64 15.68
N PRO A 41 -7.12 13.20 16.14
CA PRO A 41 -5.85 13.86 15.82
C PRO A 41 -5.46 13.67 14.35
N PHE A 42 -5.51 12.42 13.88
CA PHE A 42 -5.16 12.11 12.50
C PHE A 42 -5.95 12.97 11.53
N ASN A 43 -5.36 13.27 10.39
CA ASN A 43 -6.01 14.09 9.37
C ASN A 43 -7.01 13.26 8.58
N GLN A 44 -7.86 13.95 7.82
CA GLN A 44 -8.88 13.28 7.00
C GLN A 44 -8.40 13.12 5.56
N SER A 45 -7.10 12.91 5.40
CA SER A 45 -6.51 12.74 4.08
C SER A 45 -6.43 11.25 3.70
N PRO A 46 -6.28 10.98 2.40
CA PRO A 46 -6.19 9.62 1.88
C PRO A 46 -4.88 8.94 2.26
N VAL A 47 -4.96 7.69 2.71
CA VAL A 47 -3.78 6.94 3.11
C VAL A 47 -3.72 5.59 2.38
N VAL A 48 -2.50 5.16 2.07
CA VAL A 48 -2.31 3.89 1.38
C VAL A 48 -1.17 3.10 2.01
N THR A 49 -1.47 1.87 2.44
CA THR A 49 -0.47 1.01 3.07
C THR A 49 0.12 0.03 2.05
N ARG A 50 1.30 0.37 1.54
CA ARG A 50 1.97 -0.48 0.57
C ARG A 50 2.85 -1.52 1.26
N SER A 51 2.82 -2.75 0.74
CA SER A 51 3.61 -3.83 1.32
C SER A 51 4.00 -4.84 0.25
N CYS A 52 5.06 -5.60 0.52
CA CYS A 52 5.54 -6.61 -0.42
C CYS A 52 4.56 -7.78 -0.51
N SER A 53 4.48 -8.39 -1.69
CA SER A 53 3.58 -9.52 -1.91
C SER A 53 4.19 -10.50 -2.90
N SER A 54 3.87 -11.78 -2.72
CA SER A 54 4.38 -12.83 -3.59
C SER A 54 3.28 -13.37 -4.50
N SER A 55 2.26 -12.54 -4.74
CA SER A 55 1.14 -12.94 -5.58
C SER A 55 0.21 -11.75 -5.85
N CYS A 56 0.50 -11.01 -6.90
CA CYS A 56 -0.31 -9.84 -7.25
C CYS A 56 -1.69 -10.27 -7.74
N VAL A 57 -2.70 -10.05 -6.91
CA VAL A 57 -4.08 -10.41 -7.25
C VAL A 57 -5.07 -9.49 -6.58
N ALA A 58 -6.22 -9.28 -7.23
CA ALA A 58 -7.26 -8.42 -6.69
C ALA A 58 -8.34 -9.23 -5.99
N THR A 59 -8.36 -9.18 -4.67
CA THR A 59 -9.35 -9.92 -3.88
C THR A 59 -9.46 -9.36 -2.47
N ASP A 60 -10.68 -9.00 -2.08
CA ASP A 60 -10.92 -8.45 -0.74
C ASP A 60 -11.63 -9.47 0.14
N PRO A 61 -10.85 -10.34 0.79
CA PRO A 61 -11.38 -11.38 1.68
C PRO A 61 -11.96 -10.79 2.96
N ASP A 62 -11.11 -10.61 3.96
CA ASP A 62 -11.54 -10.07 5.24
C ASP A 62 -11.74 -8.55 5.14
N SER A 63 -10.77 -7.87 4.51
CA SER A 63 -10.84 -6.43 4.36
C SER A 63 -11.15 -5.75 5.70
N ILE A 64 -10.68 -6.35 6.78
CA ILE A 64 -10.89 -5.82 8.12
C ILE A 64 -10.09 -4.54 8.33
N GLY A 65 -8.96 -4.43 7.64
CA GLY A 65 -8.12 -3.26 7.77
C GLY A 65 -8.40 -2.23 6.69
N ALA A 66 -9.66 -2.05 6.35
CA ALA A 66 -10.06 -1.09 5.33
C ALA A 66 -9.28 -1.33 4.04
N ALA A 67 -9.36 -2.55 3.52
CA ALA A 67 -8.66 -2.89 2.28
C ALA A 67 -9.60 -2.87 1.09
N HIS A 68 -10.08 -1.68 0.74
CA HIS A 68 -11.00 -1.52 -0.39
C HIS A 68 -10.28 -1.80 -1.70
N LEU A 69 -9.47 -0.84 -2.15
CA LEU A 69 -8.73 -0.99 -3.40
C LEU A 69 -7.37 -1.61 -3.16
N ILE A 70 -7.14 -2.77 -3.76
CA ILE A 70 -5.86 -3.47 -3.62
C ILE A 70 -5.13 -3.55 -4.95
N PHE A 71 -4.17 -2.65 -5.14
CA PHE A 71 -3.38 -2.62 -6.37
C PHE A 71 -2.06 -3.36 -6.19
N CYS A 72 -1.52 -3.88 -7.29
CA CYS A 72 -0.26 -4.61 -7.25
C CYS A 72 0.47 -4.49 -8.58
N CYS A 73 1.77 -4.75 -8.56
CA CYS A 73 2.59 -4.66 -9.76
C CYS A 73 3.78 -5.62 -9.67
N PHE A 74 4.67 -5.54 -10.66
CA PHE A 74 5.85 -6.40 -10.69
C PHE A 74 7.10 -5.60 -11.08
N ARG A 75 7.12 -4.34 -10.69
CA ARG A 75 8.24 -3.46 -11.01
C ARG A 75 8.57 -2.55 -9.82
N ASP A 76 9.86 -2.34 -9.57
CA ASP A 76 10.30 -1.49 -8.48
C ASP A 76 9.73 -0.08 -8.61
N LEU A 77 9.09 0.40 -7.56
CA LEU A 77 8.50 1.74 -7.57
C LEU A 77 7.58 1.92 -8.78
N CYS A 78 6.90 0.84 -9.17
CA CYS A 78 5.99 0.88 -10.30
C CYS A 78 5.05 2.09 -10.20
N ASN A 79 4.76 2.50 -8.98
CA ASN A 79 3.87 3.63 -8.74
C ASN A 79 4.09 4.22 -7.35
N SER A 80 3.28 5.21 -7.00
CA SER A 80 3.40 5.87 -5.70
C SER A 80 2.26 6.87 -5.50
N GLU A 81 1.18 6.42 -4.89
CA GLU A 81 0.02 7.28 -4.63
C GLU A 81 0.35 8.32 -3.58
N LEU A 82 0.37 7.89 -2.32
CA LEU A 82 0.68 8.79 -1.21
C LEU A 82 2.13 8.66 -0.77
N MET A 1 16.98 -6.31 -6.49
CA MET A 1 15.93 -6.74 -5.59
C MET A 1 14.66 -5.91 -5.79
N LEU A 2 13.52 -6.51 -5.48
CA LEU A 2 12.23 -5.82 -5.64
C LEU A 2 12.08 -4.73 -4.58
N LYS A 3 11.84 -3.50 -5.04
CA LYS A 3 11.66 -2.38 -4.13
C LYS A 3 10.27 -1.77 -4.29
N CYS A 4 9.59 -1.57 -3.17
CA CYS A 4 8.25 -0.99 -3.18
C CYS A 4 8.16 0.16 -2.18
N TYR A 5 7.28 1.13 -2.49
CA TYR A 5 7.09 2.28 -1.63
C TYR A 5 6.34 1.89 -0.36
N THR A 6 7.06 1.29 0.59
CA THR A 6 6.45 0.86 1.85
C THR A 6 6.98 1.69 3.01
N CYS A 7 6.07 2.19 3.84
CA CYS A 7 6.45 3.00 4.99
C CYS A 7 6.85 2.11 6.17
N LYS A 8 7.45 2.73 7.19
CA LYS A 8 7.88 1.99 8.37
C LYS A 8 6.68 1.52 9.19
N GLU A 9 5.73 2.42 9.40
CA GLU A 9 4.53 2.09 10.16
C GLU A 9 3.27 2.62 9.47
N PRO A 10 2.11 2.04 9.81
CA PRO A 10 0.83 2.45 9.23
C PRO A 10 0.39 3.84 9.69
N MET A 11 0.70 4.84 8.88
CA MET A 11 0.34 6.21 9.20
C MET A 11 -0.83 6.69 8.34
N THR A 12 -1.93 7.05 9.00
CA THR A 12 -3.12 7.52 8.30
C THR A 12 -2.93 8.94 7.78
N SER A 13 -2.87 9.90 8.70
CA SER A 13 -2.70 11.30 8.32
C SER A 13 -1.52 11.46 7.36
N ALA A 14 -0.51 10.63 7.53
CA ALA A 14 0.67 10.67 6.67
C ALA A 14 0.34 10.23 5.25
N SER A 15 1.37 9.91 4.48
CA SER A 15 1.19 9.47 3.10
C SER A 15 1.69 8.04 2.91
N CYS A 16 2.66 7.65 3.73
CA CYS A 16 3.22 6.31 3.65
C CYS A 16 3.87 6.07 2.29
N ARG A 17 5.04 6.68 2.09
CA ARG A 17 5.76 6.53 0.82
C ARG A 17 7.27 6.54 1.06
N THR A 18 7.87 5.35 1.07
CA THR A 18 9.31 5.22 1.29
C THR A 18 9.86 3.99 0.57
N ILE A 19 11.02 4.15 -0.04
CA ILE A 19 11.67 3.06 -0.76
C ILE A 19 12.14 1.98 0.19
N THR A 20 11.57 0.78 0.06
CA THR A 20 11.93 -0.35 0.91
C THR A 20 12.23 -1.58 0.08
N ARG A 21 13.20 -2.37 0.53
CA ARG A 21 13.59 -3.59 -0.17
C ARG A 21 12.77 -4.78 0.32
N CYS A 22 12.09 -5.45 -0.60
CA CYS A 22 11.27 -6.61 -0.27
C CYS A 22 12.13 -7.87 -0.14
N LYS A 23 11.48 -9.00 0.08
CA LYS A 23 12.18 -10.27 0.22
C LYS A 23 12.52 -10.86 -1.15
N PRO A 24 13.46 -11.81 -1.17
CA PRO A 24 13.90 -12.47 -2.41
C PRO A 24 12.83 -13.39 -2.98
N GLU A 25 12.00 -13.95 -2.12
CA GLU A 25 10.93 -14.84 -2.54
C GLU A 25 9.81 -14.06 -3.22
N ASP A 26 9.59 -12.82 -2.76
CA ASP A 26 8.55 -11.98 -3.33
C ASP A 26 9.01 -11.37 -4.65
N THR A 27 8.04 -11.08 -5.53
CA THR A 27 8.34 -10.49 -6.82
C THR A 27 7.23 -9.55 -7.28
N ALA A 28 6.44 -9.08 -6.32
CA ALA A 28 5.33 -8.19 -6.62
C ALA A 28 5.05 -7.25 -5.44
N CYS A 29 4.51 -6.07 -5.74
CA CYS A 29 4.19 -5.10 -4.71
C CYS A 29 2.69 -5.05 -4.45
N MET A 30 2.32 -4.65 -3.24
CA MET A 30 0.91 -4.56 -2.86
C MET A 30 0.61 -3.22 -2.21
N THR A 31 -0.58 -2.68 -2.50
CA THR A 31 -0.99 -1.40 -1.94
C THR A 31 -2.46 -1.43 -1.51
N THR A 32 -2.70 -1.16 -0.24
CA THR A 32 -4.05 -1.15 0.30
C THR A 32 -4.69 0.23 0.17
N LEU A 33 -5.68 0.34 -0.71
CA LEU A 33 -6.37 1.61 -0.93
C LEU A 33 -7.64 1.68 -0.09
N VAL A 34 -7.68 2.64 0.84
CA VAL A 34 -8.84 2.82 1.70
C VAL A 34 -9.07 4.29 2.02
N THR A 35 -10.27 4.77 1.74
CA THR A 35 -10.60 6.17 2.00
C THR A 35 -11.41 6.31 3.29
N VAL A 36 -10.70 6.39 4.41
CA VAL A 36 -11.35 6.53 5.72
C VAL A 36 -12.12 7.84 5.81
N GLU A 37 -12.70 8.10 6.98
CA GLU A 37 -13.46 9.32 7.20
C GLU A 37 -12.59 10.56 6.97
N ALA A 38 -13.24 11.68 6.73
CA ALA A 38 -12.53 12.94 6.49
C ALA A 38 -12.51 13.81 7.74
N GLU A 39 -12.47 13.16 8.91
CA GLU A 39 -12.45 13.87 10.18
C GLU A 39 -11.02 14.15 10.62
N TYR A 40 -10.80 15.31 11.21
CA TYR A 40 -9.48 15.70 11.68
C TYR A 40 -9.17 15.07 13.04
N PRO A 41 -7.88 14.90 13.32
CA PRO A 41 -6.80 15.29 12.41
C PRO A 41 -6.74 14.41 11.16
N PHE A 42 -6.32 14.98 10.04
CA PHE A 42 -6.22 14.25 8.79
C PHE A 42 -5.60 15.11 7.70
N ASN A 43 -5.24 14.49 6.58
CA ASN A 43 -4.64 15.19 5.46
C ASN A 43 -5.56 15.19 4.25
N GLN A 44 -5.11 15.80 3.17
CA GLN A 44 -5.89 15.86 1.94
C GLN A 44 -5.94 14.50 1.25
N SER A 45 -4.84 13.76 1.34
CA SER A 45 -4.77 12.43 0.73
C SER A 45 -5.36 11.37 1.65
N PRO A 46 -5.89 10.29 1.05
CA PRO A 46 -6.49 9.19 1.80
C PRO A 46 -5.44 8.38 2.56
N VAL A 47 -5.86 7.21 3.05
CA VAL A 47 -4.96 6.34 3.79
C VAL A 47 -4.72 5.03 3.05
N VAL A 48 -3.46 4.62 2.98
CA VAL A 48 -3.10 3.39 2.29
C VAL A 48 -1.86 2.75 2.91
N THR A 49 -1.72 1.44 2.76
CA THR A 49 -0.59 0.72 3.30
C THR A 49 0.03 -0.20 2.26
N ARG A 50 1.22 0.17 1.78
CA ARG A 50 1.92 -0.61 0.77
C ARG A 50 2.82 -1.65 1.43
N SER A 51 2.80 -2.87 0.89
CA SER A 51 3.61 -3.95 1.43
C SER A 51 4.00 -4.93 0.33
N CYS A 52 5.06 -5.70 0.58
CA CYS A 52 5.54 -6.68 -0.39
C CYS A 52 4.56 -7.85 -0.51
N SER A 53 4.47 -8.40 -1.72
CA SER A 53 3.56 -9.53 -1.97
C SER A 53 4.18 -10.50 -2.98
N SER A 54 3.92 -11.78 -2.78
CA SER A 54 4.45 -12.81 -3.68
C SER A 54 3.37 -13.28 -4.65
N SER A 55 2.40 -12.42 -4.90
CA SER A 55 1.31 -12.74 -5.82
C SER A 55 0.33 -11.59 -5.94
N CYS A 56 0.54 -10.77 -6.97
CA CYS A 56 -0.33 -9.61 -7.20
C CYS A 56 -1.72 -10.04 -7.63
N VAL A 57 -2.67 -9.97 -6.70
CA VAL A 57 -4.04 -10.35 -6.98
C VAL A 57 -5.03 -9.49 -6.19
N ALA A 58 -6.24 -9.36 -6.71
CA ALA A 58 -7.27 -8.56 -6.05
C ALA A 58 -7.75 -9.23 -4.77
N THR A 59 -7.32 -8.69 -3.63
CA THR A 59 -7.70 -9.24 -2.34
C THR A 59 -7.88 -8.13 -1.30
N ASP A 60 -9.09 -8.02 -0.77
CA ASP A 60 -9.39 -7.01 0.23
C ASP A 60 -9.49 -7.63 1.62
N PRO A 61 -8.36 -7.64 2.34
CA PRO A 61 -8.30 -8.20 3.70
C PRO A 61 -9.05 -7.36 4.71
N ASP A 62 -9.11 -6.05 4.45
CA ASP A 62 -9.80 -5.13 5.34
C ASP A 62 -11.31 -5.22 5.15
N SER A 63 -11.80 -4.64 4.06
CA SER A 63 -13.23 -4.65 3.76
C SER A 63 -14.00 -3.81 4.78
N ILE A 64 -13.40 -2.71 5.22
CA ILE A 64 -14.02 -1.82 6.19
C ILE A 64 -13.78 -0.36 5.84
N GLY A 65 -14.83 0.33 5.42
CA GLY A 65 -14.72 1.73 5.06
C GLY A 65 -14.10 1.93 3.68
N ALA A 66 -14.78 1.43 2.66
CA ALA A 66 -14.30 1.55 1.29
C ALA A 66 -12.85 1.10 1.17
N ALA A 67 -12.47 0.12 1.98
CA ALA A 67 -11.11 -0.41 1.98
C ALA A 67 -11.02 -1.67 1.13
N HIS A 68 -11.80 -1.72 0.06
CA HIS A 68 -11.81 -2.87 -0.84
C HIS A 68 -10.98 -2.59 -2.09
N LEU A 69 -10.17 -1.55 -2.03
CA LEU A 69 -9.33 -1.17 -3.16
C LEU A 69 -7.89 -1.64 -2.95
N ILE A 70 -7.31 -2.24 -3.98
CA ILE A 70 -5.94 -2.72 -3.91
C ILE A 70 -5.17 -2.39 -5.18
N PHE A 71 -3.86 -2.20 -5.03
CA PHE A 71 -3.00 -1.87 -6.17
C PHE A 71 -1.68 -2.63 -6.09
N CYS A 72 -1.47 -3.55 -7.02
CA CYS A 72 -0.24 -4.34 -7.06
C CYS A 72 0.43 -4.24 -8.42
N CYS A 73 1.68 -4.66 -8.48
CA CYS A 73 2.45 -4.62 -9.73
C CYS A 73 3.63 -5.58 -9.68
N PHE A 74 4.46 -5.55 -10.72
CA PHE A 74 5.62 -6.42 -10.79
C PHE A 74 6.87 -5.62 -11.19
N ARG A 75 6.95 -4.39 -10.71
CA ARG A 75 8.08 -3.52 -11.02
C ARG A 75 8.46 -2.66 -9.81
N ASP A 76 9.76 -2.47 -9.60
CA ASP A 76 10.25 -1.68 -8.48
C ASP A 76 9.69 -0.26 -8.55
N LEU A 77 9.08 0.17 -7.46
CA LEU A 77 8.50 1.52 -7.38
C LEU A 77 7.58 1.77 -8.58
N CYS A 78 6.87 0.74 -9.00
CA CYS A 78 5.95 0.85 -10.12
C CYS A 78 5.03 2.07 -9.95
N ASN A 79 4.79 2.45 -8.70
CA ASN A 79 3.93 3.59 -8.40
C ASN A 79 4.47 4.39 -7.23
N SER A 80 4.65 5.69 -7.43
CA SER A 80 5.17 6.56 -6.38
C SER A 80 4.04 7.27 -5.66
N GLU A 81 3.12 7.85 -6.43
CA GLU A 81 1.98 8.57 -5.87
C GLU A 81 0.99 7.60 -5.22
N LEU A 82 0.71 7.81 -3.94
CA LEU A 82 -0.23 6.96 -3.22
C LEU A 82 -1.66 7.17 -3.72
N MET A 1 16.99 -6.29 -6.31
CA MET A 1 15.86 -6.82 -5.55
C MET A 1 14.62 -5.96 -5.75
N LEU A 2 13.46 -6.53 -5.43
CA LEU A 2 12.19 -5.81 -5.57
C LEU A 2 12.08 -4.69 -4.54
N LYS A 3 11.83 -3.48 -5.03
CA LYS A 3 11.70 -2.31 -4.16
C LYS A 3 10.33 -1.68 -4.31
N CYS A 4 9.64 -1.47 -3.19
CA CYS A 4 8.32 -0.88 -3.19
C CYS A 4 8.25 0.29 -2.21
N TYR A 5 7.36 1.24 -2.49
CA TYR A 5 7.19 2.41 -1.63
C TYR A 5 6.45 2.05 -0.35
N THR A 6 7.16 1.45 0.60
CA THR A 6 6.58 1.05 1.87
C THR A 6 7.08 1.93 3.01
N CYS A 7 6.16 2.45 3.80
CA CYS A 7 6.52 3.31 4.93
C CYS A 7 6.90 2.48 6.15
N LYS A 8 7.14 3.14 7.27
CA LYS A 8 7.51 2.46 8.51
C LYS A 8 6.35 1.64 9.05
N GLU A 9 5.18 2.25 9.12
CA GLU A 9 3.99 1.57 9.62
C GLU A 9 2.72 2.16 8.99
N PRO A 10 1.69 1.32 8.85
CA PRO A 10 0.41 1.72 8.27
C PRO A 10 -0.36 2.68 9.18
N MET A 11 0.16 2.91 10.38
CA MET A 11 -0.47 3.79 11.34
C MET A 11 0.18 5.17 11.32
N THR A 12 1.47 5.20 11.01
CA THR A 12 2.21 6.46 10.96
C THR A 12 1.49 7.49 10.10
N SER A 13 1.95 8.73 10.17
CA SER A 13 1.33 9.82 9.41
C SER A 13 1.17 9.43 7.94
N ALA A 14 0.40 10.22 7.21
CA ALA A 14 0.16 9.96 5.80
C ALA A 14 1.46 10.02 5.00
N SER A 15 1.35 10.23 3.70
CA SER A 15 2.51 10.30 2.82
C SER A 15 3.34 9.03 2.92
N CYS A 16 2.65 7.89 3.05
CA CYS A 16 3.33 6.60 3.15
C CYS A 16 4.02 6.25 1.84
N ARG A 17 5.25 6.73 1.68
CA ARG A 17 6.01 6.46 0.47
C ARG A 17 7.52 6.46 0.77
N THR A 18 8.09 5.26 0.87
CA THR A 18 9.51 5.12 1.15
C THR A 18 10.09 3.92 0.42
N ILE A 19 11.25 4.11 -0.21
CA ILE A 19 11.90 3.04 -0.94
C ILE A 19 12.41 1.96 0.01
N THR A 20 11.78 0.79 -0.05
CA THR A 20 12.17 -0.33 0.80
C THR A 20 12.41 -1.59 -0.01
N ARG A 21 13.37 -2.40 0.41
CA ARG A 21 13.69 -3.64 -0.28
C ARG A 21 12.86 -4.80 0.26
N CYS A 22 12.15 -5.47 -0.64
CA CYS A 22 11.30 -6.60 -0.25
C CYS A 22 12.13 -7.86 -0.08
N LYS A 23 11.46 -8.98 0.17
CA LYS A 23 12.13 -10.26 0.35
C LYS A 23 12.48 -10.88 -0.99
N PRO A 24 13.41 -11.86 -0.99
CA PRO A 24 13.84 -12.55 -2.19
C PRO A 24 12.75 -13.47 -2.75
N GLU A 25 11.93 -14.01 -1.86
CA GLU A 25 10.85 -14.91 -2.26
C GLU A 25 9.73 -14.13 -2.96
N ASP A 26 9.55 -12.88 -2.57
CA ASP A 26 8.52 -12.03 -3.16
C ASP A 26 8.98 -11.47 -4.50
N THR A 27 8.01 -11.17 -5.37
CA THR A 27 8.32 -10.63 -6.69
C THR A 27 7.24 -9.67 -7.16
N ALA A 28 6.46 -9.15 -6.21
CA ALA A 28 5.39 -8.22 -6.52
C ALA A 28 5.13 -7.27 -5.35
N CYS A 29 4.55 -6.11 -5.66
CA CYS A 29 4.26 -5.11 -4.64
C CYS A 29 2.76 -5.01 -4.39
N MET A 30 2.39 -4.57 -3.20
CA MET A 30 0.98 -4.44 -2.83
C MET A 30 0.71 -3.06 -2.23
N THR A 31 -0.36 -2.42 -2.69
CA THR A 31 -0.73 -1.10 -2.19
C THR A 31 -2.21 -1.05 -1.82
N THR A 32 -2.51 -0.39 -0.71
CA THR A 32 -3.89 -0.27 -0.25
C THR A 32 -4.27 1.19 -0.02
N LEU A 33 -5.23 1.68 -0.79
CA LEU A 33 -5.69 3.06 -0.67
C LEU A 33 -6.89 3.17 0.25
N VAL A 34 -6.80 4.04 1.23
CA VAL A 34 -7.90 4.24 2.18
C VAL A 34 -7.92 5.67 2.71
N THR A 35 -9.08 6.32 2.63
CA THR A 35 -9.22 7.68 3.10
C THR A 35 -9.67 7.72 4.56
N VAL A 36 -8.80 7.26 5.45
CA VAL A 36 -9.11 7.25 6.88
C VAL A 36 -9.42 8.65 7.40
N GLU A 37 -9.58 8.76 8.70
CA GLU A 37 -9.87 10.05 9.32
C GLU A 37 -8.77 11.06 9.05
N ALA A 38 -9.12 12.33 9.00
CA ALA A 38 -8.16 13.40 8.75
C ALA A 38 -7.74 14.09 10.04
N GLU A 39 -7.75 13.32 11.13
CA GLU A 39 -7.38 13.87 12.43
C GLU A 39 -5.92 13.54 12.77
N TYR A 40 -5.34 14.28 13.70
CA TYR A 40 -3.95 14.08 14.10
C TYR A 40 -3.84 12.91 15.09
N PRO A 41 -2.65 12.31 15.15
CA PRO A 41 -1.51 12.72 14.32
C PRO A 41 -1.71 12.38 12.85
N PHE A 42 -1.26 13.28 11.97
CA PHE A 42 -1.39 13.09 10.54
C PHE A 42 -0.70 14.20 9.76
N ASN A 43 -0.61 14.04 8.45
CA ASN A 43 0.03 15.03 7.59
C ASN A 43 -1.00 15.73 6.71
N GLN A 44 -1.45 15.02 5.68
CA GLN A 44 -2.43 15.57 4.75
C GLN A 44 -3.83 15.07 5.09
N SER A 45 -4.11 13.81 4.75
CA SER A 45 -5.41 13.22 5.01
C SER A 45 -5.46 11.78 4.52
N PRO A 46 -5.25 11.60 3.21
CA PRO A 46 -5.26 10.27 2.58
C PRO A 46 -4.06 9.43 2.98
N VAL A 47 -4.33 8.19 3.40
CA VAL A 47 -3.27 7.28 3.81
C VAL A 47 -3.37 5.94 3.08
N VAL A 48 -2.24 5.40 2.67
CA VAL A 48 -2.20 4.13 1.97
C VAL A 48 -1.13 3.22 2.55
N THR A 49 -1.49 1.95 2.73
CA THR A 49 -0.55 0.96 3.28
C THR A 49 0.03 0.08 2.18
N ARG A 50 1.28 0.34 1.83
CA ARG A 50 1.96 -0.43 0.80
C ARG A 50 2.94 -1.43 1.40
N SER A 51 2.84 -2.69 0.98
CA SER A 51 3.71 -3.73 1.48
C SER A 51 4.07 -4.73 0.38
N CYS A 52 5.11 -5.53 0.62
CA CYS A 52 5.55 -6.53 -0.35
C CYS A 52 4.54 -7.67 -0.46
N SER A 53 4.51 -8.31 -1.62
CA SER A 53 3.59 -9.42 -1.86
C SER A 53 4.18 -10.41 -2.84
N SER A 54 3.88 -11.69 -2.64
CA SER A 54 4.39 -12.75 -3.51
C SER A 54 3.29 -13.27 -4.42
N SER A 55 2.30 -12.42 -4.70
CA SER A 55 1.18 -12.80 -5.55
C SER A 55 0.23 -11.63 -5.76
N CYS A 56 0.50 -10.82 -6.78
CA CYS A 56 -0.33 -9.67 -7.09
C CYS A 56 -1.69 -10.10 -7.61
N VAL A 57 -2.73 -9.82 -6.83
CA VAL A 57 -4.10 -10.18 -7.21
C VAL A 57 -5.11 -9.21 -6.61
N ALA A 58 -6.36 -9.34 -7.02
CA ALA A 58 -7.43 -8.49 -6.51
C ALA A 58 -8.25 -9.19 -5.45
N THR A 59 -8.12 -8.73 -4.21
CA THR A 59 -8.85 -9.33 -3.10
C THR A 59 -10.12 -8.53 -2.78
N ASP A 60 -10.91 -8.24 -3.81
CA ASP A 60 -12.14 -7.49 -3.64
C ASP A 60 -13.27 -8.09 -4.48
N PRO A 61 -13.88 -9.17 -3.95
CA PRO A 61 -14.97 -9.87 -4.63
C PRO A 61 -16.26 -9.04 -4.67
N ASP A 62 -16.40 -8.14 -3.70
CA ASP A 62 -17.58 -7.29 -3.62
C ASP A 62 -17.33 -5.96 -4.33
N SER A 63 -16.18 -5.35 -4.06
CA SER A 63 -15.83 -4.08 -4.67
C SER A 63 -16.96 -3.06 -4.51
N ILE A 64 -17.70 -3.18 -3.42
CA ILE A 64 -18.81 -2.28 -3.14
C ILE A 64 -18.41 -1.21 -2.14
N GLY A 65 -17.88 -0.10 -2.65
CA GLY A 65 -17.46 0.99 -1.78
C GLY A 65 -16.04 1.43 -2.04
N ALA A 66 -15.22 0.52 -2.56
CA ALA A 66 -13.83 0.82 -2.86
C ALA A 66 -13.14 1.45 -1.67
N ALA A 67 -13.43 0.95 -0.47
CA ALA A 67 -12.83 1.46 0.75
C ALA A 67 -11.35 1.13 0.82
N HIS A 68 -10.96 0.05 0.16
CA HIS A 68 -9.56 -0.38 0.14
C HIS A 68 -9.15 -0.87 -1.24
N LEU A 69 -8.55 0.03 -2.02
CA LEU A 69 -8.11 -0.30 -3.37
C LEU A 69 -6.78 -1.04 -3.33
N ILE A 70 -6.80 -2.29 -3.77
CA ILE A 70 -5.59 -3.11 -3.81
C ILE A 70 -4.85 -2.95 -5.13
N PHE A 71 -3.80 -2.14 -5.12
CA PHE A 71 -3.00 -1.91 -6.31
C PHE A 71 -1.64 -2.61 -6.21
N CYS A 72 -1.46 -3.65 -7.02
CA CYS A 72 -0.21 -4.40 -7.03
C CYS A 72 0.47 -4.32 -8.39
N CYS A 73 1.72 -4.77 -8.45
CA CYS A 73 2.49 -4.74 -9.69
C CYS A 73 3.67 -5.71 -9.61
N PHE A 74 4.50 -5.69 -10.66
CA PHE A 74 5.66 -6.57 -10.71
C PHE A 74 6.90 -5.78 -11.11
N ARG A 75 6.97 -4.53 -10.67
CA ARG A 75 8.12 -3.67 -10.98
C ARG A 75 8.45 -2.75 -9.81
N ASP A 76 9.74 -2.55 -9.56
CA ASP A 76 10.18 -1.71 -8.46
C ASP A 76 9.61 -0.30 -8.61
N LEU A 77 8.95 0.17 -7.55
CA LEU A 77 8.36 1.50 -7.55
C LEU A 77 7.47 1.71 -8.78
N CYS A 78 6.78 0.64 -9.18
CA CYS A 78 5.90 0.70 -10.34
C CYS A 78 5.00 1.93 -10.29
N ASN A 79 4.71 2.39 -9.07
CA ASN A 79 3.86 3.56 -8.88
C ASN A 79 4.41 4.45 -7.77
N SER A 80 3.78 5.60 -7.57
CA SER A 80 4.20 6.54 -6.54
C SER A 80 3.19 7.69 -6.41
N GLU A 81 2.15 7.46 -5.61
CA GLU A 81 1.12 8.47 -5.40
C GLU A 81 0.66 8.48 -3.95
N LEU A 82 0.24 9.64 -3.48
CA LEU A 82 -0.23 9.79 -2.10
C LEU A 82 -1.74 9.58 -2.01
N MET A 1 16.94 -6.52 -6.11
CA MET A 1 15.78 -7.01 -5.37
C MET A 1 14.57 -6.13 -5.62
N LEU A 2 13.38 -6.65 -5.31
CA LEU A 2 12.14 -5.91 -5.50
C LEU A 2 12.04 -4.75 -4.50
N LYS A 3 11.86 -3.55 -5.02
CA LYS A 3 11.75 -2.36 -4.18
C LYS A 3 10.38 -1.72 -4.34
N CYS A 4 9.70 -1.50 -3.21
CA CYS A 4 8.37 -0.91 -3.22
C CYS A 4 8.32 0.28 -2.24
N TYR A 5 7.47 1.25 -2.57
CA TYR A 5 7.31 2.43 -1.72
C TYR A 5 6.53 2.10 -0.46
N THR A 6 7.16 1.39 0.46
CA THR A 6 6.51 1.00 1.72
C THR A 6 7.02 1.86 2.87
N CYS A 7 6.09 2.37 3.67
CA CYS A 7 6.43 3.21 4.82
C CYS A 7 6.85 2.35 6.00
N LYS A 8 7.06 3.00 7.15
CA LYS A 8 7.46 2.30 8.36
C LYS A 8 6.34 1.40 8.87
N GLU A 9 5.27 2.02 9.35
CA GLU A 9 4.12 1.27 9.86
C GLU A 9 2.81 1.96 9.49
N PRO A 10 1.71 1.19 9.51
CA PRO A 10 0.38 1.71 9.18
C PRO A 10 -0.15 2.68 10.24
N MET A 11 0.28 3.93 10.16
CA MET A 11 -0.15 4.95 11.10
C MET A 11 -1.28 5.78 10.52
N THR A 12 -1.73 6.78 11.29
CA THR A 12 -2.81 7.65 10.85
C THR A 12 -2.56 8.18 9.44
N SER A 13 -3.60 8.73 8.82
CA SER A 13 -3.49 9.27 7.47
C SER A 13 -2.21 10.11 7.32
N ALA A 14 -1.42 9.77 6.31
CA ALA A 14 -0.17 10.48 6.04
C ALA A 14 0.36 10.17 4.65
N SER A 15 1.64 10.48 4.43
CA SER A 15 2.27 10.23 3.14
C SER A 15 3.12 8.96 3.19
N CYS A 16 2.47 7.81 3.18
CA CYS A 16 3.16 6.53 3.21
C CYS A 16 3.89 6.26 1.91
N ARG A 17 5.12 6.78 1.81
CA ARG A 17 5.92 6.60 0.61
C ARG A 17 7.40 6.57 0.94
N THR A 18 7.98 5.37 0.96
CA THR A 18 9.40 5.21 1.28
C THR A 18 9.98 4.00 0.56
N ILE A 19 11.15 4.17 -0.03
CA ILE A 19 11.82 3.08 -0.74
C ILE A 19 12.27 1.99 0.21
N THR A 20 11.68 0.81 0.08
CA THR A 20 12.02 -0.32 0.93
C THR A 20 12.32 -1.57 0.11
N ARG A 21 13.29 -2.35 0.56
CA ARG A 21 13.66 -3.58 -0.14
C ARG A 21 12.84 -4.76 0.35
N CYS A 22 12.10 -5.39 -0.56
CA CYS A 22 11.27 -6.53 -0.21
C CYS A 22 12.10 -7.81 -0.15
N LYS A 23 11.45 -8.94 0.10
CA LYS A 23 12.12 -10.22 0.17
C LYS A 23 12.51 -10.72 -1.21
N PRO A 24 13.46 -11.67 -1.26
CA PRO A 24 13.94 -12.25 -2.52
C PRO A 24 12.89 -13.13 -3.19
N GLU A 25 12.03 -13.74 -2.37
CA GLU A 25 10.97 -14.61 -2.89
C GLU A 25 9.84 -13.79 -3.49
N ASP A 26 9.60 -12.61 -2.93
CA ASP A 26 8.55 -11.73 -3.40
C ASP A 26 8.96 -11.03 -4.71
N THR A 27 7.99 -10.87 -5.60
CA THR A 27 8.25 -10.22 -6.89
C THR A 27 7.08 -9.36 -7.31
N ALA A 28 6.29 -8.92 -6.34
CA ALA A 28 5.13 -8.08 -6.62
C ALA A 28 4.83 -7.16 -5.44
N CYS A 29 4.52 -5.90 -5.75
CA CYS A 29 4.21 -4.92 -4.71
C CYS A 29 2.71 -4.87 -4.45
N MET A 30 2.35 -4.46 -3.23
CA MET A 30 0.94 -4.37 -2.85
C MET A 30 0.63 -2.99 -2.27
N THR A 31 -0.58 -2.50 -2.54
CA THR A 31 -1.00 -1.20 -2.05
C THR A 31 -2.47 -1.23 -1.62
N THR A 32 -2.72 -0.77 -0.40
CA THR A 32 -4.07 -0.74 0.14
C THR A 32 -4.68 0.65 0.02
N LEU A 33 -5.75 0.76 -0.76
CA LEU A 33 -6.42 2.04 -0.95
C LEU A 33 -7.71 2.11 -0.13
N VAL A 34 -7.73 3.01 0.85
CA VAL A 34 -8.90 3.19 1.70
C VAL A 34 -9.15 4.66 1.99
N THR A 35 -10.34 5.13 1.65
CA THR A 35 -10.71 6.53 1.88
C THR A 35 -12.16 6.64 2.32
N VAL A 36 -12.36 7.05 3.58
CA VAL A 36 -13.69 7.20 4.13
C VAL A 36 -14.23 8.61 3.87
N GLU A 37 -13.70 9.58 4.61
CA GLU A 37 -14.13 10.97 4.46
C GLU A 37 -12.96 11.92 4.66
N ALA A 38 -13.21 13.20 4.43
CA ALA A 38 -12.18 14.22 4.59
C ALA A 38 -12.34 14.97 5.91
N GLU A 39 -12.85 14.27 6.92
CA GLU A 39 -13.06 14.86 8.23
C GLU A 39 -12.55 13.94 9.34
N TYR A 40 -12.48 14.46 10.56
CA TYR A 40 -12.02 13.69 11.70
C TYR A 40 -12.77 12.36 11.81
N PRO A 41 -12.16 11.38 12.49
CA PRO A 41 -10.84 11.56 13.11
C PRO A 41 -9.73 11.67 12.07
N PHE A 42 -9.70 10.73 11.13
CA PHE A 42 -8.69 10.70 10.08
C PHE A 42 -8.61 12.07 9.39
N ASN A 43 -7.41 12.42 8.94
CA ASN A 43 -7.20 13.70 8.26
C ASN A 43 -8.11 13.82 7.04
N GLN A 44 -7.97 14.93 6.32
CA GLN A 44 -8.78 15.16 5.13
C GLN A 44 -8.34 14.27 3.98
N SER A 45 -7.04 14.07 3.86
CA SER A 45 -6.48 13.24 2.81
C SER A 45 -6.68 11.75 3.11
N PRO A 46 -6.71 10.93 2.05
CA PRO A 46 -6.90 9.48 2.19
C PRO A 46 -5.69 8.79 2.82
N VAL A 47 -5.83 7.50 3.11
CA VAL A 47 -4.76 6.73 3.70
C VAL A 47 -4.55 5.41 2.97
N VAL A 48 -3.30 4.98 2.87
CA VAL A 48 -2.97 3.74 2.20
C VAL A 48 -1.85 3.00 2.92
N THR A 49 -1.65 1.73 2.56
CA THR A 49 -0.61 0.92 3.17
C THR A 49 0.07 0.02 2.15
N ARG A 50 1.23 0.44 1.68
CA ARG A 50 1.97 -0.33 0.69
C ARG A 50 2.91 -1.33 1.36
N SER A 51 2.93 -2.56 0.85
CA SER A 51 3.78 -3.60 1.42
C SER A 51 4.20 -4.60 0.34
N CYS A 52 5.10 -5.49 0.69
CA CYS A 52 5.59 -6.50 -0.25
C CYS A 52 4.60 -7.65 -0.39
N SER A 53 4.61 -8.29 -1.54
CA SER A 53 3.70 -9.40 -1.80
C SER A 53 4.32 -10.39 -2.78
N SER A 54 3.91 -11.65 -2.70
CA SER A 54 4.43 -12.69 -3.57
C SER A 54 3.30 -13.27 -4.44
N SER A 55 2.28 -12.47 -4.69
CA SER A 55 1.15 -12.91 -5.50
C SER A 55 0.16 -11.76 -5.70
N CYS A 56 0.39 -10.96 -6.74
CA CYS A 56 -0.49 -9.83 -7.05
C CYS A 56 -1.85 -10.32 -7.53
N VAL A 57 -2.85 -10.18 -6.66
CA VAL A 57 -4.21 -10.60 -6.99
C VAL A 57 -5.24 -9.74 -6.26
N ALA A 58 -6.50 -9.87 -6.68
CA ALA A 58 -7.59 -9.11 -6.07
C ALA A 58 -8.36 -9.96 -5.08
N THR A 59 -8.39 -9.53 -3.82
CA THR A 59 -9.10 -10.26 -2.77
C THR A 59 -9.83 -9.30 -1.84
N ASP A 60 -11.15 -9.45 -1.77
CA ASP A 60 -11.97 -8.61 -0.90
C ASP A 60 -13.03 -9.43 -0.18
N PRO A 61 -12.61 -10.11 0.90
CA PRO A 61 -13.50 -10.94 1.71
C PRO A 61 -14.51 -10.12 2.50
N ASP A 62 -14.11 -9.66 3.68
CA ASP A 62 -14.98 -8.87 4.53
C ASP A 62 -14.74 -7.37 4.30
N SER A 63 -13.50 -7.02 3.98
CA SER A 63 -13.15 -5.63 3.74
C SER A 63 -13.32 -4.79 5.00
N ILE A 64 -13.20 -5.44 6.16
CA ILE A 64 -13.35 -4.75 7.44
C ILE A 64 -12.07 -4.02 7.83
N GLY A 65 -10.93 -4.57 7.39
CA GLY A 65 -9.65 -3.96 7.70
C GLY A 65 -9.20 -2.98 6.63
N ALA A 66 -10.08 -2.06 6.26
CA ALA A 66 -9.76 -1.06 5.25
C ALA A 66 -9.20 -1.73 3.99
N ALA A 67 -9.73 -2.90 3.66
CA ALA A 67 -9.29 -3.64 2.48
C ALA A 67 -10.26 -3.45 1.32
N HIS A 68 -10.42 -2.20 0.88
CA HIS A 68 -11.32 -1.89 -0.21
C HIS A 68 -10.66 -2.19 -1.56
N LEU A 69 -9.83 -1.26 -2.02
CA LEU A 69 -9.14 -1.43 -3.30
C LEU A 69 -7.70 -1.90 -3.07
N ILE A 70 -7.37 -3.06 -3.63
CA ILE A 70 -6.03 -3.62 -3.50
C ILE A 70 -5.29 -3.59 -4.83
N PHE A 71 -4.30 -2.70 -4.93
CA PHE A 71 -3.51 -2.58 -6.15
C PHE A 71 -2.16 -3.26 -5.99
N CYS A 72 -1.65 -3.82 -7.08
CA CYS A 72 -0.37 -4.50 -7.07
C CYS A 72 0.31 -4.42 -8.44
N CYS A 73 1.59 -4.78 -8.48
CA CYS A 73 2.35 -4.74 -9.72
C CYS A 73 3.54 -5.68 -9.65
N PHE A 74 4.39 -5.63 -10.68
CA PHE A 74 5.58 -6.48 -10.74
C PHE A 74 6.81 -5.67 -11.16
N ARG A 75 6.89 -4.45 -10.66
CA ARG A 75 8.02 -3.57 -10.99
C ARG A 75 8.43 -2.75 -9.78
N ASP A 76 9.75 -2.57 -9.60
CA ASP A 76 10.27 -1.80 -8.48
C ASP A 76 9.81 -0.36 -8.56
N LEU A 77 9.11 0.09 -7.53
CA LEU A 77 8.61 1.46 -7.48
C LEU A 77 7.64 1.73 -8.63
N CYS A 78 6.87 0.72 -9.00
CA CYS A 78 5.91 0.85 -10.08
C CYS A 78 4.91 1.96 -9.80
N ASN A 79 4.82 2.37 -8.53
CA ASN A 79 3.91 3.43 -8.13
C ASN A 79 4.58 4.39 -7.16
N SER A 80 5.00 5.54 -7.69
CA SER A 80 5.67 6.55 -6.87
C SER A 80 4.69 7.61 -6.40
N GLU A 81 3.78 8.01 -7.29
CA GLU A 81 2.78 9.01 -6.97
C GLU A 81 1.74 8.46 -6.00
N LEU A 82 1.30 9.30 -5.06
CA LEU A 82 0.31 8.90 -4.08
C LEU A 82 -1.10 9.27 -4.54
N MET A 1 17.03 -6.49 -6.50
CA MET A 1 16.02 -6.75 -5.49
C MET A 1 14.77 -5.91 -5.71
N LEU A 2 13.61 -6.50 -5.46
CA LEU A 2 12.34 -5.79 -5.64
C LEU A 2 12.17 -4.69 -4.60
N LYS A 3 11.94 -3.47 -5.07
CA LYS A 3 11.76 -2.33 -4.18
C LYS A 3 10.37 -1.73 -4.35
N CYS A 4 9.68 -1.52 -3.23
CA CYS A 4 8.33 -0.95 -3.24
C CYS A 4 8.22 0.18 -2.23
N TYR A 5 7.44 1.20 -2.58
CA TYR A 5 7.23 2.36 -1.71
C TYR A 5 6.41 1.97 -0.49
N THR A 6 7.09 1.48 0.55
CA THR A 6 6.42 1.07 1.77
C THR A 6 6.92 1.88 2.96
N CYS A 7 5.99 2.47 3.71
CA CYS A 7 6.33 3.27 4.88
C CYS A 7 6.57 2.38 6.10
N LYS A 8 7.40 2.87 7.02
CA LYS A 8 7.71 2.12 8.23
C LYS A 8 6.54 2.17 9.21
N GLU A 9 5.80 3.27 9.20
CA GLU A 9 4.67 3.45 10.09
C GLU A 9 3.36 3.50 9.30
N PRO A 10 2.88 2.31 8.87
CA PRO A 10 1.64 2.20 8.09
C PRO A 10 0.41 2.50 8.93
N MET A 11 0.13 3.78 9.12
CA MET A 11 -1.02 4.21 9.90
C MET A 11 -1.38 5.67 9.60
N THR A 12 -0.59 6.58 10.15
CA THR A 12 -0.82 8.00 9.94
C THR A 12 -0.98 8.33 8.47
N SER A 13 -1.95 9.18 8.14
CA SER A 13 -2.20 9.57 6.77
C SER A 13 -1.25 10.68 6.33
N ALA A 14 -0.33 11.05 7.22
CA ALA A 14 0.64 12.09 6.92
C ALA A 14 1.30 11.85 5.57
N SER A 15 1.93 10.70 5.42
CA SER A 15 2.61 10.35 4.18
C SER A 15 3.22 8.96 4.27
N CYS A 16 2.83 8.08 3.35
CA CYS A 16 3.34 6.72 3.32
C CYS A 16 4.01 6.42 1.99
N ARG A 17 5.24 6.90 1.83
CA ARG A 17 5.98 6.69 0.60
C ARG A 17 7.49 6.65 0.87
N THR A 18 8.04 5.45 0.95
CA THR A 18 9.46 5.27 1.21
C THR A 18 10.01 4.04 0.51
N ILE A 19 11.18 4.18 -0.11
CA ILE A 19 11.80 3.07 -0.82
C ILE A 19 12.27 1.99 0.14
N THR A 20 11.68 0.80 0.01
CA THR A 20 12.03 -0.32 0.87
C THR A 20 12.32 -1.58 0.06
N ARG A 21 13.25 -2.39 0.53
CA ARG A 21 13.62 -3.62 -0.17
C ARG A 21 12.75 -4.78 0.31
N CYS A 22 12.09 -5.45 -0.64
CA CYS A 22 11.24 -6.58 -0.32
C CYS A 22 12.05 -7.85 -0.11
N LYS A 23 11.37 -8.96 0.13
CA LYS A 23 12.03 -10.24 0.34
C LYS A 23 12.42 -10.88 -0.98
N PRO A 24 13.34 -11.86 -0.93
CA PRO A 24 13.81 -12.57 -2.11
C PRO A 24 12.74 -13.48 -2.70
N GLU A 25 11.87 -14.01 -1.84
CA GLU A 25 10.80 -14.89 -2.28
C GLU A 25 9.70 -14.11 -3.00
N ASP A 26 9.50 -12.86 -2.58
CA ASP A 26 8.49 -12.01 -3.18
C ASP A 26 9.00 -11.39 -4.48
N THR A 27 8.08 -11.12 -5.41
CA THR A 27 8.44 -10.53 -6.69
C THR A 27 7.35 -9.59 -7.18
N ALA A 28 6.53 -9.10 -6.25
CA ALA A 28 5.44 -8.19 -6.59
C ALA A 28 5.13 -7.26 -5.42
N CYS A 29 4.60 -6.08 -5.74
CA CYS A 29 4.25 -5.09 -4.73
C CYS A 29 2.74 -5.05 -4.50
N MET A 30 2.34 -4.59 -3.32
CA MET A 30 0.92 -4.50 -2.98
C MET A 30 0.61 -3.16 -2.32
N THR A 31 -0.52 -2.58 -2.69
CA THR A 31 -0.93 -1.30 -2.13
C THR A 31 -2.39 -1.33 -1.69
N THR A 32 -2.68 -0.68 -0.57
CA THR A 32 -4.04 -0.64 -0.03
C THR A 32 -4.57 0.79 0.00
N LEU A 33 -5.59 1.06 -0.81
CA LEU A 33 -6.19 2.38 -0.87
C LEU A 33 -7.36 2.50 0.10
N VAL A 34 -7.29 3.47 1.00
CA VAL A 34 -8.35 3.68 1.97
C VAL A 34 -8.50 5.17 2.30
N THR A 35 -9.75 5.64 2.28
CA THR A 35 -10.03 7.04 2.57
C THR A 35 -9.78 7.36 4.04
N VAL A 36 -9.02 8.42 4.29
CA VAL A 36 -8.72 8.83 5.66
C VAL A 36 -9.98 8.98 6.49
N GLU A 37 -10.05 8.26 7.60
CA GLU A 37 -11.21 8.31 8.48
C GLU A 37 -10.85 8.96 9.82
N ALA A 38 -9.90 9.90 9.77
CA ALA A 38 -9.47 10.59 10.97
C ALA A 38 -10.07 12.00 11.04
N GLU A 39 -11.34 12.07 11.42
CA GLU A 39 -12.03 13.35 11.53
C GLU A 39 -11.14 14.40 12.17
N TYR A 40 -11.42 15.67 11.87
CA TYR A 40 -10.64 16.77 12.43
C TYR A 40 -10.30 16.51 13.89
N PRO A 41 -9.00 16.67 14.23
CA PRO A 41 -7.97 17.07 13.26
C PRO A 41 -7.68 15.97 12.25
N PHE A 42 -7.30 16.36 11.05
CA PHE A 42 -6.98 15.41 9.99
C PHE A 42 -5.89 15.95 9.07
N ASN A 43 -5.39 15.08 8.19
CA ASN A 43 -4.33 15.48 7.26
C ASN A 43 -4.93 16.03 5.97
N GLN A 44 -4.05 16.45 5.06
CA GLN A 44 -4.50 17.01 3.78
C GLN A 44 -4.39 15.97 2.67
N SER A 45 -4.65 14.71 3.02
CA SER A 45 -4.58 13.62 2.06
C SER A 45 -5.03 12.31 2.69
N PRO A 46 -5.42 11.34 1.84
CA PRO A 46 -5.88 10.03 2.29
C PRO A 46 -4.75 9.19 2.87
N VAL A 47 -5.03 7.91 3.13
CA VAL A 47 -4.04 7.00 3.69
C VAL A 47 -4.01 5.68 2.93
N VAL A 48 -2.82 5.11 2.77
CA VAL A 48 -2.66 3.85 2.06
C VAL A 48 -1.49 3.06 2.64
N THR A 49 -1.66 1.75 2.74
CA THR A 49 -0.62 0.87 3.26
C THR A 49 -0.05 -0.03 2.15
N ARG A 50 1.17 0.26 1.74
CA ARG A 50 1.82 -0.52 0.69
C ARG A 50 2.80 -1.52 1.30
N SER A 51 2.69 -2.77 0.86
CA SER A 51 3.56 -3.84 1.37
C SER A 51 3.91 -4.81 0.25
N CYS A 52 5.00 -5.56 0.45
CA CYS A 52 5.45 -6.53 -0.53
C CYS A 52 4.47 -7.71 -0.62
N SER A 53 4.45 -8.36 -1.78
CA SER A 53 3.56 -9.50 -1.99
C SER A 53 4.17 -10.48 -2.98
N SER A 54 3.87 -11.77 -2.80
CA SER A 54 4.38 -12.81 -3.68
C SER A 54 3.29 -13.34 -4.60
N SER A 55 2.30 -12.51 -4.88
CA SER A 55 1.19 -12.89 -5.74
C SER A 55 0.22 -11.73 -5.94
N CYS A 56 0.51 -10.90 -6.93
CA CYS A 56 -0.32 -9.74 -7.23
C CYS A 56 -1.67 -10.17 -7.80
N VAL A 57 -2.75 -9.86 -7.10
CA VAL A 57 -4.09 -10.21 -7.54
C VAL A 57 -5.11 -9.20 -7.06
N ALA A 58 -6.22 -9.08 -7.79
CA ALA A 58 -7.28 -8.15 -7.45
C ALA A 58 -8.37 -8.83 -6.63
N THR A 59 -8.43 -8.51 -5.35
CA THR A 59 -9.42 -9.09 -4.45
C THR A 59 -9.69 -8.20 -3.25
N ASP A 60 -10.92 -7.75 -3.11
CA ASP A 60 -11.29 -6.88 -1.99
C ASP A 60 -12.01 -7.68 -0.91
N PRO A 61 -12.05 -7.12 0.31
CA PRO A 61 -12.70 -7.76 1.46
C PRO A 61 -14.22 -7.80 1.32
N ASP A 62 -14.86 -6.71 1.76
CA ASP A 62 -16.32 -6.62 1.69
C ASP A 62 -16.77 -6.35 0.25
N SER A 63 -15.99 -5.57 -0.48
CA SER A 63 -16.31 -5.24 -1.86
C SER A 63 -17.71 -4.65 -1.97
N ILE A 64 -18.15 -4.00 -0.90
CA ILE A 64 -19.48 -3.39 -0.87
C ILE A 64 -19.48 -2.03 -1.55
N GLY A 65 -18.33 -1.34 -1.48
CA GLY A 65 -18.23 -0.03 -2.10
C GLY A 65 -16.78 0.38 -2.32
N ALA A 66 -15.94 -0.59 -2.64
CA ALA A 66 -14.52 -0.32 -2.89
C ALA A 66 -13.91 0.47 -1.73
N ALA A 67 -14.21 0.04 -0.51
CA ALA A 67 -13.68 0.71 0.68
C ALA A 67 -12.18 0.48 0.82
N HIS A 68 -11.71 -0.65 0.29
CA HIS A 68 -10.29 -0.98 0.35
C HIS A 68 -9.81 -1.59 -0.97
N LEU A 69 -9.21 -0.76 -1.81
CA LEU A 69 -8.71 -1.21 -3.10
C LEU A 69 -7.34 -1.86 -2.95
N ILE A 70 -6.98 -2.70 -3.93
CA ILE A 70 -5.69 -3.38 -3.91
C ILE A 70 -4.92 -3.13 -5.20
N PHE A 71 -3.88 -2.31 -5.11
CA PHE A 71 -3.06 -1.98 -6.27
C PHE A 71 -1.70 -2.69 -6.20
N CYS A 72 -1.53 -3.70 -7.03
CA CYS A 72 -0.28 -4.45 -7.06
C CYS A 72 0.39 -4.36 -8.43
N CYS A 73 1.65 -4.76 -8.50
CA CYS A 73 2.41 -4.72 -9.75
C CYS A 73 3.59 -5.69 -9.70
N PHE A 74 4.40 -5.67 -10.76
CA PHE A 74 5.55 -6.55 -10.83
C PHE A 74 6.79 -5.77 -11.26
N ARG A 75 6.92 -4.55 -10.76
CA ARG A 75 8.05 -3.70 -11.09
C ARG A 75 8.44 -2.83 -9.90
N ASP A 76 9.74 -2.64 -9.69
CA ASP A 76 10.24 -1.83 -8.60
C ASP A 76 9.71 -0.40 -8.69
N LEU A 77 9.05 0.06 -7.62
CA LEU A 77 8.49 1.40 -7.59
C LEU A 77 7.56 1.64 -8.78
N CYS A 78 6.83 0.60 -9.16
CA CYS A 78 5.90 0.70 -10.27
C CYS A 78 5.00 1.93 -10.14
N ASN A 79 4.80 2.37 -8.90
CA ASN A 79 3.96 3.54 -8.64
C ASN A 79 4.59 4.42 -7.57
N SER A 80 3.85 5.42 -7.12
CA SER A 80 4.33 6.35 -6.11
C SER A 80 3.23 7.32 -5.68
N GLU A 81 2.33 6.83 -4.83
CA GLU A 81 1.22 7.65 -4.35
C GLU A 81 0.78 7.20 -2.96
N LEU A 82 0.30 8.15 -2.15
CA LEU A 82 -0.15 7.86 -0.81
C LEU A 82 -1.67 7.79 -0.74
#